data_1F7S
# 
_entry.id   1F7S 
# 
_audit_conform.dict_name       mmcif_pdbx.dic 
_audit_conform.dict_version    5.385 
_audit_conform.dict_location   http://mmcif.pdb.org/dictionaries/ascii/mmcif_pdbx.dic 
# 
loop_
_database_2.database_id 
_database_2.database_code 
_database_2.pdbx_database_accession 
_database_2.pdbx_DOI 
PDB   1F7S         pdb_00001f7s 10.2210/pdb1f7s/pdb 
RCSB  RCSB011347   ?            ?                   
WWPDB D_1000011347 ?            ?                   
# 
loop_
_pdbx_audit_revision_history.ordinal 
_pdbx_audit_revision_history.data_content_type 
_pdbx_audit_revision_history.major_revision 
_pdbx_audit_revision_history.minor_revision 
_pdbx_audit_revision_history.revision_date 
1 'Structure model' 1 0 2000-11-15 
2 'Structure model' 1 1 2008-04-27 
3 'Structure model' 1 2 2011-07-13 
4 'Structure model' 1 3 2017-10-04 
5 'Structure model' 1 4 2024-02-07 
# 
_pdbx_audit_revision_details.ordinal             1 
_pdbx_audit_revision_details.revision_ordinal    1 
_pdbx_audit_revision_details.data_content_type   'Structure model' 
_pdbx_audit_revision_details.provider            repository 
_pdbx_audit_revision_details.type                'Initial release' 
_pdbx_audit_revision_details.description         ? 
_pdbx_audit_revision_details.details             ? 
# 
loop_
_pdbx_audit_revision_group.ordinal 
_pdbx_audit_revision_group.revision_ordinal 
_pdbx_audit_revision_group.data_content_type 
_pdbx_audit_revision_group.group 
1 2 'Structure model' 'Version format compliance' 
2 3 'Structure model' 'Version format compliance' 
3 4 'Structure model' 'Refinement description'    
4 5 'Structure model' 'Data collection'           
5 5 'Structure model' 'Database references'       
6 5 'Structure model' 'Derived calculations'      
# 
loop_
_pdbx_audit_revision_category.ordinal 
_pdbx_audit_revision_category.revision_ordinal 
_pdbx_audit_revision_category.data_content_type 
_pdbx_audit_revision_category.category 
1 4 'Structure model' software           
2 5 'Structure model' chem_comp_atom     
3 5 'Structure model' chem_comp_bond     
4 5 'Structure model' database_2         
5 5 'Structure model' struct_ref_seq_dif 
6 5 'Structure model' struct_site        
# 
loop_
_pdbx_audit_revision_item.ordinal 
_pdbx_audit_revision_item.revision_ordinal 
_pdbx_audit_revision_item.data_content_type 
_pdbx_audit_revision_item.item 
1 5 'Structure model' '_database_2.pdbx_DOI'                
2 5 'Structure model' '_database_2.pdbx_database_accession' 
3 5 'Structure model' '_struct_ref_seq_dif.details'         
4 5 'Structure model' '_struct_site.pdbx_auth_asym_id'      
5 5 'Structure model' '_struct_site.pdbx_auth_comp_id'      
6 5 'Structure model' '_struct_site.pdbx_auth_seq_id'       
# 
_pdbx_database_status.status_code                     REL 
_pdbx_database_status.entry_id                        1F7S 
_pdbx_database_status.recvd_initial_deposition_date   2000-06-27 
_pdbx_database_status.deposit_site                    RCSB 
_pdbx_database_status.process_site                    RCSB 
_pdbx_database_status.status_code_sf                  REL 
_pdbx_database_status.status_code_mr                  ? 
_pdbx_database_status.SG_entry                        ? 
_pdbx_database_status.pdb_format_compatible           Y 
_pdbx_database_status.status_code_cs                  ? 
_pdbx_database_status.methods_development_category    ? 
_pdbx_database_status.status_code_nmr_data            ? 
# 
loop_
_pdbx_database_related.db_name 
_pdbx_database_related.db_id 
_pdbx_database_related.details 
_pdbx_database_related.content_type 
PDB 1cof 
;crystal structure of cofilin 
from Saccharomyces cerevisiae
;
unspecified 
PDB 1ahq 
;crystal structure of actophorin 
from Acanthamoeba castellanii
;
unspecified 
PDB 1cnu 
;crystal structure of phosphorylated actophorin 
from Acanthamoeba polyphaga
;
unspecified 
PDB 1ak6 
;NMR structures of destrin  
from Homo sapien
;
unspecified 
# 
loop_
_audit_author.name 
_audit_author.pdbx_ordinal 
'Bowman, G.D.'   1 
'Nodelman, I.M.' 2 
'Lindberg, U.'   3 
'Chua, N.H.'     4 
'Schutt, C.E.'   5 
# 
_citation.id                        primary 
_citation.title                     'A comparative structural analysis of the ADF/cofilin family.' 
_citation.journal_abbrev            Proteins 
_citation.journal_volume            41 
_citation.page_first                374 
_citation.page_last                 384 
_citation.year                      2000 
_citation.journal_id_ASTM           PSFGEY 
_citation.country                   US 
_citation.journal_id_ISSN           0887-3585 
_citation.journal_id_CSD            0867 
_citation.book_publisher            ? 
_citation.pdbx_database_id_PubMed   11025548 
_citation.pdbx_database_id_DOI      '10.1002/1097-0134(20001115)41:3<374::AID-PROT90>3.0.CO;2-F' 
# 
loop_
_citation_author.citation_id 
_citation_author.name 
_citation_author.ordinal 
_citation_author.identifier_ORCID 
primary 'Bowman, G.D.'   1 ? 
primary 'Nodelman, I.M.' 2 ? 
primary 'Hong, Y.'       3 ? 
primary 'Chua, N.H.'     4 ? 
primary 'Lindberg, U.'   5 ? 
primary 'Schutt, C.E.'   6 ? 
# 
loop_
_entity.id 
_entity.type 
_entity.src_method 
_entity.pdbx_description 
_entity.formula_weight 
_entity.pdbx_number_of_molecules 
_entity.pdbx_ec 
_entity.pdbx_mutation 
_entity.pdbx_fragment 
_entity.details 
1 polymer     man 'ACTIN DEPOLYMERIZING FACTOR (ADF)' 16136.562 1  ? ? 'ACTIN BINDING DOMAIN' ? 
2 non-polymer syn 'LAURYL DIMETHYLAMINE-N-OXIDE'      229.402   1  ? ? ?                      ? 
3 water       nat water                               18.015    89 ? ? ?                      ? 
# 
_entity_keywords.entity_id   1 
_entity_keywords.text        'DISORDERED C-TERMINAL HELIX' 
# 
_entity_poly.entity_id                      1 
_entity_poly.type                           'polypeptide(L)' 
_entity_poly.nstd_linkage                   no 
_entity_poly.nstd_monomer                   no 
_entity_poly.pdbx_seq_one_letter_code       
;MANAASGMAVHDDCKLRFLELKAKRTHRFIVYKIEEKQKQVVVEKVGQPIQTYEEFAACLPADECRYAIYDFDFVTAENC
QKSKIFFIAWCPDIAKVRSKMIYASSKDRFKRELDGIQVELQATDPTEMDLDVFRSRAN
;
_entity_poly.pdbx_seq_one_letter_code_can   
;MANAASGMAVHDDCKLRFLELKAKRTHRFIVYKIEEKQKQVVVEKVGQPIQTYEEFAACLPADECRYAIYDFDFVTAENC
QKSKIFFIAWCPDIAKVRSKMIYASSKDRFKRELDGIQVELQATDPTEMDLDVFRSRAN
;
_entity_poly.pdbx_strand_id                 A 
_entity_poly.pdbx_target_identifier         ? 
# 
loop_
_pdbx_entity_nonpoly.entity_id 
_pdbx_entity_nonpoly.name 
_pdbx_entity_nonpoly.comp_id 
2 'LAURYL DIMETHYLAMINE-N-OXIDE' LDA 
3 water                          HOH 
# 
loop_
_entity_poly_seq.entity_id 
_entity_poly_seq.num 
_entity_poly_seq.mon_id 
_entity_poly_seq.hetero 
1 1   MET n 
1 2   ALA n 
1 3   ASN n 
1 4   ALA n 
1 5   ALA n 
1 6   SER n 
1 7   GLY n 
1 8   MET n 
1 9   ALA n 
1 10  VAL n 
1 11  HIS n 
1 12  ASP n 
1 13  ASP n 
1 14  CYS n 
1 15  LYS n 
1 16  LEU n 
1 17  ARG n 
1 18  PHE n 
1 19  LEU n 
1 20  GLU n 
1 21  LEU n 
1 22  LYS n 
1 23  ALA n 
1 24  LYS n 
1 25  ARG n 
1 26  THR n 
1 27  HIS n 
1 28  ARG n 
1 29  PHE n 
1 30  ILE n 
1 31  VAL n 
1 32  TYR n 
1 33  LYS n 
1 34  ILE n 
1 35  GLU n 
1 36  GLU n 
1 37  LYS n 
1 38  GLN n 
1 39  LYS n 
1 40  GLN n 
1 41  VAL n 
1 42  VAL n 
1 43  VAL n 
1 44  GLU n 
1 45  LYS n 
1 46  VAL n 
1 47  GLY n 
1 48  GLN n 
1 49  PRO n 
1 50  ILE n 
1 51  GLN n 
1 52  THR n 
1 53  TYR n 
1 54  GLU n 
1 55  GLU n 
1 56  PHE n 
1 57  ALA n 
1 58  ALA n 
1 59  CYS n 
1 60  LEU n 
1 61  PRO n 
1 62  ALA n 
1 63  ASP n 
1 64  GLU n 
1 65  CYS n 
1 66  ARG n 
1 67  TYR n 
1 68  ALA n 
1 69  ILE n 
1 70  TYR n 
1 71  ASP n 
1 72  PHE n 
1 73  ASP n 
1 74  PHE n 
1 75  VAL n 
1 76  THR n 
1 77  ALA n 
1 78  GLU n 
1 79  ASN n 
1 80  CYS n 
1 81  GLN n 
1 82  LYS n 
1 83  SER n 
1 84  LYS n 
1 85  ILE n 
1 86  PHE n 
1 87  PHE n 
1 88  ILE n 
1 89  ALA n 
1 90  TRP n 
1 91  CYS n 
1 92  PRO n 
1 93  ASP n 
1 94  ILE n 
1 95  ALA n 
1 96  LYS n 
1 97  VAL n 
1 98  ARG n 
1 99  SER n 
1 100 LYS n 
1 101 MET n 
1 102 ILE n 
1 103 TYR n 
1 104 ALA n 
1 105 SER n 
1 106 SER n 
1 107 LYS n 
1 108 ASP n 
1 109 ARG n 
1 110 PHE n 
1 111 LYS n 
1 112 ARG n 
1 113 GLU n 
1 114 LEU n 
1 115 ASP n 
1 116 GLY n 
1 117 ILE n 
1 118 GLN n 
1 119 VAL n 
1 120 GLU n 
1 121 LEU n 
1 122 GLN n 
1 123 ALA n 
1 124 THR n 
1 125 ASP n 
1 126 PRO n 
1 127 THR n 
1 128 GLU n 
1 129 MET n 
1 130 ASP n 
1 131 LEU n 
1 132 ASP n 
1 133 VAL n 
1 134 PHE n 
1 135 ARG n 
1 136 SER n 
1 137 ARG n 
1 138 ALA n 
1 139 ASN n 
# 
_entity_src_gen.entity_id                          1 
_entity_src_gen.pdbx_src_id                        1 
_entity_src_gen.pdbx_alt_source_flag               sample 
_entity_src_gen.pdbx_seq_type                      ? 
_entity_src_gen.pdbx_beg_seq_num                   ? 
_entity_src_gen.pdbx_end_seq_num                   ? 
_entity_src_gen.gene_src_common_name               'thale cress' 
_entity_src_gen.gene_src_genus                     Arabidopsis 
_entity_src_gen.pdbx_gene_src_gene                 ? 
_entity_src_gen.gene_src_species                   ? 
_entity_src_gen.gene_src_strain                    ? 
_entity_src_gen.gene_src_tissue                    ? 
_entity_src_gen.gene_src_tissue_fraction           ? 
_entity_src_gen.gene_src_details                   ? 
_entity_src_gen.pdbx_gene_src_fragment             ? 
_entity_src_gen.pdbx_gene_src_scientific_name      'Arabidopsis thaliana' 
_entity_src_gen.pdbx_gene_src_ncbi_taxonomy_id     3702 
_entity_src_gen.pdbx_gene_src_variant              ? 
_entity_src_gen.pdbx_gene_src_cell_line            ? 
_entity_src_gen.pdbx_gene_src_atcc                 ? 
_entity_src_gen.pdbx_gene_src_organ                ? 
_entity_src_gen.pdbx_gene_src_organelle            ? 
_entity_src_gen.pdbx_gene_src_cell                 ? 
_entity_src_gen.pdbx_gene_src_cellular_location    ? 
_entity_src_gen.host_org_common_name               ? 
_entity_src_gen.pdbx_host_org_scientific_name      'Escherichia coli' 
_entity_src_gen.pdbx_host_org_ncbi_taxonomy_id     562 
_entity_src_gen.host_org_genus                     Escherichia 
_entity_src_gen.pdbx_host_org_gene                 ? 
_entity_src_gen.pdbx_host_org_organ                ? 
_entity_src_gen.host_org_species                   ? 
_entity_src_gen.pdbx_host_org_tissue               ? 
_entity_src_gen.pdbx_host_org_tissue_fraction      ? 
_entity_src_gen.pdbx_host_org_strain               ? 
_entity_src_gen.pdbx_host_org_variant              ? 
_entity_src_gen.pdbx_host_org_cell_line            ? 
_entity_src_gen.pdbx_host_org_atcc                 ? 
_entity_src_gen.pdbx_host_org_culture_collection   ? 
_entity_src_gen.pdbx_host_org_cell                 ? 
_entity_src_gen.pdbx_host_org_organelle            ? 
_entity_src_gen.pdbx_host_org_cellular_location    ? 
_entity_src_gen.pdbx_host_org_vector_type          PLASMID 
_entity_src_gen.pdbx_host_org_vector               ? 
_entity_src_gen.host_org_details                   ? 
_entity_src_gen.expression_system_id               ? 
_entity_src_gen.plasmid_name                       PET16B 
_entity_src_gen.plasmid_details                    ? 
_entity_src_gen.pdbx_description                   ? 
# 
loop_
_chem_comp.id 
_chem_comp.type 
_chem_comp.mon_nstd_flag 
_chem_comp.name 
_chem_comp.pdbx_synonyms 
_chem_comp.formula 
_chem_comp.formula_weight 
ALA 'L-peptide linking' y ALANINE                        ? 'C3 H7 N O2'     89.093  
ARG 'L-peptide linking' y ARGININE                       ? 'C6 H15 N4 O2 1' 175.209 
ASN 'L-peptide linking' y ASPARAGINE                     ? 'C4 H8 N2 O3'    132.118 
ASP 'L-peptide linking' y 'ASPARTIC ACID'                ? 'C4 H7 N O4'     133.103 
CYS 'L-peptide linking' y CYSTEINE                       ? 'C3 H7 N O2 S'   121.158 
GLN 'L-peptide linking' y GLUTAMINE                      ? 'C5 H10 N2 O3'   146.144 
GLU 'L-peptide linking' y 'GLUTAMIC ACID'                ? 'C5 H9 N O4'     147.129 
GLY 'peptide linking'   y GLYCINE                        ? 'C2 H5 N O2'     75.067  
HIS 'L-peptide linking' y HISTIDINE                      ? 'C6 H10 N3 O2 1' 156.162 
HOH non-polymer         . WATER                          ? 'H2 O'           18.015  
ILE 'L-peptide linking' y ISOLEUCINE                     ? 'C6 H13 N O2'    131.173 
LDA non-polymer         . 'LAURYL DIMETHYLAMINE-N-OXIDE' ? 'C14 H31 N O'    229.402 
LEU 'L-peptide linking' y LEUCINE                        ? 'C6 H13 N O2'    131.173 
LYS 'L-peptide linking' y LYSINE                         ? 'C6 H15 N2 O2 1' 147.195 
MET 'L-peptide linking' y METHIONINE                     ? 'C5 H11 N O2 S'  149.211 
PHE 'L-peptide linking' y PHENYLALANINE                  ? 'C9 H11 N O2'    165.189 
PRO 'L-peptide linking' y PROLINE                        ? 'C5 H9 N O2'     115.130 
SER 'L-peptide linking' y SERINE                         ? 'C3 H7 N O3'     105.093 
THR 'L-peptide linking' y THREONINE                      ? 'C4 H9 N O3'     119.119 
TRP 'L-peptide linking' y TRYPTOPHAN                     ? 'C11 H12 N2 O2'  204.225 
TYR 'L-peptide linking' y TYROSINE                       ? 'C9 H11 N O3'    181.189 
VAL 'L-peptide linking' y VALINE                         ? 'C5 H11 N O2'    117.146 
# 
loop_
_pdbx_poly_seq_scheme.asym_id 
_pdbx_poly_seq_scheme.entity_id 
_pdbx_poly_seq_scheme.seq_id 
_pdbx_poly_seq_scheme.mon_id 
_pdbx_poly_seq_scheme.ndb_seq_num 
_pdbx_poly_seq_scheme.pdb_seq_num 
_pdbx_poly_seq_scheme.auth_seq_num 
_pdbx_poly_seq_scheme.pdb_mon_id 
_pdbx_poly_seq_scheme.auth_mon_id 
_pdbx_poly_seq_scheme.pdb_strand_id 
_pdbx_poly_seq_scheme.pdb_ins_code 
_pdbx_poly_seq_scheme.hetero 
A 1 1   MET 1   1   ?   ?   ?   A . n 
A 1 2   ALA 2   2   ?   ?   ?   A . n 
A 1 3   ASN 3   3   ?   ?   ?   A . n 
A 1 4   ALA 4   4   ?   ?   ?   A . n 
A 1 5   ALA 5   5   5   ALA ALA A . n 
A 1 6   SER 6   6   6   SER SER A . n 
A 1 7   GLY 7   7   7   GLY GLY A . n 
A 1 8   MET 8   8   8   MET MET A . n 
A 1 9   ALA 9   9   9   ALA ALA A . n 
A 1 10  VAL 10  10  10  VAL VAL A . n 
A 1 11  HIS 11  11  11  HIS HIS A . n 
A 1 12  ASP 12  12  12  ASP ASP A . n 
A 1 13  ASP 13  13  13  ASP ASP A . n 
A 1 14  CYS 14  14  14  CYS CYS A . n 
A 1 15  LYS 15  15  15  LYS LYS A . n 
A 1 16  LEU 16  16  16  LEU LEU A . n 
A 1 17  ARG 17  17  17  ARG ARG A . n 
A 1 18  PHE 18  18  18  PHE PHE A . n 
A 1 19  LEU 19  19  19  LEU LEU A . n 
A 1 20  GLU 20  20  20  GLU GLU A . n 
A 1 21  LEU 21  21  21  LEU LEU A . n 
A 1 22  LYS 22  22  22  LYS LYS A . n 
A 1 23  ALA 23  23  23  ALA ALA A . n 
A 1 24  LYS 24  24  24  LYS LYS A . n 
A 1 25  ARG 25  25  25  ARG ARG A . n 
A 1 26  THR 26  26  26  THR THR A . n 
A 1 27  HIS 27  27  27  HIS HIS A . n 
A 1 28  ARG 28  28  28  ARG ARG A . n 
A 1 29  PHE 29  29  29  PHE PHE A . n 
A 1 30  ILE 30  30  30  ILE ILE A . n 
A 1 31  VAL 31  31  31  VAL VAL A . n 
A 1 32  TYR 32  32  32  TYR TYR A . n 
A 1 33  LYS 33  33  33  LYS LYS A . n 
A 1 34  ILE 34  34  34  ILE ILE A . n 
A 1 35  GLU 35  35  35  GLU GLU A . n 
A 1 36  GLU 36  36  36  GLU GLU A . n 
A 1 37  LYS 37  37  37  LYS LYS A . n 
A 1 38  GLN 38  38  38  GLN GLN A . n 
A 1 39  LYS 39  39  39  LYS LYS A . n 
A 1 40  GLN 40  40  40  GLN GLN A . n 
A 1 41  VAL 41  41  41  VAL VAL A . n 
A 1 42  VAL 42  42  42  VAL VAL A . n 
A 1 43  VAL 43  43  43  VAL VAL A . n 
A 1 44  GLU 44  44  44  GLU GLU A . n 
A 1 45  LYS 45  45  45  LYS LYS A . n 
A 1 46  VAL 46  46  46  VAL VAL A . n 
A 1 47  GLY 47  47  47  GLY GLY A . n 
A 1 48  GLN 48  48  48  GLN GLN A . n 
A 1 49  PRO 49  49  49  PRO PRO A . n 
A 1 50  ILE 50  50  50  ILE ILE A . n 
A 1 51  GLN 51  51  51  GLN GLN A . n 
A 1 52  THR 52  52  52  THR THR A . n 
A 1 53  TYR 53  53  53  TYR TYR A . n 
A 1 54  GLU 54  54  54  GLU GLU A . n 
A 1 55  GLU 55  55  55  GLU GLU A . n 
A 1 56  PHE 56  56  56  PHE PHE A . n 
A 1 57  ALA 57  57  57  ALA ALA A . n 
A 1 58  ALA 58  58  58  ALA ALA A . n 
A 1 59  CYS 59  59  59  CYS CYS A . n 
A 1 60  LEU 60  60  60  LEU LEU A . n 
A 1 61  PRO 61  61  61  PRO PRO A . n 
A 1 62  ALA 62  62  62  ALA ALA A . n 
A 1 63  ASP 63  63  63  ASP ASP A . n 
A 1 64  GLU 64  64  64  GLU GLU A . n 
A 1 65  CYS 65  65  65  CYS CYS A . n 
A 1 66  ARG 66  66  66  ARG ARG A . n 
A 1 67  TYR 67  67  67  TYR TYR A . n 
A 1 68  ALA 68  68  68  ALA ALA A . n 
A 1 69  ILE 69  69  69  ILE ILE A . n 
A 1 70  TYR 70  70  70  TYR TYR A . n 
A 1 71  ASP 71  71  71  ASP ASP A . n 
A 1 72  PHE 72  72  72  PHE PHE A . n 
A 1 73  ASP 73  73  73  ASP ASP A . n 
A 1 74  PHE 74  74  74  PHE PHE A . n 
A 1 75  VAL 75  75  75  VAL VAL A . n 
A 1 76  THR 76  76  76  THR THR A . n 
A 1 77  ALA 77  77  77  ALA ALA A . n 
A 1 78  GLU 78  78  78  GLU GLU A . n 
A 1 79  ASN 79  79  79  ASN ASN A . n 
A 1 80  CYS 80  80  80  CYS CYS A . n 
A 1 81  GLN 81  81  81  GLN GLN A . n 
A 1 82  LYS 82  82  82  LYS LYS A . n 
A 1 83  SER 83  83  83  SER SER A . n 
A 1 84  LYS 84  84  84  LYS LYS A . n 
A 1 85  ILE 85  85  85  ILE ILE A . n 
A 1 86  PHE 86  86  86  PHE PHE A . n 
A 1 87  PHE 87  87  87  PHE PHE A . n 
A 1 88  ILE 88  88  88  ILE ILE A . n 
A 1 89  ALA 89  89  89  ALA ALA A . n 
A 1 90  TRP 90  90  90  TRP TRP A . n 
A 1 91  CYS 91  91  91  CYS CYS A . n 
A 1 92  PRO 92  92  92  PRO PRO A . n 
A 1 93  ASP 93  93  93  ASP ASP A . n 
A 1 94  ILE 94  94  94  ILE ILE A . n 
A 1 95  ALA 95  95  95  ALA ALA A . n 
A 1 96  LYS 96  96  96  LYS LYS A . n 
A 1 97  VAL 97  97  97  VAL VAL A . n 
A 1 98  ARG 98  98  98  ARG ARG A . n 
A 1 99  SER 99  99  99  SER SER A . n 
A 1 100 LYS 100 100 100 LYS LYS A . n 
A 1 101 MET 101 101 101 MET MET A . n 
A 1 102 ILE 102 102 102 ILE ILE A . n 
A 1 103 TYR 103 103 103 TYR TYR A . n 
A 1 104 ALA 104 104 104 ALA ALA A . n 
A 1 105 SER 105 105 105 SER SER A . n 
A 1 106 SER 106 106 106 SER SER A . n 
A 1 107 LYS 107 107 107 LYS LYS A . n 
A 1 108 ASP 108 108 108 ASP ASP A . n 
A 1 109 ARG 109 109 109 ARG ARG A . n 
A 1 110 PHE 110 110 110 PHE PHE A . n 
A 1 111 LYS 111 111 111 LYS LYS A . n 
A 1 112 ARG 112 112 112 ARG ARG A . n 
A 1 113 GLU 113 113 113 GLU GLU A . n 
A 1 114 LEU 114 114 114 LEU LEU A . n 
A 1 115 ASP 115 115 115 ASP ASP A . n 
A 1 116 GLY 116 116 116 GLY GLY A . n 
A 1 117 ILE 117 117 117 ILE ILE A . n 
A 1 118 GLN 118 118 118 GLN GLN A . n 
A 1 119 VAL 119 119 119 VAL VAL A . n 
A 1 120 GLU 120 120 120 GLU GLU A . n 
A 1 121 LEU 121 121 121 LEU LEU A . n 
A 1 122 GLN 122 122 122 GLN GLN A . n 
A 1 123 ALA 123 123 123 ALA ALA A . n 
A 1 124 THR 124 124 124 THR THR A . n 
A 1 125 ASP 125 125 125 ASP ASP A . n 
A 1 126 PRO 126 126 126 PRO PRO A . n 
A 1 127 THR 127 127 127 THR THR A . n 
A 1 128 GLU 128 128 128 GLU GLU A . n 
A 1 129 MET 129 129 ?   ?   ?   A . n 
A 1 130 ASP 130 130 ?   ?   ?   A . n 
A 1 131 LEU 131 131 ?   ?   ?   A . n 
A 1 132 ASP 132 132 ?   ?   ?   A . n 
A 1 133 VAL 133 133 ?   ?   ?   A . n 
A 1 134 PHE 134 134 ?   ?   ?   A . n 
A 1 135 ARG 135 135 ?   ?   ?   A . n 
A 1 136 SER 136 136 ?   ?   ?   A . n 
A 1 137 ARG 137 137 ?   ?   ?   A . n 
A 1 138 ALA 138 138 ?   ?   ?   A . n 
A 1 139 ASN 139 139 ?   ?   ?   A . n 
# 
loop_
_pdbx_nonpoly_scheme.asym_id 
_pdbx_nonpoly_scheme.entity_id 
_pdbx_nonpoly_scheme.mon_id 
_pdbx_nonpoly_scheme.ndb_seq_num 
_pdbx_nonpoly_scheme.pdb_seq_num 
_pdbx_nonpoly_scheme.auth_seq_num 
_pdbx_nonpoly_scheme.pdb_mon_id 
_pdbx_nonpoly_scheme.auth_mon_id 
_pdbx_nonpoly_scheme.pdb_strand_id 
_pdbx_nonpoly_scheme.pdb_ins_code 
B 2 LDA 1  900 900 LDA LDA A . 
C 3 HOH 1  201 201 HOH HOH A . 
C 3 HOH 2  202 202 HOH HOH A . 
C 3 HOH 3  203 203 HOH HOH A . 
C 3 HOH 4  204 204 HOH HOH A . 
C 3 HOH 5  205 205 HOH HOH A . 
C 3 HOH 6  206 206 HOH HOH A . 
C 3 HOH 7  207 207 HOH HOH A . 
C 3 HOH 8  208 208 HOH HOH A . 
C 3 HOH 9  209 209 HOH HOH A . 
C 3 HOH 10 210 210 HOH HOH A . 
C 3 HOH 11 211 211 HOH HOH A . 
C 3 HOH 12 212 212 HOH HOH A . 
C 3 HOH 13 213 213 HOH HOH A . 
C 3 HOH 14 214 214 HOH HOH A . 
C 3 HOH 15 215 215 HOH HOH A . 
C 3 HOH 16 216 216 HOH HOH A . 
C 3 HOH 17 217 217 HOH HOH A . 
C 3 HOH 18 218 218 HOH HOH A . 
C 3 HOH 19 219 219 HOH HOH A . 
C 3 HOH 20 220 220 HOH HOH A . 
C 3 HOH 21 221 221 HOH HOH A . 
C 3 HOH 22 222 222 HOH HOH A . 
C 3 HOH 23 223 223 HOH HOH A . 
C 3 HOH 24 224 224 HOH HOH A . 
C 3 HOH 25 225 225 HOH HOH A . 
C 3 HOH 26 226 226 HOH HOH A . 
C 3 HOH 27 227 227 HOH HOH A . 
C 3 HOH 28 228 228 HOH HOH A . 
C 3 HOH 29 229 229 HOH HOH A . 
C 3 HOH 30 230 230 HOH HOH A . 
C 3 HOH 31 231 231 HOH HOH A . 
C 3 HOH 32 232 232 HOH HOH A . 
C 3 HOH 33 233 233 HOH HOH A . 
C 3 HOH 34 234 234 HOH HOH A . 
C 3 HOH 35 236 236 HOH HOH A . 
C 3 HOH 36 237 237 HOH HOH A . 
C 3 HOH 37 238 238 HOH HOH A . 
C 3 HOH 38 239 239 HOH HOH A . 
C 3 HOH 39 242 242 HOH HOH A . 
C 3 HOH 40 243 243 HOH HOH A . 
C 3 HOH 41 244 244 HOH HOH A . 
C 3 HOH 42 245 245 HOH HOH A . 
C 3 HOH 43 246 246 HOH HOH A . 
C 3 HOH 44 247 247 HOH HOH A . 
C 3 HOH 45 248 248 HOH HOH A . 
C 3 HOH 46 249 249 HOH HOH A . 
C 3 HOH 47 250 250 HOH HOH A . 
C 3 HOH 48 251 251 HOH HOH A . 
C 3 HOH 49 252 252 HOH HOH A . 
C 3 HOH 50 254 254 HOH HOH A . 
C 3 HOH 51 255 255 HOH HOH A . 
C 3 HOH 52 256 256 HOH HOH A . 
C 3 HOH 53 257 257 HOH HOH A . 
C 3 HOH 54 259 259 HOH HOH A . 
C 3 HOH 55 260 260 HOH HOH A . 
C 3 HOH 56 261 261 HOH HOH A . 
C 3 HOH 57 262 262 HOH HOH A . 
C 3 HOH 58 263 263 HOH HOH A . 
C 3 HOH 59 264 264 HOH HOH A . 
C 3 HOH 60 265 265 HOH HOH A . 
C 3 HOH 61 266 266 HOH HOH A . 
C 3 HOH 62 267 267 HOH HOH A . 
C 3 HOH 63 268 268 HOH HOH A . 
C 3 HOH 64 269 269 HOH HOH A . 
C 3 HOH 65 270 270 HOH HOH A . 
C 3 HOH 66 271 271 HOH HOH A . 
C 3 HOH 67 272 272 HOH HOH A . 
C 3 HOH 68 274 274 HOH HOH A . 
C 3 HOH 69 275 275 HOH HOH A . 
C 3 HOH 70 276 276 HOH HOH A . 
C 3 HOH 71 277 277 HOH HOH A . 
C 3 HOH 72 278 278 HOH HOH A . 
C 3 HOH 73 279 279 HOH HOH A . 
C 3 HOH 74 280 280 HOH HOH A . 
C 3 HOH 75 283 283 HOH HOH A . 
C 3 HOH 76 284 284 HOH HOH A . 
C 3 HOH 77 285 285 HOH HOH A . 
C 3 HOH 78 286 286 HOH HOH A . 
C 3 HOH 79 287 287 HOH HOH A . 
C 3 HOH 80 289 289 HOH HOH A . 
C 3 HOH 81 290 290 HOH HOH A . 
C 3 HOH 82 291 291 HOH HOH A . 
C 3 HOH 83 292 292 HOH HOH A . 
C 3 HOH 84 293 293 HOH HOH A . 
C 3 HOH 85 294 294 HOH HOH A . 
C 3 HOH 86 295 295 HOH HOH A . 
C 3 HOH 87 296 296 HOH HOH A . 
C 3 HOH 88 297 297 HOH HOH A . 
C 3 HOH 89 298 298 HOH HOH A . 
# 
loop_
_software.name 
_software.classification 
_software.version 
_software.citation_id 
_software.pdbx_ordinal 
AMoRE     phasing        . ? 1 
CNS       refinement     . ? 2 
SCALEPACK 'data scaling' . ? 3 
# 
_cell.entry_id           1F7S 
_cell.length_a           55.873 
_cell.length_b           71.308 
_cell.length_c           63.756 
_cell.angle_alpha        90.00 
_cell.angle_beta         90.00 
_cell.angle_gamma        90.00 
_cell.Z_PDB              8 
_cell.pdbx_unique_axis   ? 
# 
_symmetry.entry_id                         1F7S 
_symmetry.space_group_name_H-M             'C 2 2 21' 
_symmetry.pdbx_full_space_group_name_H-M   ? 
_symmetry.cell_setting                     ? 
_symmetry.Int_Tables_number                20 
# 
_exptl.entry_id          1F7S 
_exptl.method            'X-RAY DIFFRACTION' 
_exptl.crystals_number   1 
# 
_exptl_crystal.id                    1 
_exptl_crystal.density_meas          ? 
_exptl_crystal.density_percent_sol   37.47 
_exptl_crystal.density_Matthews      1.97 
_exptl_crystal.description           ? 
# 
_exptl_crystal_grow.crystal_id      1 
_exptl_crystal_grow.method          'VAPOR DIFFUSION, HANGING DROP' 
_exptl_crystal_grow.pH              5.8 
_exptl_crystal_grow.temp            277 
_exptl_crystal_grow.temp_details    ? 
_exptl_crystal_grow.pdbx_details    
'Ammonium sulfate, sodium citrate, LDAO, pH 5.8, VAPOR DIFFUSION, HANGING DROP, temperature 277K' 
_exptl_crystal_grow.pdbx_pH_range   . 
# 
_diffrn.id                     1 
_diffrn.ambient_temp           100 
_diffrn.ambient_temp_details   ? 
_diffrn.crystal_id             1 
# 
_diffrn_detector.diffrn_id              1 
_diffrn_detector.detector               'IMAGE PLATE' 
_diffrn_detector.type                   'RIGAKU RAXIS IIC' 
_diffrn_detector.pdbx_collection_date   1997-12-01 
_diffrn_detector.details                ? 
# 
_diffrn_radiation.diffrn_id                        1 
_diffrn_radiation.wavelength_id                    1 
_diffrn_radiation.monochromator                    ? 
_diffrn_radiation.pdbx_monochromatic_or_laue_m_l   M 
_diffrn_radiation.pdbx_diffrn_protocol             'SINGLE WAVELENGTH' 
_diffrn_radiation.pdbx_scattering_type             x-ray 
# 
_diffrn_radiation_wavelength.id           1 
_diffrn_radiation_wavelength.wavelength   1.54 
_diffrn_radiation_wavelength.wt           1.0 
# 
_diffrn_source.diffrn_id                   1 
_diffrn_source.source                      'ROTATING ANODE' 
_diffrn_source.type                        'RIGAKU RUH2R' 
_diffrn_source.pdbx_wavelength             1.54 
_diffrn_source.pdbx_synchrotron_site       ? 
_diffrn_source.pdbx_synchrotron_beamline   ? 
_diffrn_source.pdbx_wavelength_list        ? 
# 
_reflns.entry_id                     1F7S 
_reflns.observed_criterion_sigma_I   1.0 
_reflns.observed_criterion_sigma_F   1.0 
_reflns.d_resolution_low             25.8 
_reflns.d_resolution_high            2.0 
_reflns.number_obs                   8926 
_reflns.number_all                   60228 
_reflns.percent_possible_obs         98.9 
_reflns.pdbx_Rmerge_I_obs            0.0450000 
_reflns.pdbx_Rsym_value              ? 
_reflns.pdbx_netI_over_sigmaI        15.6 
_reflns.B_iso_Wilson_estimate        26.3 
_reflns.pdbx_redundancy              2.7 
_reflns.R_free_details               ? 
_reflns.limit_h_max                  ? 
_reflns.limit_h_min                  ? 
_reflns.limit_k_max                  ? 
_reflns.limit_k_min                  ? 
_reflns.limit_l_max                  ? 
_reflns.limit_l_min                  ? 
_reflns.observed_criterion_F_max     ? 
_reflns.observed_criterion_F_min     ? 
_reflns.pdbx_diffrn_id               1 
_reflns.pdbx_ordinal                 1 
# 
_reflns_shell.d_res_high             2.00 
_reflns_shell.d_res_low              2.07 
_reflns_shell.percent_possible_obs   ? 
_reflns_shell.percent_possible_all   98.4 
_reflns_shell.Rmerge_I_obs           0.1350000 
_reflns_shell.meanI_over_sigI_obs    ? 
_reflns_shell.pdbx_Rsym_value        ? 
_reflns_shell.pdbx_redundancy        2.5 
_reflns_shell.number_unique_all      ? 
_reflns_shell.pdbx_diffrn_id         ? 
_reflns_shell.pdbx_ordinal           1 
# 
_refine.entry_id                                 1F7S 
_refine.ls_number_reflns_obs                     8836 
_refine.ls_number_reflns_all                     8836 
_refine.pdbx_ls_sigma_I                          1.0 
_refine.pdbx_ls_sigma_F                          1.0 
_refine.pdbx_data_cutoff_high_absF               ? 
_refine.pdbx_data_cutoff_low_absF                ? 
_refine.ls_d_res_low                             26 
_refine.ls_d_res_high                            2.0 
_refine.ls_percent_reflns_obs                    ? 
_refine.ls_R_factor_obs                          0.2140000 
_refine.ls_R_factor_all                          0.2140000 
_refine.ls_R_factor_R_work                       0.2100000 
_refine.ls_R_factor_R_free                       0.2480000 
_refine.ls_R_factor_R_free_error                 ? 
_refine.ls_R_factor_R_free_error_details         ? 
_refine.ls_percent_reflns_R_free                 ? 
_refine.ls_number_reflns_R_free                  887 
_refine.ls_number_parameters                     ? 
_refine.ls_number_restraints                     ? 
_refine.occupancy_min                            ? 
_refine.occupancy_max                            ? 
_refine.B_iso_mean                               ? 
_refine.aniso_B[1][1]                            ? 
_refine.aniso_B[2][2]                            ? 
_refine.aniso_B[3][3]                            ? 
_refine.aniso_B[1][2]                            ? 
_refine.aniso_B[1][3]                            ? 
_refine.aniso_B[2][3]                            ? 
_refine.solvent_model_details                    ? 
_refine.solvent_model_param_ksol                 ? 
_refine.solvent_model_param_bsol                 ? 
_refine.pdbx_ls_cross_valid_method               ? 
_refine.details                                  ? 
_refine.pdbx_starting_model                      ? 
_refine.pdbx_method_to_determine_struct          ? 
_refine.pdbx_isotropic_thermal_model             ? 
_refine.pdbx_stereochemistry_target_values       'Engh & Huber' 
_refine.pdbx_stereochem_target_val_spec_case     ? 
_refine.pdbx_R_Free_selection_details            RANDOM 
_refine.pdbx_overall_ESU_R_Free                  ? 
_refine.overall_SU_B                             ? 
_refine.ls_redundancy_reflns_obs                 ? 
_refine.B_iso_min                                ? 
_refine.B_iso_max                                ? 
_refine.overall_SU_ML                            ? 
_refine.pdbx_overall_ESU_R                       ? 
_refine.pdbx_data_cutoff_high_rms_absF           ? 
_refine.pdbx_refine_id                           'X-RAY DIFFRACTION' 
_refine.pdbx_diffrn_id                           1 
_refine.pdbx_TLS_residual_ADP_flag               ? 
_refine.correlation_coeff_Fo_to_Fc               ? 
_refine.correlation_coeff_Fo_to_Fc_free          ? 
_refine.pdbx_solvent_vdw_probe_radii             ? 
_refine.pdbx_solvent_ion_probe_radii             ? 
_refine.pdbx_solvent_shrinkage_radii             ? 
_refine.pdbx_overall_phase_error                 ? 
_refine.overall_SU_R_Cruickshank_DPI             ? 
_refine.pdbx_overall_SU_R_free_Cruickshank_DPI   ? 
_refine.pdbx_overall_SU_R_Blow_DPI               ? 
_refine.pdbx_overall_SU_R_free_Blow_DPI          ? 
# 
_refine_hist.pdbx_refine_id                   'X-RAY DIFFRACTION' 
_refine_hist.cycle_id                         LAST 
_refine_hist.pdbx_number_atoms_protein        981 
_refine_hist.pdbx_number_atoms_nucleic_acid   0 
_refine_hist.pdbx_number_atoms_ligand         16 
_refine_hist.number_atoms_solvent             89 
_refine_hist.number_atoms_total               1086 
_refine_hist.d_res_high                       2.0 
_refine_hist.d_res_low                        26 
# 
loop_
_refine_ls_restr.type 
_refine_ls_restr.dev_ideal 
_refine_ls_restr.dev_ideal_target 
_refine_ls_restr.weight 
_refine_ls_restr.number 
_refine_ls_restr.pdbx_refine_id 
_refine_ls_restr.pdbx_restraint_function 
c_bond_d           0.005 ? ? ? 'X-RAY DIFFRACTION' ? 
c_angle_deg        1.2   ? ? ? 'X-RAY DIFFRACTION' ? 
c_torsion_impr_deg 0.62  ? ? ? 'X-RAY DIFFRACTION' ? 
# 
_struct.entry_id                  1F7S 
_struct.title                     'CRYSTAL STRUCTURE OF ADF1 FROM ARABIDOPSIS THALIANA' 
_struct.pdbx_model_details        ? 
_struct.pdbx_CASP_flag            ? 
_struct.pdbx_model_type_details   ? 
# 
_struct_keywords.entry_id        1F7S 
_struct_keywords.pdbx_keywords   'PLANT PROTEIN' 
_struct_keywords.text            'KINK IN ALPHA-HELIX 3, PLANT PROTEIN' 
# 
loop_
_struct_asym.id 
_struct_asym.pdbx_blank_PDB_chainid_flag 
_struct_asym.pdbx_modified 
_struct_asym.entity_id 
_struct_asym.details 
A N N 1 ? 
B N N 2 ? 
C N N 3 ? 
# 
_struct_ref.id                         1 
_struct_ref.db_code                    ADF1_ARATH 
_struct_ref.db_name                    UNP 
_struct_ref.entity_id                  1 
_struct_ref.pdbx_db_accession          Q39250 
_struct_ref.pdbx_align_begin           ? 
_struct_ref.pdbx_seq_one_letter_code   ? 
_struct_ref.pdbx_db_isoform            ? 
# 
_struct_ref_seq.align_id                      1 
_struct_ref_seq.ref_id                        1 
_struct_ref_seq.pdbx_PDB_id_code              1F7S 
_struct_ref_seq.pdbx_strand_id                A 
_struct_ref_seq.seq_align_beg                 1 
_struct_ref_seq.pdbx_seq_align_beg_ins_code   ? 
_struct_ref_seq.seq_align_end                 139 
_struct_ref_seq.pdbx_seq_align_end_ins_code   ? 
_struct_ref_seq.pdbx_db_accession             Q39250 
_struct_ref_seq.db_align_beg                  1 
_struct_ref_seq.pdbx_db_align_beg_ins_code    ? 
_struct_ref_seq.db_align_end                  139 
_struct_ref_seq.pdbx_db_align_end_ins_code    ? 
_struct_ref_seq.pdbx_auth_seq_align_beg       1 
_struct_ref_seq.pdbx_auth_seq_align_end       139 
# 
loop_
_struct_ref_seq_dif.align_id 
_struct_ref_seq_dif.pdbx_pdb_id_code 
_struct_ref_seq_dif.mon_id 
_struct_ref_seq_dif.pdbx_pdb_strand_id 
_struct_ref_seq_dif.seq_num 
_struct_ref_seq_dif.pdbx_pdb_ins_code 
_struct_ref_seq_dif.pdbx_seq_db_name 
_struct_ref_seq_dif.pdbx_seq_db_accession_code 
_struct_ref_seq_dif.db_mon_id 
_struct_ref_seq_dif.pdbx_seq_db_seq_num 
_struct_ref_seq_dif.details 
_struct_ref_seq_dif.pdbx_auth_seq_num 
_struct_ref_seq_dif.pdbx_ordinal 
1 1F7S LYS A 15 ? UNP Q39250 LYS 15 conflict 15 1 
1 1F7S LYS A 24 ? UNP Q39250 LYS 24 conflict 24 2 
1 1F7S LYS A 37 ? UNP Q39250 LYS 37 conflict 37 3 
# 
_pdbx_struct_assembly.id                   1 
_pdbx_struct_assembly.details              author_defined_assembly 
_pdbx_struct_assembly.method_details       ? 
_pdbx_struct_assembly.oligomeric_details   monomeric 
_pdbx_struct_assembly.oligomeric_count     1 
# 
_pdbx_struct_assembly_gen.assembly_id       1 
_pdbx_struct_assembly_gen.oper_expression   1 
_pdbx_struct_assembly_gen.asym_id_list      A,B,C 
# 
_pdbx_struct_oper_list.id                   1 
_pdbx_struct_oper_list.type                 'identity operation' 
_pdbx_struct_oper_list.name                 1_555 
_pdbx_struct_oper_list.symmetry_operation   x,y,z 
_pdbx_struct_oper_list.matrix[1][1]         1.0000000000 
_pdbx_struct_oper_list.matrix[1][2]         0.0000000000 
_pdbx_struct_oper_list.matrix[1][3]         0.0000000000 
_pdbx_struct_oper_list.vector[1]            0.0000000000 
_pdbx_struct_oper_list.matrix[2][1]         0.0000000000 
_pdbx_struct_oper_list.matrix[2][2]         1.0000000000 
_pdbx_struct_oper_list.matrix[2][3]         0.0000000000 
_pdbx_struct_oper_list.vector[2]            0.0000000000 
_pdbx_struct_oper_list.matrix[3][1]         0.0000000000 
_pdbx_struct_oper_list.matrix[3][2]         0.0000000000 
_pdbx_struct_oper_list.matrix[3][3]         1.0000000000 
_pdbx_struct_oper_list.vector[3]            0.0000000000 
# 
loop_
_struct_conf.conf_type_id 
_struct_conf.id 
_struct_conf.pdbx_PDB_helix_id 
_struct_conf.beg_label_comp_id 
_struct_conf.beg_label_asym_id 
_struct_conf.beg_label_seq_id 
_struct_conf.pdbx_beg_PDB_ins_code 
_struct_conf.end_label_comp_id 
_struct_conf.end_label_asym_id 
_struct_conf.end_label_seq_id 
_struct_conf.pdbx_end_PDB_ins_code 
_struct_conf.beg_auth_comp_id 
_struct_conf.beg_auth_asym_id 
_struct_conf.beg_auth_seq_id 
_struct_conf.end_auth_comp_id 
_struct_conf.end_auth_asym_id 
_struct_conf.end_auth_seq_id 
_struct_conf.pdbx_PDB_helix_class 
_struct_conf.details 
_struct_conf.pdbx_PDB_helix_length 
HELX_P HELX_P1 1 HIS A 11 ? ARG A 25  ? HIS A 11 ARG A 25  1 ? 15 
HELX_P HELX_P2 2 THR A 52 ? ALA A 58  ? THR A 52 ALA A 58  1 ? 7  
HELX_P HELX_P3 3 LYS A 96 ? ARG A 112 ? LYS A 96 ARG A 112 1 ? 17 
# 
_struct_conf_type.id          HELX_P 
_struct_conf_type.criteria    ? 
_struct_conf_type.reference   ? 
# 
_struct_sheet.id               A 
_struct_sheet.type             ? 
_struct_sheet.number_strands   6 
_struct_sheet.details          ? 
# 
loop_
_struct_sheet_order.sheet_id 
_struct_sheet_order.range_id_1 
_struct_sheet_order.range_id_2 
_struct_sheet_order.offset 
_struct_sheet_order.sense 
A 1 2 ? parallel      
A 2 3 ? anti-parallel 
A 3 4 ? anti-parallel 
A 4 5 ? anti-parallel 
A 5 6 ? parallel      
# 
loop_
_struct_sheet_range.sheet_id 
_struct_sheet_range.id 
_struct_sheet_range.beg_label_comp_id 
_struct_sheet_range.beg_label_asym_id 
_struct_sheet_range.beg_label_seq_id 
_struct_sheet_range.pdbx_beg_PDB_ins_code 
_struct_sheet_range.end_label_comp_id 
_struct_sheet_range.end_label_asym_id 
_struct_sheet_range.end_label_seq_id 
_struct_sheet_range.pdbx_end_PDB_ins_code 
_struct_sheet_range.beg_auth_comp_id 
_struct_sheet_range.beg_auth_asym_id 
_struct_sheet_range.beg_auth_seq_id 
_struct_sheet_range.end_auth_comp_id 
_struct_sheet_range.end_auth_asym_id 
_struct_sheet_range.end_auth_seq_id 
A 1 ALA A 9   ? VAL A 10  ? ALA A 9   VAL A 10  
A 2 GLN A 40  ? VAL A 46  ? GLN A 40  VAL A 46  
A 3 PHE A 29  ? GLU A 35  ? PHE A 29  GLU A 35  
A 4 ARG A 66  ? VAL A 75  ? ARG A 66  VAL A 75  
A 5 GLN A 81  ? TRP A 90  ? GLN A 81  TRP A 90  
A 6 VAL A 119 ? ALA A 123 ? VAL A 119 ALA A 123 
# 
loop_
_pdbx_struct_sheet_hbond.sheet_id 
_pdbx_struct_sheet_hbond.range_id_1 
_pdbx_struct_sheet_hbond.range_id_2 
_pdbx_struct_sheet_hbond.range_1_label_atom_id 
_pdbx_struct_sheet_hbond.range_1_label_comp_id 
_pdbx_struct_sheet_hbond.range_1_label_asym_id 
_pdbx_struct_sheet_hbond.range_1_label_seq_id 
_pdbx_struct_sheet_hbond.range_1_PDB_ins_code 
_pdbx_struct_sheet_hbond.range_1_auth_atom_id 
_pdbx_struct_sheet_hbond.range_1_auth_comp_id 
_pdbx_struct_sheet_hbond.range_1_auth_asym_id 
_pdbx_struct_sheet_hbond.range_1_auth_seq_id 
_pdbx_struct_sheet_hbond.range_2_label_atom_id 
_pdbx_struct_sheet_hbond.range_2_label_comp_id 
_pdbx_struct_sheet_hbond.range_2_label_asym_id 
_pdbx_struct_sheet_hbond.range_2_label_seq_id 
_pdbx_struct_sheet_hbond.range_2_PDB_ins_code 
_pdbx_struct_sheet_hbond.range_2_auth_atom_id 
_pdbx_struct_sheet_hbond.range_2_auth_comp_id 
_pdbx_struct_sheet_hbond.range_2_auth_asym_id 
_pdbx_struct_sheet_hbond.range_2_auth_seq_id 
A 1 2 O ALA A 9  ? O ALA A 9  N VAL A 41  ? N VAL A 41  
A 2 3 O LYS A 45 ? O LYS A 45 N VAL A 31  ? N VAL A 31  
A 3 4 N TYR A 32 ? N TYR A 32 O TYR A 67  ? O TYR A 67  
A 4 5 N PHE A 74 ? N PHE A 74 O LYS A 82  ? O LYS A 82  
A 5 6 N PHE A 87 ? N PHE A 87 O VAL A 119 ? O VAL A 119 
# 
_struct_site.id                   AC1 
_struct_site.pdbx_evidence_code   Software 
_struct_site.pdbx_auth_asym_id    A 
_struct_site.pdbx_auth_comp_id    LDA 
_struct_site.pdbx_auth_seq_id     900 
_struct_site.pdbx_auth_ins_code   ? 
_struct_site.pdbx_num_residues    6 
_struct_site.details              'BINDING SITE FOR RESIDUE LDA A 900' 
# 
loop_
_struct_site_gen.id 
_struct_site_gen.site_id 
_struct_site_gen.pdbx_num_res 
_struct_site_gen.label_comp_id 
_struct_site_gen.label_asym_id 
_struct_site_gen.label_seq_id 
_struct_site_gen.pdbx_auth_ins_code 
_struct_site_gen.auth_comp_id 
_struct_site_gen.auth_asym_id 
_struct_site_gen.auth_seq_id 
_struct_site_gen.label_atom_id 
_struct_site_gen.label_alt_id 
_struct_site_gen.symmetry 
_struct_site_gen.details 
1 AC1 6 TYR A 53  ? TYR A 53  . ? 1_555 ? 
2 AC1 6 LEU A 60  ? LEU A 60  . ? 1_555 ? 
3 AC1 6 ALA A 62  ? ALA A 62  . ? 1_555 ? 
4 AC1 6 TYR A 70  ? TYR A 70  . ? 1_555 ? 
5 AC1 6 PHE A 72  ? PHE A 72  . ? 1_555 ? 
6 AC1 6 ASP A 125 ? ASP A 125 . ? 1_555 ? 
# 
_pdbx_validate_torsion.id              1 
_pdbx_validate_torsion.PDB_model_num   1 
_pdbx_validate_torsion.auth_comp_id    LEU 
_pdbx_validate_torsion.auth_asym_id    A 
_pdbx_validate_torsion.auth_seq_id     114 
_pdbx_validate_torsion.PDB_ins_code    ? 
_pdbx_validate_torsion.label_alt_id    ? 
_pdbx_validate_torsion.phi             -111.16 
_pdbx_validate_torsion.psi             73.46 
# 
loop_
_pdbx_unobs_or_zero_occ_residues.id 
_pdbx_unobs_or_zero_occ_residues.PDB_model_num 
_pdbx_unobs_or_zero_occ_residues.polymer_flag 
_pdbx_unobs_or_zero_occ_residues.occupancy_flag 
_pdbx_unobs_or_zero_occ_residues.auth_asym_id 
_pdbx_unobs_or_zero_occ_residues.auth_comp_id 
_pdbx_unobs_or_zero_occ_residues.auth_seq_id 
_pdbx_unobs_or_zero_occ_residues.PDB_ins_code 
_pdbx_unobs_or_zero_occ_residues.label_asym_id 
_pdbx_unobs_or_zero_occ_residues.label_comp_id 
_pdbx_unobs_or_zero_occ_residues.label_seq_id 
1  1 Y 1 A MET 1   ? A MET 1   
2  1 Y 1 A ALA 2   ? A ALA 2   
3  1 Y 1 A ASN 3   ? A ASN 3   
4  1 Y 1 A ALA 4   ? A ALA 4   
5  1 Y 1 A MET 129 ? A MET 129 
6  1 Y 1 A ASP 130 ? A ASP 130 
7  1 Y 1 A LEU 131 ? A LEU 131 
8  1 Y 1 A ASP 132 ? A ASP 132 
9  1 Y 1 A VAL 133 ? A VAL 133 
10 1 Y 1 A PHE 134 ? A PHE 134 
11 1 Y 1 A ARG 135 ? A ARG 135 
12 1 Y 1 A SER 136 ? A SER 136 
13 1 Y 1 A ARG 137 ? A ARG 137 
14 1 Y 1 A ALA 138 ? A ALA 138 
15 1 Y 1 A ASN 139 ? A ASN 139 
# 
loop_
_chem_comp_atom.comp_id 
_chem_comp_atom.atom_id 
_chem_comp_atom.type_symbol 
_chem_comp_atom.pdbx_aromatic_flag 
_chem_comp_atom.pdbx_stereo_config 
_chem_comp_atom.pdbx_ordinal 
ALA N    N N N 1   
ALA CA   C N S 2   
ALA C    C N N 3   
ALA O    O N N 4   
ALA CB   C N N 5   
ALA OXT  O N N 6   
ALA H    H N N 7   
ALA H2   H N N 8   
ALA HA   H N N 9   
ALA HB1  H N N 10  
ALA HB2  H N N 11  
ALA HB3  H N N 12  
ALA HXT  H N N 13  
ARG N    N N N 14  
ARG CA   C N S 15  
ARG C    C N N 16  
ARG O    O N N 17  
ARG CB   C N N 18  
ARG CG   C N N 19  
ARG CD   C N N 20  
ARG NE   N N N 21  
ARG CZ   C N N 22  
ARG NH1  N N N 23  
ARG NH2  N N N 24  
ARG OXT  O N N 25  
ARG H    H N N 26  
ARG H2   H N N 27  
ARG HA   H N N 28  
ARG HB2  H N N 29  
ARG HB3  H N N 30  
ARG HG2  H N N 31  
ARG HG3  H N N 32  
ARG HD2  H N N 33  
ARG HD3  H N N 34  
ARG HE   H N N 35  
ARG HH11 H N N 36  
ARG HH12 H N N 37  
ARG HH21 H N N 38  
ARG HH22 H N N 39  
ARG HXT  H N N 40  
ASN N    N N N 41  
ASN CA   C N S 42  
ASN C    C N N 43  
ASN O    O N N 44  
ASN CB   C N N 45  
ASN CG   C N N 46  
ASN OD1  O N N 47  
ASN ND2  N N N 48  
ASN OXT  O N N 49  
ASN H    H N N 50  
ASN H2   H N N 51  
ASN HA   H N N 52  
ASN HB2  H N N 53  
ASN HB3  H N N 54  
ASN HD21 H N N 55  
ASN HD22 H N N 56  
ASN HXT  H N N 57  
ASP N    N N N 58  
ASP CA   C N S 59  
ASP C    C N N 60  
ASP O    O N N 61  
ASP CB   C N N 62  
ASP CG   C N N 63  
ASP OD1  O N N 64  
ASP OD2  O N N 65  
ASP OXT  O N N 66  
ASP H    H N N 67  
ASP H2   H N N 68  
ASP HA   H N N 69  
ASP HB2  H N N 70  
ASP HB3  H N N 71  
ASP HD2  H N N 72  
ASP HXT  H N N 73  
CYS N    N N N 74  
CYS CA   C N R 75  
CYS C    C N N 76  
CYS O    O N N 77  
CYS CB   C N N 78  
CYS SG   S N N 79  
CYS OXT  O N N 80  
CYS H    H N N 81  
CYS H2   H N N 82  
CYS HA   H N N 83  
CYS HB2  H N N 84  
CYS HB3  H N N 85  
CYS HG   H N N 86  
CYS HXT  H N N 87  
GLN N    N N N 88  
GLN CA   C N S 89  
GLN C    C N N 90  
GLN O    O N N 91  
GLN CB   C N N 92  
GLN CG   C N N 93  
GLN CD   C N N 94  
GLN OE1  O N N 95  
GLN NE2  N N N 96  
GLN OXT  O N N 97  
GLN H    H N N 98  
GLN H2   H N N 99  
GLN HA   H N N 100 
GLN HB2  H N N 101 
GLN HB3  H N N 102 
GLN HG2  H N N 103 
GLN HG3  H N N 104 
GLN HE21 H N N 105 
GLN HE22 H N N 106 
GLN HXT  H N N 107 
GLU N    N N N 108 
GLU CA   C N S 109 
GLU C    C N N 110 
GLU O    O N N 111 
GLU CB   C N N 112 
GLU CG   C N N 113 
GLU CD   C N N 114 
GLU OE1  O N N 115 
GLU OE2  O N N 116 
GLU OXT  O N N 117 
GLU H    H N N 118 
GLU H2   H N N 119 
GLU HA   H N N 120 
GLU HB2  H N N 121 
GLU HB3  H N N 122 
GLU HG2  H N N 123 
GLU HG3  H N N 124 
GLU HE2  H N N 125 
GLU HXT  H N N 126 
GLY N    N N N 127 
GLY CA   C N N 128 
GLY C    C N N 129 
GLY O    O N N 130 
GLY OXT  O N N 131 
GLY H    H N N 132 
GLY H2   H N N 133 
GLY HA2  H N N 134 
GLY HA3  H N N 135 
GLY HXT  H N N 136 
HIS N    N N N 137 
HIS CA   C N S 138 
HIS C    C N N 139 
HIS O    O N N 140 
HIS CB   C N N 141 
HIS CG   C Y N 142 
HIS ND1  N Y N 143 
HIS CD2  C Y N 144 
HIS CE1  C Y N 145 
HIS NE2  N Y N 146 
HIS OXT  O N N 147 
HIS H    H N N 148 
HIS H2   H N N 149 
HIS HA   H N N 150 
HIS HB2  H N N 151 
HIS HB3  H N N 152 
HIS HD1  H N N 153 
HIS HD2  H N N 154 
HIS HE1  H N N 155 
HIS HE2  H N N 156 
HIS HXT  H N N 157 
HOH O    O N N 158 
HOH H1   H N N 159 
HOH H2   H N N 160 
ILE N    N N N 161 
ILE CA   C N S 162 
ILE C    C N N 163 
ILE O    O N N 164 
ILE CB   C N S 165 
ILE CG1  C N N 166 
ILE CG2  C N N 167 
ILE CD1  C N N 168 
ILE OXT  O N N 169 
ILE H    H N N 170 
ILE H2   H N N 171 
ILE HA   H N N 172 
ILE HB   H N N 173 
ILE HG12 H N N 174 
ILE HG13 H N N 175 
ILE HG21 H N N 176 
ILE HG22 H N N 177 
ILE HG23 H N N 178 
ILE HD11 H N N 179 
ILE HD12 H N N 180 
ILE HD13 H N N 181 
ILE HXT  H N N 182 
LDA N1   N N N 183 
LDA O1   O N N 184 
LDA CM1  C N N 185 
LDA CM2  C N N 186 
LDA C1   C N N 187 
LDA C2   C N N 188 
LDA C3   C N N 189 
LDA C4   C N N 190 
LDA C5   C N N 191 
LDA C6   C N N 192 
LDA C7   C N N 193 
LDA C8   C N N 194 
LDA C9   C N N 195 
LDA C10  C N N 196 
LDA C11  C N N 197 
LDA C12  C N N 198 
LDA HM11 H N N 199 
LDA HM12 H N N 200 
LDA HM13 H N N 201 
LDA HM21 H N N 202 
LDA HM22 H N N 203 
LDA HM23 H N N 204 
LDA H11  H N N 205 
LDA H12  H N N 206 
LDA H21  H N N 207 
LDA H22  H N N 208 
LDA H31  H N N 209 
LDA H32  H N N 210 
LDA H41  H N N 211 
LDA H42  H N N 212 
LDA H51  H N N 213 
LDA H52  H N N 214 
LDA H61  H N N 215 
LDA H62  H N N 216 
LDA H71  H N N 217 
LDA H72  H N N 218 
LDA H81  H N N 219 
LDA H82  H N N 220 
LDA H91  H N N 221 
LDA H92  H N N 222 
LDA H101 H N N 223 
LDA H102 H N N 224 
LDA H111 H N N 225 
LDA H112 H N N 226 
LDA H121 H N N 227 
LDA H122 H N N 228 
LDA H123 H N N 229 
LEU N    N N N 230 
LEU CA   C N S 231 
LEU C    C N N 232 
LEU O    O N N 233 
LEU CB   C N N 234 
LEU CG   C N N 235 
LEU CD1  C N N 236 
LEU CD2  C N N 237 
LEU OXT  O N N 238 
LEU H    H N N 239 
LEU H2   H N N 240 
LEU HA   H N N 241 
LEU HB2  H N N 242 
LEU HB3  H N N 243 
LEU HG   H N N 244 
LEU HD11 H N N 245 
LEU HD12 H N N 246 
LEU HD13 H N N 247 
LEU HD21 H N N 248 
LEU HD22 H N N 249 
LEU HD23 H N N 250 
LEU HXT  H N N 251 
LYS N    N N N 252 
LYS CA   C N S 253 
LYS C    C N N 254 
LYS O    O N N 255 
LYS CB   C N N 256 
LYS CG   C N N 257 
LYS CD   C N N 258 
LYS CE   C N N 259 
LYS NZ   N N N 260 
LYS OXT  O N N 261 
LYS H    H N N 262 
LYS H2   H N N 263 
LYS HA   H N N 264 
LYS HB2  H N N 265 
LYS HB3  H N N 266 
LYS HG2  H N N 267 
LYS HG3  H N N 268 
LYS HD2  H N N 269 
LYS HD3  H N N 270 
LYS HE2  H N N 271 
LYS HE3  H N N 272 
LYS HZ1  H N N 273 
LYS HZ2  H N N 274 
LYS HZ3  H N N 275 
LYS HXT  H N N 276 
MET N    N N N 277 
MET CA   C N S 278 
MET C    C N N 279 
MET O    O N N 280 
MET CB   C N N 281 
MET CG   C N N 282 
MET SD   S N N 283 
MET CE   C N N 284 
MET OXT  O N N 285 
MET H    H N N 286 
MET H2   H N N 287 
MET HA   H N N 288 
MET HB2  H N N 289 
MET HB3  H N N 290 
MET HG2  H N N 291 
MET HG3  H N N 292 
MET HE1  H N N 293 
MET HE2  H N N 294 
MET HE3  H N N 295 
MET HXT  H N N 296 
PHE N    N N N 297 
PHE CA   C N S 298 
PHE C    C N N 299 
PHE O    O N N 300 
PHE CB   C N N 301 
PHE CG   C Y N 302 
PHE CD1  C Y N 303 
PHE CD2  C Y N 304 
PHE CE1  C Y N 305 
PHE CE2  C Y N 306 
PHE CZ   C Y N 307 
PHE OXT  O N N 308 
PHE H    H N N 309 
PHE H2   H N N 310 
PHE HA   H N N 311 
PHE HB2  H N N 312 
PHE HB3  H N N 313 
PHE HD1  H N N 314 
PHE HD2  H N N 315 
PHE HE1  H N N 316 
PHE HE2  H N N 317 
PHE HZ   H N N 318 
PHE HXT  H N N 319 
PRO N    N N N 320 
PRO CA   C N S 321 
PRO C    C N N 322 
PRO O    O N N 323 
PRO CB   C N N 324 
PRO CG   C N N 325 
PRO CD   C N N 326 
PRO OXT  O N N 327 
PRO H    H N N 328 
PRO HA   H N N 329 
PRO HB2  H N N 330 
PRO HB3  H N N 331 
PRO HG2  H N N 332 
PRO HG3  H N N 333 
PRO HD2  H N N 334 
PRO HD3  H N N 335 
PRO HXT  H N N 336 
SER N    N N N 337 
SER CA   C N S 338 
SER C    C N N 339 
SER O    O N N 340 
SER CB   C N N 341 
SER OG   O N N 342 
SER OXT  O N N 343 
SER H    H N N 344 
SER H2   H N N 345 
SER HA   H N N 346 
SER HB2  H N N 347 
SER HB3  H N N 348 
SER HG   H N N 349 
SER HXT  H N N 350 
THR N    N N N 351 
THR CA   C N S 352 
THR C    C N N 353 
THR O    O N N 354 
THR CB   C N R 355 
THR OG1  O N N 356 
THR CG2  C N N 357 
THR OXT  O N N 358 
THR H    H N N 359 
THR H2   H N N 360 
THR HA   H N N 361 
THR HB   H N N 362 
THR HG1  H N N 363 
THR HG21 H N N 364 
THR HG22 H N N 365 
THR HG23 H N N 366 
THR HXT  H N N 367 
TRP N    N N N 368 
TRP CA   C N S 369 
TRP C    C N N 370 
TRP O    O N N 371 
TRP CB   C N N 372 
TRP CG   C Y N 373 
TRP CD1  C Y N 374 
TRP CD2  C Y N 375 
TRP NE1  N Y N 376 
TRP CE2  C Y N 377 
TRP CE3  C Y N 378 
TRP CZ2  C Y N 379 
TRP CZ3  C Y N 380 
TRP CH2  C Y N 381 
TRP OXT  O N N 382 
TRP H    H N N 383 
TRP H2   H N N 384 
TRP HA   H N N 385 
TRP HB2  H N N 386 
TRP HB3  H N N 387 
TRP HD1  H N N 388 
TRP HE1  H N N 389 
TRP HE3  H N N 390 
TRP HZ2  H N N 391 
TRP HZ3  H N N 392 
TRP HH2  H N N 393 
TRP HXT  H N N 394 
TYR N    N N N 395 
TYR CA   C N S 396 
TYR C    C N N 397 
TYR O    O N N 398 
TYR CB   C N N 399 
TYR CG   C Y N 400 
TYR CD1  C Y N 401 
TYR CD2  C Y N 402 
TYR CE1  C Y N 403 
TYR CE2  C Y N 404 
TYR CZ   C Y N 405 
TYR OH   O N N 406 
TYR OXT  O N N 407 
TYR H    H N N 408 
TYR H2   H N N 409 
TYR HA   H N N 410 
TYR HB2  H N N 411 
TYR HB3  H N N 412 
TYR HD1  H N N 413 
TYR HD2  H N N 414 
TYR HE1  H N N 415 
TYR HE2  H N N 416 
TYR HH   H N N 417 
TYR HXT  H N N 418 
VAL N    N N N 419 
VAL CA   C N S 420 
VAL C    C N N 421 
VAL O    O N N 422 
VAL CB   C N N 423 
VAL CG1  C N N 424 
VAL CG2  C N N 425 
VAL OXT  O N N 426 
VAL H    H N N 427 
VAL H2   H N N 428 
VAL HA   H N N 429 
VAL HB   H N N 430 
VAL HG11 H N N 431 
VAL HG12 H N N 432 
VAL HG13 H N N 433 
VAL HG21 H N N 434 
VAL HG22 H N N 435 
VAL HG23 H N N 436 
VAL HXT  H N N 437 
# 
loop_
_chem_comp_bond.comp_id 
_chem_comp_bond.atom_id_1 
_chem_comp_bond.atom_id_2 
_chem_comp_bond.value_order 
_chem_comp_bond.pdbx_aromatic_flag 
_chem_comp_bond.pdbx_stereo_config 
_chem_comp_bond.pdbx_ordinal 
ALA N   CA   sing N N 1   
ALA N   H    sing N N 2   
ALA N   H2   sing N N 3   
ALA CA  C    sing N N 4   
ALA CA  CB   sing N N 5   
ALA CA  HA   sing N N 6   
ALA C   O    doub N N 7   
ALA C   OXT  sing N N 8   
ALA CB  HB1  sing N N 9   
ALA CB  HB2  sing N N 10  
ALA CB  HB3  sing N N 11  
ALA OXT HXT  sing N N 12  
ARG N   CA   sing N N 13  
ARG N   H    sing N N 14  
ARG N   H2   sing N N 15  
ARG CA  C    sing N N 16  
ARG CA  CB   sing N N 17  
ARG CA  HA   sing N N 18  
ARG C   O    doub N N 19  
ARG C   OXT  sing N N 20  
ARG CB  CG   sing N N 21  
ARG CB  HB2  sing N N 22  
ARG CB  HB3  sing N N 23  
ARG CG  CD   sing N N 24  
ARG CG  HG2  sing N N 25  
ARG CG  HG3  sing N N 26  
ARG CD  NE   sing N N 27  
ARG CD  HD2  sing N N 28  
ARG CD  HD3  sing N N 29  
ARG NE  CZ   sing N N 30  
ARG NE  HE   sing N N 31  
ARG CZ  NH1  sing N N 32  
ARG CZ  NH2  doub N N 33  
ARG NH1 HH11 sing N N 34  
ARG NH1 HH12 sing N N 35  
ARG NH2 HH21 sing N N 36  
ARG NH2 HH22 sing N N 37  
ARG OXT HXT  sing N N 38  
ASN N   CA   sing N N 39  
ASN N   H    sing N N 40  
ASN N   H2   sing N N 41  
ASN CA  C    sing N N 42  
ASN CA  CB   sing N N 43  
ASN CA  HA   sing N N 44  
ASN C   O    doub N N 45  
ASN C   OXT  sing N N 46  
ASN CB  CG   sing N N 47  
ASN CB  HB2  sing N N 48  
ASN CB  HB3  sing N N 49  
ASN CG  OD1  doub N N 50  
ASN CG  ND2  sing N N 51  
ASN ND2 HD21 sing N N 52  
ASN ND2 HD22 sing N N 53  
ASN OXT HXT  sing N N 54  
ASP N   CA   sing N N 55  
ASP N   H    sing N N 56  
ASP N   H2   sing N N 57  
ASP CA  C    sing N N 58  
ASP CA  CB   sing N N 59  
ASP CA  HA   sing N N 60  
ASP C   O    doub N N 61  
ASP C   OXT  sing N N 62  
ASP CB  CG   sing N N 63  
ASP CB  HB2  sing N N 64  
ASP CB  HB3  sing N N 65  
ASP CG  OD1  doub N N 66  
ASP CG  OD2  sing N N 67  
ASP OD2 HD2  sing N N 68  
ASP OXT HXT  sing N N 69  
CYS N   CA   sing N N 70  
CYS N   H    sing N N 71  
CYS N   H2   sing N N 72  
CYS CA  C    sing N N 73  
CYS CA  CB   sing N N 74  
CYS CA  HA   sing N N 75  
CYS C   O    doub N N 76  
CYS C   OXT  sing N N 77  
CYS CB  SG   sing N N 78  
CYS CB  HB2  sing N N 79  
CYS CB  HB3  sing N N 80  
CYS SG  HG   sing N N 81  
CYS OXT HXT  sing N N 82  
GLN N   CA   sing N N 83  
GLN N   H    sing N N 84  
GLN N   H2   sing N N 85  
GLN CA  C    sing N N 86  
GLN CA  CB   sing N N 87  
GLN CA  HA   sing N N 88  
GLN C   O    doub N N 89  
GLN C   OXT  sing N N 90  
GLN CB  CG   sing N N 91  
GLN CB  HB2  sing N N 92  
GLN CB  HB3  sing N N 93  
GLN CG  CD   sing N N 94  
GLN CG  HG2  sing N N 95  
GLN CG  HG3  sing N N 96  
GLN CD  OE1  doub N N 97  
GLN CD  NE2  sing N N 98  
GLN NE2 HE21 sing N N 99  
GLN NE2 HE22 sing N N 100 
GLN OXT HXT  sing N N 101 
GLU N   CA   sing N N 102 
GLU N   H    sing N N 103 
GLU N   H2   sing N N 104 
GLU CA  C    sing N N 105 
GLU CA  CB   sing N N 106 
GLU CA  HA   sing N N 107 
GLU C   O    doub N N 108 
GLU C   OXT  sing N N 109 
GLU CB  CG   sing N N 110 
GLU CB  HB2  sing N N 111 
GLU CB  HB3  sing N N 112 
GLU CG  CD   sing N N 113 
GLU CG  HG2  sing N N 114 
GLU CG  HG3  sing N N 115 
GLU CD  OE1  doub N N 116 
GLU CD  OE2  sing N N 117 
GLU OE2 HE2  sing N N 118 
GLU OXT HXT  sing N N 119 
GLY N   CA   sing N N 120 
GLY N   H    sing N N 121 
GLY N   H2   sing N N 122 
GLY CA  C    sing N N 123 
GLY CA  HA2  sing N N 124 
GLY CA  HA3  sing N N 125 
GLY C   O    doub N N 126 
GLY C   OXT  sing N N 127 
GLY OXT HXT  sing N N 128 
HIS N   CA   sing N N 129 
HIS N   H    sing N N 130 
HIS N   H2   sing N N 131 
HIS CA  C    sing N N 132 
HIS CA  CB   sing N N 133 
HIS CA  HA   sing N N 134 
HIS C   O    doub N N 135 
HIS C   OXT  sing N N 136 
HIS CB  CG   sing N N 137 
HIS CB  HB2  sing N N 138 
HIS CB  HB3  sing N N 139 
HIS CG  ND1  sing Y N 140 
HIS CG  CD2  doub Y N 141 
HIS ND1 CE1  doub Y N 142 
HIS ND1 HD1  sing N N 143 
HIS CD2 NE2  sing Y N 144 
HIS CD2 HD2  sing N N 145 
HIS CE1 NE2  sing Y N 146 
HIS CE1 HE1  sing N N 147 
HIS NE2 HE2  sing N N 148 
HIS OXT HXT  sing N N 149 
HOH O   H1   sing N N 150 
HOH O   H2   sing N N 151 
ILE N   CA   sing N N 152 
ILE N   H    sing N N 153 
ILE N   H2   sing N N 154 
ILE CA  C    sing N N 155 
ILE CA  CB   sing N N 156 
ILE CA  HA   sing N N 157 
ILE C   O    doub N N 158 
ILE C   OXT  sing N N 159 
ILE CB  CG1  sing N N 160 
ILE CB  CG2  sing N N 161 
ILE CB  HB   sing N N 162 
ILE CG1 CD1  sing N N 163 
ILE CG1 HG12 sing N N 164 
ILE CG1 HG13 sing N N 165 
ILE CG2 HG21 sing N N 166 
ILE CG2 HG22 sing N N 167 
ILE CG2 HG23 sing N N 168 
ILE CD1 HD11 sing N N 169 
ILE CD1 HD12 sing N N 170 
ILE CD1 HD13 sing N N 171 
ILE OXT HXT  sing N N 172 
LDA N1  O1   sing N N 173 
LDA N1  CM1  sing N N 174 
LDA N1  CM2  sing N N 175 
LDA N1  C1   sing N N 176 
LDA CM1 HM11 sing N N 177 
LDA CM1 HM12 sing N N 178 
LDA CM1 HM13 sing N N 179 
LDA CM2 HM21 sing N N 180 
LDA CM2 HM22 sing N N 181 
LDA CM2 HM23 sing N N 182 
LDA C1  C2   sing N N 183 
LDA C1  H11  sing N N 184 
LDA C1  H12  sing N N 185 
LDA C2  C3   sing N N 186 
LDA C2  H21  sing N N 187 
LDA C2  H22  sing N N 188 
LDA C3  C4   sing N N 189 
LDA C3  H31  sing N N 190 
LDA C3  H32  sing N N 191 
LDA C4  C5   sing N N 192 
LDA C4  H41  sing N N 193 
LDA C4  H42  sing N N 194 
LDA C5  C6   sing N N 195 
LDA C5  H51  sing N N 196 
LDA C5  H52  sing N N 197 
LDA C6  C7   sing N N 198 
LDA C6  H61  sing N N 199 
LDA C6  H62  sing N N 200 
LDA C7  C8   sing N N 201 
LDA C7  H71  sing N N 202 
LDA C7  H72  sing N N 203 
LDA C8  C9   sing N N 204 
LDA C8  H81  sing N N 205 
LDA C8  H82  sing N N 206 
LDA C9  C10  sing N N 207 
LDA C9  H91  sing N N 208 
LDA C9  H92  sing N N 209 
LDA C10 C11  sing N N 210 
LDA C10 H101 sing N N 211 
LDA C10 H102 sing N N 212 
LDA C11 C12  sing N N 213 
LDA C11 H111 sing N N 214 
LDA C11 H112 sing N N 215 
LDA C12 H121 sing N N 216 
LDA C12 H122 sing N N 217 
LDA C12 H123 sing N N 218 
LEU N   CA   sing N N 219 
LEU N   H    sing N N 220 
LEU N   H2   sing N N 221 
LEU CA  C    sing N N 222 
LEU CA  CB   sing N N 223 
LEU CA  HA   sing N N 224 
LEU C   O    doub N N 225 
LEU C   OXT  sing N N 226 
LEU CB  CG   sing N N 227 
LEU CB  HB2  sing N N 228 
LEU CB  HB3  sing N N 229 
LEU CG  CD1  sing N N 230 
LEU CG  CD2  sing N N 231 
LEU CG  HG   sing N N 232 
LEU CD1 HD11 sing N N 233 
LEU CD1 HD12 sing N N 234 
LEU CD1 HD13 sing N N 235 
LEU CD2 HD21 sing N N 236 
LEU CD2 HD22 sing N N 237 
LEU CD2 HD23 sing N N 238 
LEU OXT HXT  sing N N 239 
LYS N   CA   sing N N 240 
LYS N   H    sing N N 241 
LYS N   H2   sing N N 242 
LYS CA  C    sing N N 243 
LYS CA  CB   sing N N 244 
LYS CA  HA   sing N N 245 
LYS C   O    doub N N 246 
LYS C   OXT  sing N N 247 
LYS CB  CG   sing N N 248 
LYS CB  HB2  sing N N 249 
LYS CB  HB3  sing N N 250 
LYS CG  CD   sing N N 251 
LYS CG  HG2  sing N N 252 
LYS CG  HG3  sing N N 253 
LYS CD  CE   sing N N 254 
LYS CD  HD2  sing N N 255 
LYS CD  HD3  sing N N 256 
LYS CE  NZ   sing N N 257 
LYS CE  HE2  sing N N 258 
LYS CE  HE3  sing N N 259 
LYS NZ  HZ1  sing N N 260 
LYS NZ  HZ2  sing N N 261 
LYS NZ  HZ3  sing N N 262 
LYS OXT HXT  sing N N 263 
MET N   CA   sing N N 264 
MET N   H    sing N N 265 
MET N   H2   sing N N 266 
MET CA  C    sing N N 267 
MET CA  CB   sing N N 268 
MET CA  HA   sing N N 269 
MET C   O    doub N N 270 
MET C   OXT  sing N N 271 
MET CB  CG   sing N N 272 
MET CB  HB2  sing N N 273 
MET CB  HB3  sing N N 274 
MET CG  SD   sing N N 275 
MET CG  HG2  sing N N 276 
MET CG  HG3  sing N N 277 
MET SD  CE   sing N N 278 
MET CE  HE1  sing N N 279 
MET CE  HE2  sing N N 280 
MET CE  HE3  sing N N 281 
MET OXT HXT  sing N N 282 
PHE N   CA   sing N N 283 
PHE N   H    sing N N 284 
PHE N   H2   sing N N 285 
PHE CA  C    sing N N 286 
PHE CA  CB   sing N N 287 
PHE CA  HA   sing N N 288 
PHE C   O    doub N N 289 
PHE C   OXT  sing N N 290 
PHE CB  CG   sing N N 291 
PHE CB  HB2  sing N N 292 
PHE CB  HB3  sing N N 293 
PHE CG  CD1  doub Y N 294 
PHE CG  CD2  sing Y N 295 
PHE CD1 CE1  sing Y N 296 
PHE CD1 HD1  sing N N 297 
PHE CD2 CE2  doub Y N 298 
PHE CD2 HD2  sing N N 299 
PHE CE1 CZ   doub Y N 300 
PHE CE1 HE1  sing N N 301 
PHE CE2 CZ   sing Y N 302 
PHE CE2 HE2  sing N N 303 
PHE CZ  HZ   sing N N 304 
PHE OXT HXT  sing N N 305 
PRO N   CA   sing N N 306 
PRO N   CD   sing N N 307 
PRO N   H    sing N N 308 
PRO CA  C    sing N N 309 
PRO CA  CB   sing N N 310 
PRO CA  HA   sing N N 311 
PRO C   O    doub N N 312 
PRO C   OXT  sing N N 313 
PRO CB  CG   sing N N 314 
PRO CB  HB2  sing N N 315 
PRO CB  HB3  sing N N 316 
PRO CG  CD   sing N N 317 
PRO CG  HG2  sing N N 318 
PRO CG  HG3  sing N N 319 
PRO CD  HD2  sing N N 320 
PRO CD  HD3  sing N N 321 
PRO OXT HXT  sing N N 322 
SER N   CA   sing N N 323 
SER N   H    sing N N 324 
SER N   H2   sing N N 325 
SER CA  C    sing N N 326 
SER CA  CB   sing N N 327 
SER CA  HA   sing N N 328 
SER C   O    doub N N 329 
SER C   OXT  sing N N 330 
SER CB  OG   sing N N 331 
SER CB  HB2  sing N N 332 
SER CB  HB3  sing N N 333 
SER OG  HG   sing N N 334 
SER OXT HXT  sing N N 335 
THR N   CA   sing N N 336 
THR N   H    sing N N 337 
THR N   H2   sing N N 338 
THR CA  C    sing N N 339 
THR CA  CB   sing N N 340 
THR CA  HA   sing N N 341 
THR C   O    doub N N 342 
THR C   OXT  sing N N 343 
THR CB  OG1  sing N N 344 
THR CB  CG2  sing N N 345 
THR CB  HB   sing N N 346 
THR OG1 HG1  sing N N 347 
THR CG2 HG21 sing N N 348 
THR CG2 HG22 sing N N 349 
THR CG2 HG23 sing N N 350 
THR OXT HXT  sing N N 351 
TRP N   CA   sing N N 352 
TRP N   H    sing N N 353 
TRP N   H2   sing N N 354 
TRP CA  C    sing N N 355 
TRP CA  CB   sing N N 356 
TRP CA  HA   sing N N 357 
TRP C   O    doub N N 358 
TRP C   OXT  sing N N 359 
TRP CB  CG   sing N N 360 
TRP CB  HB2  sing N N 361 
TRP CB  HB3  sing N N 362 
TRP CG  CD1  doub Y N 363 
TRP CG  CD2  sing Y N 364 
TRP CD1 NE1  sing Y N 365 
TRP CD1 HD1  sing N N 366 
TRP CD2 CE2  doub Y N 367 
TRP CD2 CE3  sing Y N 368 
TRP NE1 CE2  sing Y N 369 
TRP NE1 HE1  sing N N 370 
TRP CE2 CZ2  sing Y N 371 
TRP CE3 CZ3  doub Y N 372 
TRP CE3 HE3  sing N N 373 
TRP CZ2 CH2  doub Y N 374 
TRP CZ2 HZ2  sing N N 375 
TRP CZ3 CH2  sing Y N 376 
TRP CZ3 HZ3  sing N N 377 
TRP CH2 HH2  sing N N 378 
TRP OXT HXT  sing N N 379 
TYR N   CA   sing N N 380 
TYR N   H    sing N N 381 
TYR N   H2   sing N N 382 
TYR CA  C    sing N N 383 
TYR CA  CB   sing N N 384 
TYR CA  HA   sing N N 385 
TYR C   O    doub N N 386 
TYR C   OXT  sing N N 387 
TYR CB  CG   sing N N 388 
TYR CB  HB2  sing N N 389 
TYR CB  HB3  sing N N 390 
TYR CG  CD1  doub Y N 391 
TYR CG  CD2  sing Y N 392 
TYR CD1 CE1  sing Y N 393 
TYR CD1 HD1  sing N N 394 
TYR CD2 CE2  doub Y N 395 
TYR CD2 HD2  sing N N 396 
TYR CE1 CZ   doub Y N 397 
TYR CE1 HE1  sing N N 398 
TYR CE2 CZ   sing Y N 399 
TYR CE2 HE2  sing N N 400 
TYR CZ  OH   sing N N 401 
TYR OH  HH   sing N N 402 
TYR OXT HXT  sing N N 403 
VAL N   CA   sing N N 404 
VAL N   H    sing N N 405 
VAL N   H2   sing N N 406 
VAL CA  C    sing N N 407 
VAL CA  CB   sing N N 408 
VAL CA  HA   sing N N 409 
VAL C   O    doub N N 410 
VAL C   OXT  sing N N 411 
VAL CB  CG1  sing N N 412 
VAL CB  CG2  sing N N 413 
VAL CB  HB   sing N N 414 
VAL CG1 HG11 sing N N 415 
VAL CG1 HG12 sing N N 416 
VAL CG1 HG13 sing N N 417 
VAL CG2 HG21 sing N N 418 
VAL CG2 HG22 sing N N 419 
VAL CG2 HG23 sing N N 420 
VAL OXT HXT  sing N N 421 
# 
_atom_sites.entry_id                    1F7S 
_atom_sites.fract_transf_matrix[1][1]   -0.01219411 
_atom_sites.fract_transf_matrix[1][2]   0.00927831 
_atom_sites.fract_transf_matrix[1][3]   -0.00924960 
_atom_sites.fract_transf_matrix[2][1]   0.01016018 
_atom_sites.fract_transf_matrix[2][2]   0.00811175 
_atom_sites.fract_transf_matrix[2][3]   -0.00525764 
_atom_sites.fract_transf_matrix[3][1]   0.00164026 
_atom_sites.fract_transf_matrix[3][2]   -0.00987898 
_atom_sites.fract_transf_matrix[3][3]   -0.01207206 
_atom_sites.fract_transf_vector[1]      0.298475 
_atom_sites.fract_transf_vector[2]      0.243481 
_atom_sites.fract_transf_vector[3]      0.230277 
# 
loop_
_atom_type.symbol 
C 
N 
O 
S 
# 
loop_
_atom_site.group_PDB 
_atom_site.id 
_atom_site.type_symbol 
_atom_site.label_atom_id 
_atom_site.label_alt_id 
_atom_site.label_comp_id 
_atom_site.label_asym_id 
_atom_site.label_entity_id 
_atom_site.label_seq_id 
_atom_site.pdbx_PDB_ins_code 
_atom_site.Cartn_x 
_atom_site.Cartn_y 
_atom_site.Cartn_z 
_atom_site.occupancy 
_atom_site.B_iso_or_equiv 
_atom_site.pdbx_formal_charge 
_atom_site.auth_seq_id 
_atom_site.auth_comp_id 
_atom_site.auth_asym_id 
_atom_site.auth_atom_id 
_atom_site.pdbx_PDB_model_num 
ATOM   1    N N   . ALA A 1 5   ? -7.312  -19.704 14.589  1.00 41.73 ? 5   ALA A N   1 
ATOM   2    C CA  . ALA A 1 5   ? -8.065  -18.968 15.645  1.00 41.57 ? 5   ALA A CA  1 
ATOM   3    C C   . ALA A 1 5   ? -7.327  -17.701 16.059  1.00 41.28 ? 5   ALA A C   1 
ATOM   4    O O   . ALA A 1 5   ? -7.620  -17.118 17.101  1.00 41.02 ? 5   ALA A O   1 
ATOM   5    C CB  . ALA A 1 5   ? -8.278  -19.869 16.860  1.00 42.03 ? 5   ALA A CB  1 
ATOM   6    N N   . SER A 1 6   ? -6.366  -17.281 15.241  1.00 40.75 ? 6   SER A N   1 
ATOM   7    C CA  . SER A 1 6   ? -5.588  -16.081 15.525  1.00 40.57 ? 6   SER A CA  1 
ATOM   8    C C   . SER A 1 6   ? -6.023  -14.918 14.634  1.00 41.04 ? 6   SER A C   1 
ATOM   9    O O   . SER A 1 6   ? -6.581  -15.123 13.549  1.00 41.16 ? 6   SER A O   1 
ATOM   10   C CB  . SER A 1 6   ? -4.095  -16.357 15.321  1.00 40.77 ? 6   SER A CB  1 
ATOM   11   O OG  . SER A 1 6   ? -3.626  -17.338 16.232  1.00 41.83 ? 6   SER A OG  1 
ATOM   12   N N   . GLY A 1 7   ? -5.762  -13.700 15.101  1.00 39.47 ? 7   GLY A N   1 
ATOM   13   C CA  . GLY A 1 7   ? -6.132  -12.515 14.348  1.00 39.46 ? 7   GLY A CA  1 
ATOM   14   C C   . GLY A 1 7   ? -5.047  -12.068 13.389  1.00 39.41 ? 7   GLY A C   1 
ATOM   15   O O   . GLY A 1 7   ? -4.036  -12.755 13.214  1.00 39.32 ? 7   GLY A O   1 
ATOM   16   N N   . MET A 1 8   ? -5.258  -10.911 12.766  1.00 38.14 ? 8   MET A N   1 
ATOM   17   C CA  . MET A 1 8   ? -4.301  -10.366 11.813  1.00 36.27 ? 8   MET A CA  1 
ATOM   18   C C   . MET A 1 8   ? -3.388  -9.347  12.468  1.00 36.06 ? 8   MET A C   1 
ATOM   19   O O   . MET A 1 8   ? -3.819  -8.240  12.795  1.00 36.72 ? 8   MET A O   1 
ATOM   20   C CB  . MET A 1 8   ? -5.034  -9.700  10.652  1.00 35.74 ? 8   MET A CB  1 
ATOM   21   C CG  . MET A 1 8   ? -4.109  -9.223  9.551   1.00 32.98 ? 8   MET A CG  1 
ATOM   22   S SD  . MET A 1 8   ? -3.141  -10.589 8.911   1.00 30.42 ? 8   MET A SD  1 
ATOM   23   C CE  . MET A 1 8   ? -4.453  -11.730 8.472   1.00 33.56 ? 8   MET A CE  1 
ATOM   24   N N   . ALA A 1 9   ? -2.125  -9.717  12.655  1.00 35.01 ? 9   ALA A N   1 
ATOM   25   C CA  . ALA A 1 9   ? -1.162  -8.815  13.269  1.00 33.93 ? 9   ALA A CA  1 
ATOM   26   C C   . ALA A 1 9   ? -0.479  -7.981  12.188  1.00 32.77 ? 9   ALA A C   1 
ATOM   27   O O   . ALA A 1 9   ? -0.666  -8.220  10.992  1.00 30.94 ? 9   ALA A O   1 
ATOM   28   C CB  . ALA A 1 9   ? -0.121  -9.610  14.058  1.00 34.39 ? 9   ALA A CB  1 
ATOM   29   N N   . VAL A 1 10  ? 0.306   -7.000  12.618  1.00 31.06 ? 10  VAL A N   1 
ATOM   30   C CA  . VAL A 1 10  ? 1.027   -6.128  11.695  1.00 30.80 ? 10  VAL A CA  1 
ATOM   31   C C   . VAL A 1 10  ? 2.486   -6.077  12.122  1.00 30.75 ? 10  VAL A C   1 
ATOM   32   O O   . VAL A 1 10  ? 2.798   -5.684  13.249  1.00 30.44 ? 10  VAL A O   1 
ATOM   33   C CB  . VAL A 1 10  ? 0.451   -4.692  11.712  1.00 30.12 ? 10  VAL A CB  1 
ATOM   34   C CG1 . VAL A 1 10  ? 1.213   -3.808  10.729  1.00 29.48 ? 10  VAL A CG1 1 
ATOM   35   C CG2 . VAL A 1 10  ? -1.028  -4.722  11.374  1.00 28.63 ? 10  VAL A CG2 1 
ATOM   36   N N   . HIS A 1 11  ? 3.381   -6.481  11.228  1.00 31.27 ? 11  HIS A N   1 
ATOM   37   C CA  . HIS A 1 11  ? 4.806   -6.477  11.542  1.00 31.91 ? 11  HIS A CA  1 
ATOM   38   C C   . HIS A 1 11  ? 5.300   -5.045  11.764  1.00 32.16 ? 11  HIS A C   1 
ATOM   39   O O   . HIS A 1 11  ? 4.936   -4.133  11.022  1.00 29.66 ? 11  HIS A O   1 
ATOM   40   C CB  . HIS A 1 11  ? 5.590   -7.143  10.411  1.00 32.78 ? 11  HIS A CB  1 
ATOM   41   C CG  . HIS A 1 11  ? 7.052   -7.299  10.695  1.00 36.53 ? 11  HIS A CG  1 
ATOM   42   N ND1 . HIS A 1 11  ? 7.784   -8.375  10.240  1.00 38.75 ? 11  HIS A ND1 1 
ATOM   43   C CD2 . HIS A 1 11  ? 7.921   -6.515  11.375  1.00 36.16 ? 11  HIS A CD2 1 
ATOM   44   C CE1 . HIS A 1 11  ? 9.040   -8.248  10.632  1.00 38.77 ? 11  HIS A CE1 1 
ATOM   45   N NE2 . HIS A 1 11  ? 9.149   -7.128  11.322  1.00 39.83 ? 11  HIS A NE2 1 
ATOM   46   N N   . ASP A 1 12  ? 6.125   -4.864  12.797  1.00 31.80 ? 12  ASP A N   1 
ATOM   47   C CA  . ASP A 1 12  ? 6.681   -3.556  13.147  1.00 32.26 ? 12  ASP A CA  1 
ATOM   48   C C   . ASP A 1 12  ? 7.273   -2.784  11.970  1.00 29.94 ? 12  ASP A C   1 
ATOM   49   O O   . ASP A 1 12  ? 7.160   -1.563  11.907  1.00 30.11 ? 12  ASP A O   1 
ATOM   50   C CB  . ASP A 1 12  ? 7.770   -3.701  14.220  1.00 34.64 ? 12  ASP A CB  1 
ATOM   51   C CG  . ASP A 1 12  ? 7.216   -4.118  15.570  1.00 37.10 ? 12  ASP A CG  1 
ATOM   52   O OD1 . ASP A 1 12  ? 6.187   -3.553  16.002  1.00 39.09 ? 12  ASP A OD1 1 
ATOM   53   O OD2 . ASP A 1 12  ? 7.822   -5.005  16.206  1.00 41.69 ? 12  ASP A OD2 1 
ATOM   54   N N   . ASP A 1 13  ? 7.921   -3.495  11.055  1.00 28.59 ? 13  ASP A N   1 
ATOM   55   C CA  . ASP A 1 13  ? 8.542   -2.872  9.892   1.00 27.53 ? 13  ASP A CA  1 
ATOM   56   C C   . ASP A 1 13  ? 7.565   -2.107  9.004   1.00 26.05 ? 13  ASP A C   1 
ATOM   57   O O   . ASP A 1 13  ? 7.976   -1.243  8.226   1.00 25.19 ? 13  ASP A O   1 
ATOM   58   C CB  . ASP A 1 13  ? 9.265   -3.932  9.058   1.00 30.03 ? 13  ASP A CB  1 
ATOM   59   C CG  . ASP A 1 13  ? 10.559  -4.389  9.698   1.00 32.78 ? 13  ASP A CG  1 
ATOM   60   O OD1 . ASP A 1 13  ? 10.760  -4.089  10.893  1.00 33.07 ? 13  ASP A OD1 1 
ATOM   61   O OD2 . ASP A 1 13  ? 11.367  -5.051  9.011   1.00 33.82 ? 13  ASP A OD2 1 
ATOM   62   N N   . CYS A 1 14  ? 6.279   -2.427  9.114   1.00 24.81 ? 14  CYS A N   1 
ATOM   63   C CA  . CYS A 1 14  ? 5.265   -1.763  8.307   1.00 23.82 ? 14  CYS A CA  1 
ATOM   64   C C   . CYS A 1 14  ? 5.132   -0.298  8.688   1.00 24.96 ? 14  CYS A C   1 
ATOM   65   O O   . CYS A 1 14  ? 5.073   0.577   7.816   1.00 20.76 ? 14  CYS A O   1 
ATOM   66   C CB  . CYS A 1 14  ? 3.906   -2.447  8.477   1.00 24.01 ? 14  CYS A CB  1 
ATOM   67   S SG  . CYS A 1 14  ? 3.791   -4.098  7.759   1.00 21.76 ? 14  CYS A SG  1 
ATOM   68   N N   . LYS A 1 15  ? 5.075   -0.031  9.992   1.00 24.31 ? 15  LYS A N   1 
ATOM   69   C CA  . LYS A 1 15  ? 4.935   1.337   10.461  1.00 26.22 ? 15  LYS A CA  1 
ATOM   70   C C   . LYS A 1 15  ? 6.244   2.087   10.247  1.00 24.29 ? 15  LYS A C   1 
ATOM   71   O O   . LYS A 1 15  ? 6.238   3.236   9.824   1.00 23.89 ? 15  LYS A O   1 
ATOM   72   C CB  . LYS A 1 15  ? 4.535   1.372   11.945  1.00 29.33 ? 15  LYS A CB  1 
ATOM   73   C CG  . LYS A 1 15  ? 5.698   1.409   12.920  1.00 35.70 ? 15  LYS A CG  1 
ATOM   74   C CD  . LYS A 1 15  ? 5.877   0.098   13.648  1.00 40.74 ? 15  LYS A CD  1 
ATOM   75   C CE  . LYS A 1 15  ? 7.096   0.144   14.540  1.00 42.66 ? 15  LYS A CE  1 
ATOM   76   N NZ  . LYS A 1 15  ? 7.345   -1.161  15.192  1.00 42.79 ? 15  LYS A NZ  1 
ATOM   77   N N   . LEU A 1 16  ? 7.364   1.418   10.515  1.00 24.42 ? 16  LEU A N   1 
ATOM   78   C CA  . LEU A 1 16  ? 8.683   2.024   10.358  1.00 25.13 ? 16  LEU A CA  1 
ATOM   79   C C   . LEU A 1 16  ? 8.934   2.514   8.934   1.00 23.93 ? 16  LEU A C   1 
ATOM   80   O O   . LEU A 1 16  ? 9.447   3.611   8.729   1.00 23.58 ? 16  LEU A O   1 
ATOM   81   C CB  . LEU A 1 16  ? 9.780   1.026   10.748  1.00 27.86 ? 16  LEU A CB  1 
ATOM   82   C CG  . LEU A 1 16  ? 9.763   0.479   12.182  1.00 30.23 ? 16  LEU A CG  1 
ATOM   83   C CD1 . LEU A 1 16  ? 10.971  -0.422  12.376  1.00 30.85 ? 16  LEU A CD1 1 
ATOM   84   C CD2 . LEU A 1 16  ? 9.792   1.615   13.187  1.00 31.55 ? 16  LEU A CD2 1 
ATOM   85   N N   . ARG A 1 17  ? 8.588   1.695   7.949   1.00 23.12 ? 17  ARG A N   1 
ATOM   86   C CA  . ARG A 1 17  ? 8.787   2.085   6.558   1.00 22.72 ? 17  ARG A CA  1 
ATOM   87   C C   . ARG A 1 17  ? 7.854   3.247   6.234   1.00 22.52 ? 17  ARG A C   1 
ATOM   88   O O   . ARG A 1 17  ? 8.229   4.176   5.518   1.00 22.54 ? 17  ARG A O   1 
ATOM   89   C CB  . ARG A 1 17  ? 8.499   0.906   5.630   1.00 24.71 ? 17  ARG A CB  1 
ATOM   90   C CG  . ARG A 1 17  ? 9.491   -0.253  5.744   1.00 26.78 ? 17  ARG A CG  1 
ATOM   91   C CD  . ARG A 1 17  ? 10.888  0.137   5.273   1.00 30.64 ? 17  ARG A CD  1 
ATOM   92   N NE  . ARG A 1 17  ? 11.663  0.808   6.314   1.00 33.90 ? 17  ARG A NE  1 
ATOM   93   C CZ  . ARG A 1 17  ? 12.171  0.193   7.379   1.00 37.03 ? 17  ARG A CZ  1 
ATOM   94   N NH1 . ARG A 1 17  ? 11.987  -1.109  7.544   1.00 37.94 ? 17  ARG A NH1 1 
ATOM   95   N NH2 . ARG A 1 17  ? 12.865  0.881   8.279   1.00 37.35 ? 17  ARG A NH2 1 
ATOM   96   N N   . PHE A 1 18  ? 6.638   3.187   6.771   1.00 20.17 ? 18  PHE A N   1 
ATOM   97   C CA  . PHE A 1 18  ? 5.653   4.238   6.555   1.00 20.71 ? 18  PHE A CA  1 
ATOM   98   C C   . PHE A 1 18  ? 6.110   5.541   7.204   1.00 21.80 ? 18  PHE A C   1 
ATOM   99   O O   . PHE A 1 18  ? 5.910   6.623   6.653   1.00 21.14 ? 18  PHE A O   1 
ATOM   100  C CB  . PHE A 1 18  ? 4.300   3.831   7.142   1.00 21.20 ? 18  PHE A CB  1 
ATOM   101  C CG  . PHE A 1 18  ? 3.255   4.907   7.046   1.00 21.00 ? 18  PHE A CG  1 
ATOM   102  C CD1 . PHE A 1 18  ? 2.780   5.323   5.808   1.00 20.70 ? 18  PHE A CD1 1 
ATOM   103  C CD2 . PHE A 1 18  ? 2.785   5.543   8.195   1.00 22.10 ? 18  PHE A CD2 1 
ATOM   104  C CE1 . PHE A 1 18  ? 1.856   6.359   5.711   1.00 21.84 ? 18  PHE A CE1 1 
ATOM   105  C CE2 . PHE A 1 18  ? 1.855   6.585   8.108   1.00 20.47 ? 18  PHE A CE2 1 
ATOM   106  C CZ  . PHE A 1 18  ? 1.393   6.992   6.863   1.00 20.54 ? 18  PHE A CZ  1 
ATOM   107  N N   . LEU A 1 19  ? 6.710   5.435   8.385   1.00 22.66 ? 19  LEU A N   1 
ATOM   108  C CA  . LEU A 1 19  ? 7.192   6.616   9.089   1.00 25.11 ? 19  LEU A CA  1 
ATOM   109  C C   . LEU A 1 19  ? 8.295   7.326   8.316   1.00 23.77 ? 19  LEU A C   1 
ATOM   110  O O   . LEU A 1 19  ? 8.353   8.550   8.303   1.00 24.59 ? 19  LEU A O   1 
ATOM   111  C CB  . LEU A 1 19  ? 7.699   6.237   10.485  1.00 26.31 ? 19  LEU A CB  1 
ATOM   112  C CG  . LEU A 1 19  ? 6.610   6.226   11.555  1.00 29.64 ? 19  LEU A CG  1 
ATOM   113  C CD1 . LEU A 1 19  ? 7.177   5.728   12.881  1.00 31.43 ? 19  LEU A CD1 1 
ATOM   114  C CD2 . LEU A 1 19  ? 6.046   7.637   11.702  1.00 29.40 ? 19  LEU A CD2 1 
ATOM   115  N N   . GLU A 1 20  ? 9.176   6.561   7.680   1.00 23.48 ? 20  GLU A N   1 
ATOM   116  C CA  . GLU A 1 20  ? 10.253  7.156   6.894   1.00 23.94 ? 20  GLU A CA  1 
ATOM   117  C C   . GLU A 1 20  ? 9.660   7.918   5.700   1.00 25.06 ? 20  GLU A C   1 
ATOM   118  O O   . GLU A 1 20  ? 10.092  9.032   5.375   1.00 23.95 ? 20  GLU A O   1 
ATOM   119  C CB  . GLU A 1 20  ? 11.210  6.065   6.407   1.00 25.00 ? 20  GLU A CB  1 
ATOM   120  C CG  . GLU A 1 20  ? 11.702  5.161   7.534   1.00 27.40 ? 20  GLU A CG  1 
ATOM   121  C CD  . GLU A 1 20  ? 12.539  3.991   7.048   1.00 29.21 ? 20  GLU A CD  1 
ATOM   122  O OE1 . GLU A 1 20  ? 12.299  3.503   5.921   1.00 24.52 ? 20  GLU A OE1 1 
ATOM   123  O OE2 . GLU A 1 20  ? 13.427  3.549   7.809   1.00 29.05 ? 20  GLU A OE2 1 
ATOM   124  N N   . LEU A 1 21  ? 8.659   7.318   5.060   1.00 23.96 ? 21  LEU A N   1 
ATOM   125  C CA  . LEU A 1 21  ? 8.007   7.941   3.911   1.00 24.21 ? 21  LEU A CA  1 
ATOM   126  C C   . LEU A 1 21  ? 7.310   9.236   4.323   1.00 25.50 ? 21  LEU A C   1 
ATOM   127  O O   . LEU A 1 21  ? 7.448   10.270  3.670   1.00 26.27 ? 21  LEU A O   1 
ATOM   128  C CB  . LEU A 1 21  ? 6.989   6.970   3.301   1.00 21.75 ? 21  LEU A CB  1 
ATOM   129  C CG  . LEU A 1 21  ? 6.054   7.459   2.188   1.00 20.16 ? 21  LEU A CG  1 
ATOM   130  C CD1 . LEU A 1 21  ? 5.504   6.252   1.456   1.00 19.02 ? 21  LEU A CD1 1 
ATOM   131  C CD2 . LEU A 1 21  ? 4.905   8.304   2.768   1.00 19.63 ? 21  LEU A CD2 1 
ATOM   132  N N   . LYS A 1 22  ? 6.572   9.176   5.424   1.00 25.73 ? 22  LYS A N   1 
ATOM   133  C CA  . LYS A 1 22  ? 5.839   10.336  5.912   1.00 26.75 ? 22  LYS A CA  1 
ATOM   134  C C   . LYS A 1 22  ? 6.749   11.434  6.463   1.00 26.56 ? 22  LYS A C   1 
ATOM   135  O O   . LYS A 1 22  ? 6.568   12.610  6.152   1.00 26.28 ? 22  LYS A O   1 
ATOM   136  C CB  . LYS A 1 22  ? 4.848   9.892   6.990   1.00 28.71 ? 22  LYS A CB  1 
ATOM   137  C CG  . LYS A 1 22  ? 3.877   10.970  7.455   1.00 32.07 ? 22  LYS A CG  1 
ATOM   138  C CD  . LYS A 1 22  ? 2.958   10.430  8.542   1.00 34.83 ? 22  LYS A CD  1 
ATOM   139  C CE  . LYS A 1 22  ? 1.957   11.481  9.003   1.00 37.56 ? 22  LYS A CE  1 
ATOM   140  N NZ  . LYS A 1 22  ? 2.620   12.702  9.546   1.00 39.17 ? 22  LYS A NZ  1 
ATOM   141  N N   . ALA A 1 23  ? 7.732   11.050  7.270   1.00 25.84 ? 23  ALA A N   1 
ATOM   142  C CA  . ALA A 1 23  ? 8.635   12.020  7.878   1.00 28.00 ? 23  ALA A CA  1 
ATOM   143  C C   . ALA A 1 23  ? 9.796   12.490  7.008   1.00 28.51 ? 23  ALA A C   1 
ATOM   144  O O   . ALA A 1 23  ? 10.125  13.678  7.003   1.00 28.96 ? 23  ALA A O   1 
ATOM   145  C CB  . ALA A 1 23  ? 9.183   11.467  9.192   1.00 28.09 ? 23  ALA A CB  1 
ATOM   146  N N   . LYS A 1 24  ? 10.420  11.569  6.281   1.00 27.76 ? 24  LYS A N   1 
ATOM   147  C CA  . LYS A 1 24  ? 11.567  11.927  5.456   1.00 27.46 ? 24  LYS A CA  1 
ATOM   148  C C   . LYS A 1 24  ? 11.323  11.891  3.952   1.00 25.98 ? 24  LYS A C   1 
ATOM   149  O O   . LYS A 1 24  ? 12.169  12.339  3.181   1.00 23.46 ? 24  LYS A O   1 
ATOM   150  C CB  . LYS A 1 24  ? 12.755  11.023  5.801   1.00 29.12 ? 24  LYS A CB  1 
ATOM   151  C CG  . LYS A 1 24  ? 13.146  11.056  7.276   1.00 33.19 ? 24  LYS A CG  1 
ATOM   152  C CD  . LYS A 1 24  ? 13.447  12.472  7.741   1.00 35.69 ? 24  LYS A CD  1 
ATOM   153  C CE  . LYS A 1 24  ? 13.738  12.517  9.235   1.00 40.78 ? 24  LYS A CE  1 
ATOM   154  N NZ  . LYS A 1 24  ? 13.905  13.913  9.730   1.00 41.29 ? 24  LYS A NZ  1 
ATOM   155  N N   . ARG A 1 25  ? 10.171  11.363  3.540   1.00 25.09 ? 25  ARG A N   1 
ATOM   156  C CA  . ARG A 1 25  ? 9.830   11.278  2.120   1.00 25.38 ? 25  ARG A CA  1 
ATOM   157  C C   . ARG A 1 25  ? 10.933  10.557  1.349   1.00 24.00 ? 25  ARG A C   1 
ATOM   158  O O   . ARG A 1 25  ? 11.298  10.949  0.240   1.00 25.47 ? 25  ARG A O   1 
ATOM   159  C CB  . ARG A 1 25  ? 9.632   12.683  1.542   1.00 26.89 ? 25  ARG A CB  1 
ATOM   160  C CG  . ARG A 1 25  ? 8.618   13.519  2.305   1.00 30.41 ? 25  ARG A CG  1 
ATOM   161  C CD  . ARG A 1 25  ? 7.217   12.961  2.156   1.00 35.13 ? 25  ARG A CD  1 
ATOM   162  N NE  . ARG A 1 25  ? 6.291   13.562  3.113   1.00 39.06 ? 25  ARG A NE  1 
ATOM   163  C CZ  . ARG A 1 25  ? 4.981   13.344  3.123   1.00 39.94 ? 25  ARG A CZ  1 
ATOM   164  N NH1 . ARG A 1 25  ? 4.435   12.538  2.221   1.00 40.71 ? 25  ARG A NH1 1 
ATOM   165  N NH2 . ARG A 1 25  ? 4.215   13.932  4.034   1.00 40.27 ? 25  ARG A NH2 1 
ATOM   166  N N   . THR A 1 26  ? 11.453  9.490   1.943   1.00 22.60 ? 26  THR A N   1 
ATOM   167  C CA  . THR A 1 26  ? 12.517  8.714   1.327   1.00 22.83 ? 26  THR A CA  1 
ATOM   168  C C   . THR A 1 26  ? 12.028  7.552   0.461   1.00 22.47 ? 26  THR A C   1 
ATOM   169  O O   . THR A 1 26  ? 12.830  6.877   -0.182  1.00 22.10 ? 26  THR A O   1 
ATOM   170  C CB  . THR A 1 26  ? 13.473  8.158   2.397   1.00 23.35 ? 26  THR A CB  1 
ATOM   171  O OG1 . THR A 1 26  ? 12.719  7.483   3.410   1.00 23.14 ? 26  THR A OG1 1 
ATOM   172  C CG2 . THR A 1 26  ? 14.284  9.289   3.025   1.00 23.61 ? 26  THR A CG2 1 
ATOM   173  N N   . HIS A 1 27  ? 10.716  7.321   0.437   1.00 21.47 ? 27  HIS A N   1 
ATOM   174  C CA  . HIS A 1 27  ? 10.155  6.238   -0.366  1.00 20.35 ? 27  HIS A CA  1 
ATOM   175  C C   . HIS A 1 27  ? 8.947   6.743   -1.155  1.00 20.93 ? 27  HIS A C   1 
ATOM   176  O O   . HIS A 1 27  ? 8.044   7.357   -0.586  1.00 21.26 ? 27  HIS A O   1 
ATOM   177  C CB  . HIS A 1 27  ? 9.704   5.070   0.530   1.00 19.83 ? 27  HIS A CB  1 
ATOM   178  C CG  . HIS A 1 27  ? 10.690  4.694   1.597   1.00 20.28 ? 27  HIS A CG  1 
ATOM   179  N ND1 . HIS A 1 27  ? 11.991  4.334   1.318   1.00 19.78 ? 27  HIS A ND1 1 
ATOM   180  C CD2 . HIS A 1 27  ? 10.554  4.595   2.941   1.00 20.52 ? 27  HIS A CD2 1 
ATOM   181  C CE1 . HIS A 1 27  ? 12.613  4.027   2.444   1.00 21.96 ? 27  HIS A CE1 1 
ATOM   182  N NE2 . HIS A 1 27  ? 11.762  4.177   3.445   1.00 23.47 ? 27  HIS A NE2 1 
ATOM   183  N N   . ARG A 1 28  ? 8.929   6.479   -2.458  1.00 20.71 ? 28  ARG A N   1 
ATOM   184  C CA  . ARG A 1 28  ? 7.808   6.894   -3.304  1.00 21.90 ? 28  ARG A CA  1 
ATOM   185  C C   . ARG A 1 28  ? 6.569   6.088   -2.916  1.00 21.27 ? 28  ARG A C   1 
ATOM   186  O O   . ARG A 1 28  ? 5.447   6.605   -2.888  1.00 20.25 ? 28  ARG A O   1 
ATOM   187  C CB  . ARG A 1 28  ? 8.114   6.620   -4.781  1.00 23.95 ? 28  ARG A CB  1 
ATOM   188  C CG  . ARG A 1 28  ? 6.946   6.900   -5.731  1.00 26.14 ? 28  ARG A CG  1 
ATOM   189  C CD  . ARG A 1 28  ? 6.955   8.342   -6.207  1.00 31.44 ? 28  ARG A CD  1 
ATOM   190  N NE  . ARG A 1 28  ? 6.855   9.274   -5.095  1.00 34.54 ? 28  ARG A NE  1 
ATOM   191  C CZ  . ARG A 1 28  ? 7.143   10.567  -5.169  1.00 36.54 ? 28  ARG A CZ  1 
ATOM   192  N NH1 . ARG A 1 28  ? 7.559   11.099  -6.312  1.00 38.82 ? 28  ARG A NH1 1 
ATOM   193  N NH2 . ARG A 1 28  ? 7.016   11.329  -4.093  1.00 37.28 ? 28  ARG A NH2 1 
ATOM   194  N N   . PHE A 1 29  ? 6.791   4.818   -2.610  1.00 19.14 ? 29  PHE A N   1 
ATOM   195  C CA  . PHE A 1 29  ? 5.699   3.928   -2.260  1.00 19.15 ? 29  PHE A CA  1 
ATOM   196  C C   . PHE A 1 29  ? 6.171   2.757   -1.429  1.00 19.14 ? 29  PHE A C   1 
ATOM   197  O O   . PHE A 1 29  ? 7.369   2.503   -1.305  1.00 17.40 ? 29  PHE A O   1 
ATOM   198  C CB  . PHE A 1 29  ? 5.037   3.402   -3.538  1.00 17.11 ? 29  PHE A CB  1 
ATOM   199  C CG  . PHE A 1 29  ? 5.948   2.553   -4.395  1.00 18.85 ? 29  PHE A CG  1 
ATOM   200  C CD1 . PHE A 1 29  ? 6.254   1.243   -4.033  1.00 17.98 ? 29  PHE A CD1 1 
ATOM   201  C CD2 . PHE A 1 29  ? 6.483   3.058   -5.576  1.00 20.07 ? 29  PHE A CD2 1 
ATOM   202  C CE1 . PHE A 1 29  ? 7.077   0.448   -4.837  1.00 18.98 ? 29  PHE A CE1 1 
ATOM   203  C CE2 . PHE A 1 29  ? 7.307   2.270   -6.387  1.00 19.55 ? 29  PHE A CE2 1 
ATOM   204  C CZ  . PHE A 1 29  ? 7.601   0.964   -6.013  1.00 19.21 ? 29  PHE A CZ  1 
ATOM   205  N N   . ILE A 1 30  ? 5.205   2.046   -0.859  1.00 19.25 ? 30  ILE A N   1 
ATOM   206  C CA  . ILE A 1 30  ? 5.476   0.871   -0.054  1.00 17.89 ? 30  ILE A CA  1 
ATOM   207  C C   . ILE A 1 30  ? 4.367   -0.132  -0.367  1.00 17.50 ? 30  ILE A C   1 
ATOM   208  O O   . ILE A 1 30  ? 3.187   0.224   -0.341  1.00 14.60 ? 30  ILE A O   1 
ATOM   209  C CB  . ILE A 1 30  ? 5.424   1.197   1.458   1.00 18.33 ? 30  ILE A CB  1 
ATOM   210  C CG1 . ILE A 1 30  ? 6.462   2.262   1.810   1.00 18.92 ? 30  ILE A CG1 1 
ATOM   211  C CG2 . ILE A 1 30  ? 5.671   -0.067  2.263   1.00 16.59 ? 30  ILE A CG2 1 
ATOM   212  C CD1 . ILE A 1 30  ? 6.278   2.861   3.200   1.00 19.34 ? 30  ILE A CD1 1 
ATOM   213  N N   . VAL A 1 31  ? 4.740   -1.371  -0.678  1.00 16.57 ? 31  VAL A N   1 
ATOM   214  C CA  . VAL A 1 31  ? 3.744   -2.406  -0.960  1.00 17.69 ? 31  VAL A CA  1 
ATOM   215  C C   . VAL A 1 31  ? 3.741   -3.393  0.205   1.00 20.20 ? 31  VAL A C   1 
ATOM   216  O O   . VAL A 1 31  ? 4.796   -3.901  0.616   1.00 20.55 ? 31  VAL A O   1 
ATOM   217  C CB  . VAL A 1 31  ? 4.040   -3.162  -2.279  1.00 16.90 ? 31  VAL A CB  1 
ATOM   218  C CG1 . VAL A 1 31  ? 2.999   -4.249  -2.494  1.00 16.50 ? 31  VAL A CG1 1 
ATOM   219  C CG2 . VAL A 1 31  ? 4.011   -2.193  -3.456  1.00 14.60 ? 31  VAL A CG2 1 
ATOM   220  N N   . TYR A 1 32  ? 2.551   -3.646  0.738   1.00 20.06 ? 32  TYR A N   1 
ATOM   221  C CA  . TYR A 1 32  ? 2.382   -4.541  1.877   1.00 20.51 ? 32  TYR A CA  1 
ATOM   222  C C   . TYR A 1 32  ? 1.656   -5.805  1.464   1.00 22.33 ? 32  TYR A C   1 
ATOM   223  O O   . TYR A 1 32  ? 0.800   -5.775  0.578   1.00 22.27 ? 32  TYR A O   1 
ATOM   224  C CB  . TYR A 1 32  ? 1.570   -3.845  2.965   1.00 21.56 ? 32  TYR A CB  1 
ATOM   225  C CG  . TYR A 1 32  ? 2.210   -2.598  3.523   1.00 17.77 ? 32  TYR A CG  1 
ATOM   226  C CD1 . TYR A 1 32  ? 3.273   -2.683  4.417   1.00 18.37 ? 32  TYR A CD1 1 
ATOM   227  C CD2 . TYR A 1 32  ? 1.710   -1.334  3.209   1.00 18.55 ? 32  TYR A CD2 1 
ATOM   228  C CE1 . TYR A 1 32  ? 3.822   -1.548  4.994   1.00 17.63 ? 32  TYR A CE1 1 
ATOM   229  C CE2 . TYR A 1 32  ? 2.255   -0.180  3.784   1.00 19.22 ? 32  TYR A CE2 1 
ATOM   230  C CZ  . TYR A 1 32  ? 3.308   -0.300  4.678   1.00 19.22 ? 32  TYR A CZ  1 
ATOM   231  O OH  . TYR A 1 32  ? 3.833   0.815   5.284   1.00 18.37 ? 32  TYR A OH  1 
ATOM   232  N N   . LYS A 1 33  ? 1.996   -6.912  2.120   1.00 22.34 ? 33  LYS A N   1 
ATOM   233  C CA  . LYS A 1 33  ? 1.378   -8.195  1.823   1.00 23.73 ? 33  LYS A CA  1 
ATOM   234  C C   . LYS A 1 33  ? 0.944   -8.893  3.101   1.00 23.74 ? 33  LYS A C   1 
ATOM   235  O O   . LYS A 1 33  ? 1.595   -8.764  4.138   1.00 24.32 ? 33  LYS A O   1 
ATOM   236  C CB  . LYS A 1 33  ? 2.368   -9.099  1.084   1.00 26.18 ? 33  LYS A CB  1 
ATOM   237  C CG  . LYS A 1 33  ? 1.808   -10.465 0.721   1.00 29.29 ? 33  LYS A CG  1 
ATOM   238  C CD  . LYS A 1 33  ? 2.884   -11.363 0.126   1.00 29.91 ? 33  LYS A CD  1 
ATOM   239  C CE  . LYS A 1 33  ? 2.285   -12.677 -0.350  1.00 34.92 ? 33  LYS A CE  1 
ATOM   240  N NZ  . LYS A 1 33  ? 1.558   -13.371 0.744   1.00 34.28 ? 33  LYS A NZ  1 
ATOM   241  N N   . ILE A 1 34  ? -0.161  -9.628  3.023   1.00 23.21 ? 34  ILE A N   1 
ATOM   242  C CA  . ILE A 1 34  ? -0.652  -10.384 4.167   1.00 23.65 ? 34  ILE A CA  1 
ATOM   243  C C   . ILE A 1 34  ? -0.114  -11.809 4.068   1.00 25.23 ? 34  ILE A C   1 
ATOM   244  O O   . ILE A 1 34  ? -0.305  -12.481 3.054   1.00 25.44 ? 34  ILE A O   1 
ATOM   245  C CB  . ILE A 1 34  ? -2.208  -10.450 4.200   1.00 22.28 ? 34  ILE A CB  1 
ATOM   246  C CG1 . ILE A 1 34  ? -2.779  -9.083  4.581   1.00 21.07 ? 34  ILE A CG1 1 
ATOM   247  C CG2 . ILE A 1 34  ? -2.677  -11.513 5.205   1.00 23.21 ? 34  ILE A CG2 1 
ATOM   248  C CD1 . ILE A 1 34  ? -4.297  -9.021  4.597   1.00 18.34 ? 34  ILE A CD1 1 
ATOM   249  N N   . GLU A 1 35  ? 0.591   -12.252 5.105   1.00 25.60 ? 35  GLU A N   1 
ATOM   250  C CA  . GLU A 1 35  ? 1.099   -13.617 5.137   1.00 28.88 ? 35  GLU A CA  1 
ATOM   251  C C   . GLU A 1 35  ? 0.078   -14.331 6.023   1.00 29.56 ? 35  GLU A C   1 
ATOM   252  O O   . GLU A 1 35  ? 0.149   -14.251 7.247   1.00 29.40 ? 35  GLU A O   1 
ATOM   253  C CB  . GLU A 1 35  ? 2.495   -13.665 5.774   1.00 29.47 ? 35  GLU A CB  1 
ATOM   254  C CG  . GLU A 1 35  ? 3.548   -12.851 5.038   1.00 33.07 ? 35  GLU A CG  1 
ATOM   255  C CD  . GLU A 1 35  ? 4.065   -13.535 3.784   1.00 37.30 ? 35  GLU A CD  1 
ATOM   256  O OE1 . GLU A 1 35  ? 3.267   -14.183 3.070   1.00 39.55 ? 35  GLU A OE1 1 
ATOM   257  O OE2 . GLU A 1 35  ? 5.278   -13.412 3.504   1.00 40.17 ? 35  GLU A OE2 1 
ATOM   258  N N   . GLU A 1 36  ? -0.888  -15.001 5.403   1.00 31.64 ? 36  GLU A N   1 
ATOM   259  C CA  . GLU A 1 36  ? -1.925  -15.688 6.166   1.00 32.17 ? 36  GLU A CA  1 
ATOM   260  C C   . GLU A 1 36  ? -1.376  -16.707 7.146   1.00 32.06 ? 36  GLU A C   1 
ATOM   261  O O   . GLU A 1 36  ? -1.801  -16.756 8.302   1.00 31.38 ? 36  GLU A O   1 
ATOM   262  C CB  . GLU A 1 36  ? -2.930  -16.383 5.242   1.00 32.63 ? 36  GLU A CB  1 
ATOM   263  C CG  . GLU A 1 36  ? -3.876  -17.305 6.011   1.00 33.60 ? 36  GLU A CG  1 
ATOM   264  C CD  . GLU A 1 36  ? -5.060  -17.792 5.196   1.00 34.84 ? 36  GLU A CD  1 
ATOM   265  O OE1 . GLU A 1 36  ? -5.085  -17.577 3.964   1.00 34.08 ? 36  GLU A OE1 1 
ATOM   266  O OE2 . GLU A 1 36  ? -5.968  -18.400 5.802   1.00 34.89 ? 36  GLU A OE2 1 
ATOM   267  N N   . LYS A 1 37  ? -0.436  -17.522 6.682   1.00 31.81 ? 37  LYS A N   1 
ATOM   268  C CA  . LYS A 1 37  ? 0.158   -18.551 7.523   1.00 32.12 ? 37  LYS A CA  1 
ATOM   269  C C   . LYS A 1 37  ? 0.686   -17.971 8.828   1.00 30.98 ? 37  LYS A C   1 
ATOM   270  O O   . LYS A 1 37  ? 0.437   -18.517 9.900   1.00 30.08 ? 37  LYS A O   1 
ATOM   271  C CB  . LYS A 1 37  ? 1.268   -19.273 6.757   1.00 33.83 ? 37  LYS A CB  1 
ATOM   272  C CG  . LYS A 1 37  ? 0.755   -20.039 5.540   1.00 35.69 ? 37  LYS A CG  1 
ATOM   273  C CD  . LYS A 1 37  ? 1.902   -20.512 4.652   1.00 40.25 ? 37  LYS A CD  1 
ATOM   274  C CE  . LYS A 1 37  ? 1.396   -21.197 3.391   1.00 38.88 ? 37  LYS A CE  1 
ATOM   275  N NZ  . LYS A 1 37  ? 2.516   -21.560 2.475   1.00 41.72 ? 37  LYS A NZ  1 
ATOM   276  N N   . GLN A 1 38  ? 1.410   -16.860 8.745   1.00 29.93 ? 38  GLN A N   1 
ATOM   277  C CA  . GLN A 1 38  ? 1.936   -16.220 9.950   1.00 29.58 ? 38  GLN A CA  1 
ATOM   278  C C   . GLN A 1 38  ? 0.945   -15.179 10.450  1.00 29.19 ? 38  GLN A C   1 
ATOM   279  O O   . GLN A 1 38  ? 1.188   -14.509 11.460  1.00 29.44 ? 38  GLN A O   1 
ATOM   280  C CB  . GLN A 1 38  ? 3.275   -15.537 9.661   1.00 30.17 ? 38  GLN A CB  1 
ATOM   281  C CG  . GLN A 1 38  ? 4.425   -16.487 9.397   1.00 30.35 ? 38  GLN A CG  1 
ATOM   282  C CD  . GLN A 1 38  ? 4.189   -17.345 8.177   1.00 32.30 ? 38  GLN A CD  1 
ATOM   283  O OE1 . GLN A 1 38  ? 3.963   -16.830 7.081   1.00 31.47 ? 38  GLN A OE1 1 
ATOM   284  N NE2 . GLN A 1 38  ? 4.236   -18.663 8.358   1.00 31.31 ? 38  GLN A NE2 1 
ATOM   285  N N   . LYS A 1 39  ? -0.168  -15.058 9.730   1.00 29.02 ? 39  LYS A N   1 
ATOM   286  C CA  . LYS A 1 39  ? -1.219  -14.091 10.037  1.00 29.59 ? 39  LYS A CA  1 
ATOM   287  C C   . LYS A 1 39  ? -0.658  -12.744 10.444  1.00 29.12 ? 39  LYS A C   1 
ATOM   288  O O   . LYS A 1 39  ? -0.821  -12.301 11.578  1.00 29.85 ? 39  LYS A O   1 
ATOM   289  C CB  . LYS A 1 39  ? -2.157  -14.625 11.122  1.00 32.62 ? 39  LYS A CB  1 
ATOM   290  C CG  . LYS A 1 39  ? -3.133  -15.661 10.586  1.00 34.54 ? 39  LYS A CG  1 
ATOM   291  C CD  . LYS A 1 39  ? -4.128  -16.114 11.622  1.00 37.66 ? 39  LYS A CD  1 
ATOM   292  C CE  . LYS A 1 39  ? -5.125  -17.083 11.002  1.00 39.59 ? 39  LYS A CE  1 
ATOM   293  N NZ  . LYS A 1 39  ? -4.437  -18.265 10.403  1.00 40.42 ? 39  LYS A NZ  1 
ATOM   294  N N   . GLN A 1 40  ? 0.016   -12.092 9.507   1.00 28.85 ? 40  GLN A N   1 
ATOM   295  C CA  . GLN A 1 40  ? 0.593   -10.788 9.783   1.00 28.26 ? 40  GLN A CA  1 
ATOM   296  C C   . GLN A 1 40  ? 0.826   -10.041 8.484   1.00 26.57 ? 40  GLN A C   1 
ATOM   297  O O   . GLN A 1 40  ? 1.114   -10.647 7.450   1.00 25.98 ? 40  GLN A O   1 
ATOM   298  C CB  . GLN A 1 40  ? 1.928   -10.928 10.528  1.00 29.12 ? 40  GLN A CB  1 
ATOM   299  C CG  . GLN A 1 40  ? 3.129   -11.185 9.624   1.00 31.55 ? 40  GLN A CG  1 
ATOM   300  C CD  . GLN A 1 40  ? 4.451   -11.238 10.381  1.00 31.54 ? 40  GLN A CD  1 
ATOM   301  O OE1 . GLN A 1 40  ? 4.654   -10.517 11.358  1.00 30.36 ? 40  GLN A OE1 1 
ATOM   302  N NE2 . GLN A 1 40  ? 5.361   -12.084 9.916   1.00 30.77 ? 40  GLN A NE2 1 
ATOM   303  N N   . VAL A 1 41  ? 0.686   -8.722  8.542   1.00 24.74 ? 41  VAL A N   1 
ATOM   304  C CA  . VAL A 1 41  ? 0.923   -7.898  7.369   1.00 23.12 ? 41  VAL A CA  1 
ATOM   305  C C   . VAL A 1 41  ? 2.415   -7.572  7.385   1.00 22.40 ? 41  VAL A C   1 
ATOM   306  O O   . VAL A 1 41  ? 2.959   -7.161  8.417   1.00 22.39 ? 41  VAL A O   1 
ATOM   307  C CB  . VAL A 1 41  ? 0.124   -6.580  7.428   1.00 22.93 ? 41  VAL A CB  1 
ATOM   308  C CG1 . VAL A 1 41  ? 0.286   -5.823  6.109   1.00 21.73 ? 41  VAL A CG1 1 
ATOM   309  C CG2 . VAL A 1 41  ? -1.341  -6.866  7.718   1.00 22.86 ? 41  VAL A CG2 1 
ATOM   310  N N   . VAL A 1 42  ? 3.080   -7.765  6.255   1.00 21.54 ? 42  VAL A N   1 
ATOM   311  C CA  . VAL A 1 42  ? 4.506   -7.477  6.170   1.00 21.42 ? 42  VAL A CA  1 
ATOM   312  C C   . VAL A 1 42  ? 4.846   -6.547  5.009   1.00 21.44 ? 42  VAL A C   1 
ATOM   313  O O   . VAL A 1 42  ? 4.020   -6.300  4.122   1.00 21.36 ? 42  VAL A O   1 
ATOM   314  C CB  . VAL A 1 42  ? 5.321   -8.777  5.990   1.00 23.40 ? 42  VAL A CB  1 
ATOM   315  C CG1 . VAL A 1 42  ? 4.983   -9.768  7.106   1.00 22.94 ? 42  VAL A CG1 1 
ATOM   316  C CG2 . VAL A 1 42  ? 5.026   -9.390  4.625   1.00 20.08 ? 42  VAL A CG2 1 
ATOM   317  N N   . VAL A 1 43  ? 6.068   -6.028  5.025   1.00 21.38 ? 43  VAL A N   1 
ATOM   318  C CA  . VAL A 1 43  ? 6.535   -5.160  3.960   1.00 22.94 ? 43  VAL A CA  1 
ATOM   319  C C   . VAL A 1 43  ? 7.048   -6.069  2.843   1.00 24.90 ? 43  VAL A C   1 
ATOM   320  O O   . VAL A 1 43  ? 7.869   -6.957  3.090   1.00 23.68 ? 43  VAL A O   1 
ATOM   321  C CB  . VAL A 1 43  ? 7.694   -4.253  4.430   1.00 22.48 ? 43  VAL A CB  1 
ATOM   322  C CG1 . VAL A 1 43  ? 8.256   -3.485  3.250   1.00 23.38 ? 43  VAL A CG1 1 
ATOM   323  C CG2 . VAL A 1 43  ? 7.203   -3.286  5.500   1.00 20.59 ? 43  VAL A CG2 1 
ATOM   324  N N   . GLU A 1 44  ? 6.556   -5.864  1.623   1.00 24.15 ? 44  GLU A N   1 
ATOM   325  C CA  . GLU A 1 44  ? 6.996   -6.668  0.494   1.00 25.03 ? 44  GLU A CA  1 
ATOM   326  C C   . GLU A 1 44  ? 7.980   -5.882  -0.352  1.00 25.58 ? 44  GLU A C   1 
ATOM   327  O O   . GLU A 1 44  ? 9.012   -6.406  -0.757  1.00 26.63 ? 44  GLU A O   1 
ATOM   328  C CB  . GLU A 1 44  ? 5.808   -7.103  -0.376  1.00 24.58 ? 44  GLU A CB  1 
ATOM   329  C CG  . GLU A 1 44  ? 6.222   -7.932  -1.588  1.00 25.64 ? 44  GLU A CG  1 
ATOM   330  C CD  . GLU A 1 44  ? 5.043   -8.428  -2.396  1.00 26.83 ? 44  GLU A CD  1 
ATOM   331  O OE1 . GLU A 1 44  ? 4.285   -7.592  -2.936  1.00 29.13 ? 44  GLU A OE1 1 
ATOM   332  O OE2 . GLU A 1 44  ? 4.867   -9.663  -2.488  1.00 29.25 ? 44  GLU A OE2 1 
ATOM   333  N N   . LYS A 1 45  ? 7.663   -4.622  -0.620  1.00 25.79 ? 45  LYS A N   1 
ATOM   334  C CA  . LYS A 1 45  ? 8.541   -3.784  -1.424  1.00 27.47 ? 45  LYS A CA  1 
ATOM   335  C C   . LYS A 1 45  ? 8.513   -2.326  -0.982  1.00 27.15 ? 45  LYS A C   1 
ATOM   336  O O   . LYS A 1 45  ? 7.471   -1.804  -0.589  1.00 27.85 ? 45  LYS A O   1 
ATOM   337  C CB  . LYS A 1 45  ? 8.168   -3.905  -2.909  1.00 30.09 ? 45  LYS A CB  1 
ATOM   338  C CG  . LYS A 1 45  ? 8.469   -5.296  -3.466  1.00 36.32 ? 45  LYS A CG  1 
ATOM   339  C CD  . LYS A 1 45  ? 7.880   -5.530  -4.842  1.00 38.51 ? 45  LYS A CD  1 
ATOM   340  C CE  . LYS A 1 45  ? 7.966   -7.009  -5.226  1.00 39.91 ? 45  LYS A CE  1 
ATOM   341  N NZ  . LYS A 1 45  ? 7.089   -7.342  -6.394  1.00 41.27 ? 45  LYS A NZ  1 
ATOM   342  N N   . VAL A 1 46  ? 9.674   -1.684  -1.042  1.00 26.16 ? 46  VAL A N   1 
ATOM   343  C CA  . VAL A 1 46  ? 9.820   -0.286  -0.660  1.00 27.51 ? 46  VAL A CA  1 
ATOM   344  C C   . VAL A 1 46  ? 10.479  0.438   -1.824  1.00 28.77 ? 46  VAL A C   1 
ATOM   345  O O   . VAL A 1 46  ? 11.570  0.066   -2.245  1.00 27.99 ? 46  VAL A O   1 
ATOM   346  C CB  . VAL A 1 46  ? 10.719  -0.139  0.587   1.00 28.24 ? 46  VAL A CB  1 
ATOM   347  C CG1 . VAL A 1 46  ? 10.817  1.329   0.988   1.00 25.55 ? 46  VAL A CG1 1 
ATOM   348  C CG2 . VAL A 1 46  ? 10.157  -0.981  1.741   1.00 26.30 ? 46  VAL A CG2 1 
ATOM   349  N N   . GLY A 1 47  ? 9.823   1.469   -2.348  1.00 30.13 ? 47  GLY A N   1 
ATOM   350  C CA  . GLY A 1 47  ? 10.391  2.192   -3.475  1.00 30.97 ? 47  GLY A CA  1 
ATOM   351  C C   . GLY A 1 47  ? 11.342  3.310   -3.096  1.00 32.27 ? 47  GLY A C   1 
ATOM   352  O O   . GLY A 1 47  ? 11.347  3.784   -1.958  1.00 33.58 ? 47  GLY A O   1 
ATOM   353  N N   . GLN A 1 48  ? 12.168  3.720   -4.053  1.00 34.20 ? 48  GLN A N   1 
ATOM   354  C CA  . GLN A 1 48  ? 13.107  4.813   -3.844  1.00 36.27 ? 48  GLN A CA  1 
ATOM   355  C C   . GLN A 1 48  ? 12.285  6.101   -3.830  1.00 35.64 ? 48  GLN A C   1 
ATOM   356  O O   . GLN A 1 48  ? 11.136  6.102   -4.265  1.00 37.40 ? 48  GLN A O   1 
ATOM   357  C CB  . GLN A 1 48  ? 14.127  4.855   -4.982  1.00 38.53 ? 48  GLN A CB  1 
ATOM   358  C CG  . GLN A 1 48  ? 15.257  3.851   -4.866  1.00 43.17 ? 48  GLN A CG  1 
ATOM   359  C CD  . GLN A 1 48  ? 16.047  4.027   -3.586  1.00 45.52 ? 48  GLN A CD  1 
ATOM   360  O OE1 . GLN A 1 48  ? 15.695  3.476   -2.546  1.00 47.91 ? 48  GLN A OE1 1 
ATOM   361  N NE2 . GLN A 1 48  ? 17.112  4.816   -3.651  1.00 46.90 ? 48  GLN A NE2 1 
ATOM   362  N N   . PRO A 1 49  ? 12.866  7.218   -3.356  1.00 35.73 ? 49  PRO A N   1 
ATOM   363  C CA  . PRO A 1 49  ? 12.112  8.477   -3.317  1.00 35.67 ? 49  PRO A CA  1 
ATOM   364  C C   . PRO A 1 49  ? 11.379  8.809   -4.609  1.00 35.24 ? 49  PRO A C   1 
ATOM   365  O O   . PRO A 1 49  ? 10.280  9.360   -4.582  1.00 34.02 ? 49  PRO A O   1 
ATOM   366  C CB  . PRO A 1 49  ? 13.169  9.521   -2.940  1.00 35.54 ? 49  PRO A CB  1 
ATOM   367  C CG  . PRO A 1 49  ? 14.483  8.862   -3.303  1.00 37.25 ? 49  PRO A CG  1 
ATOM   368  C CD  . PRO A 1 49  ? 14.266  7.424   -2.950  1.00 35.95 ? 49  PRO A CD  1 
ATOM   369  N N   . ILE A 1 50  ? 11.993  8.473   -5.738  1.00 35.28 ? 50  ILE A N   1 
ATOM   370  C CA  . ILE A 1 50  ? 11.382  8.720   -7.035  1.00 36.24 ? 50  ILE A CA  1 
ATOM   371  C C   . ILE A 1 50  ? 11.245  7.415   -7.815  1.00 36.15 ? 50  ILE A C   1 
ATOM   372  O O   . ILE A 1 50  ? 12.219  6.705   -8.045  1.00 37.13 ? 50  ILE A O   1 
ATOM   373  C CB  . ILE A 1 50  ? 12.205  9.734   -7.873  1.00 38.46 ? 50  ILE A CB  1 
ATOM   374  C CG1 . ILE A 1 50  ? 12.205  11.102  -7.181  1.00 38.84 ? 50  ILE A CG1 1 
ATOM   375  C CG2 . ILE A 1 50  ? 11.611  9.857   -9.282  1.00 39.57 ? 50  ILE A CG2 1 
ATOM   376  C CD1 . ILE A 1 50  ? 12.987  12.182  -7.931  1.00 41.28 ? 50  ILE A CD1 1 
ATOM   377  N N   . GLN A 1 51  ? 10.015  7.105   -8.204  1.00 35.77 ? 51  GLN A N   1 
ATOM   378  C CA  . GLN A 1 51  ? 9.710   5.896   -8.956  1.00 33.96 ? 51  GLN A CA  1 
ATOM   379  C C   . GLN A 1 51  ? 8.621   6.245   -9.961  1.00 33.34 ? 51  GLN A C   1 
ATOM   380  O O   . GLN A 1 51  ? 7.786   7.112   -9.701  1.00 33.59 ? 51  GLN A O   1 
ATOM   381  C CB  . GLN A 1 51  ? 9.192   4.804   -8.013  1.00 34.70 ? 51  GLN A CB  1 
ATOM   382  C CG  . GLN A 1 51  ? 10.158  4.376   -6.922  1.00 32.35 ? 51  GLN A CG  1 
ATOM   383  C CD  . GLN A 1 51  ? 11.178  3.363   -7.404  1.00 34.93 ? 51  GLN A CD  1 
ATOM   384  O OE1 . GLN A 1 51  ? 11.948  2.813   -6.612  1.00 34.04 ? 51  GLN A OE1 1 
ATOM   385  N NE2 . GLN A 1 51  ? 11.189  3.106   -8.707  1.00 32.09 ? 51  GLN A NE2 1 
ATOM   386  N N   . THR A 1 52  ? 8.629   5.582   -11.109 1.00 31.41 ? 52  THR A N   1 
ATOM   387  C CA  . THR A 1 52  ? 7.612   5.846   -12.115 1.00 31.66 ? 52  THR A CA  1 
ATOM   388  C C   . THR A 1 52  ? 6.339   5.084   -11.753 1.00 30.84 ? 52  THR A C   1 
ATOM   389  O O   . THR A 1 52  ? 6.342   4.226   -10.867 1.00 28.25 ? 52  THR A O   1 
ATOM   390  C CB  . THR A 1 52  ? 8.058   5.383   -13.508 1.00 32.53 ? 52  THR A CB  1 
ATOM   391  O OG1 . THR A 1 52  ? 8.118   3.953   -13.534 1.00 34.80 ? 52  THR A OG1 1 
ATOM   392  C CG2 . THR A 1 52  ? 9.431   5.955   -13.850 1.00 34.07 ? 52  THR A CG2 1 
ATOM   393  N N   . TYR A 1 53  ? 5.249   5.412   -12.436 1.00 30.97 ? 53  TYR A N   1 
ATOM   394  C CA  . TYR A 1 53  ? 3.984   4.734   -12.202 1.00 29.77 ? 53  TYR A CA  1 
ATOM   395  C C   . TYR A 1 53  ? 4.168   3.282   -12.624 1.00 28.05 ? 53  TYR A C   1 
ATOM   396  O O   . TYR A 1 53  ? 3.666   2.371   -11.973 1.00 26.91 ? 53  TYR A O   1 
ATOM   397  C CB  . TYR A 1 53  ? 2.873   5.375   -13.039 1.00 30.32 ? 53  TYR A CB  1 
ATOM   398  C CG  . TYR A 1 53  ? 1.619   4.535   -13.123 1.00 30.66 ? 53  TYR A CG  1 
ATOM   399  C CD1 . TYR A 1 53  ? 0.686   4.521   -12.084 1.00 32.09 ? 53  TYR A CD1 1 
ATOM   400  C CD2 . TYR A 1 53  ? 1.394   3.707   -14.220 1.00 30.94 ? 53  TYR A CD2 1 
ATOM   401  C CE1 . TYR A 1 53  ? -0.434  3.700   -12.140 1.00 29.53 ? 53  TYR A CE1 1 
ATOM   402  C CE2 . TYR A 1 53  ? 0.281   2.882   -14.282 1.00 29.52 ? 53  TYR A CE2 1 
ATOM   403  C CZ  . TYR A 1 53  ? -0.624  2.882   -13.240 1.00 28.73 ? 53  TYR A CZ  1 
ATOM   404  O OH  . TYR A 1 53  ? -1.701  2.034   -13.289 1.00 29.30 ? 53  TYR A OH  1 
ATOM   405  N N   . GLU A 1 54  ? 4.897   3.073   -13.717 1.00 27.82 ? 54  GLU A N   1 
ATOM   406  C CA  . GLU A 1 54  ? 5.127   1.721   -14.216 1.00 29.52 ? 54  GLU A CA  1 
ATOM   407  C C   . GLU A 1 54  ? 5.882   0.843   -13.228 1.00 27.15 ? 54  GLU A C   1 
ATOM   408  O O   . GLU A 1 54  ? 5.589   -0.345  -13.093 1.00 25.30 ? 54  GLU A O   1 
ATOM   409  C CB  . GLU A 1 54  ? 5.890   1.752   -15.541 1.00 31.28 ? 54  GLU A CB  1 
ATOM   410  C CG  . GLU A 1 54  ? 5.105   2.354   -16.688 1.00 38.16 ? 54  GLU A CG  1 
ATOM   411  C CD  . GLU A 1 54  ? 5.792   2.163   -18.024 1.00 40.62 ? 54  GLU A CD  1 
ATOM   412  O OE1 . GLU A 1 54  ? 6.915   2.682   -18.200 1.00 43.09 ? 54  GLU A OE1 1 
ATOM   413  O OE2 . GLU A 1 54  ? 5.208   1.487   -18.896 1.00 42.55 ? 54  GLU A OE2 1 
ATOM   414  N N   . GLU A 1 55  ? 6.855   1.425   -12.538 1.00 26.24 ? 55  GLU A N   1 
ATOM   415  C CA  . GLU A 1 55  ? 7.641   0.658   -11.585 1.00 26.29 ? 55  GLU A CA  1 
ATOM   416  C C   . GLU A 1 55  ? 6.785   0.279   -10.379 1.00 24.41 ? 55  GLU A C   1 
ATOM   417  O O   . GLU A 1 55  ? 6.961   -0.792  -9.803  1.00 22.43 ? 55  GLU A O   1 
ATOM   418  C CB  . GLU A 1 55  ? 8.882   1.458   -11.175 1.00 27.73 ? 55  GLU A CB  1 
ATOM   419  C CG  . GLU A 1 55  ? 9.756   1.809   -12.383 1.00 31.43 ? 55  GLU A CG  1 
ATOM   420  C CD  . GLU A 1 55  ? 10.923  2.717   -12.049 1.00 33.48 ? 55  GLU A CD  1 
ATOM   421  O OE1 . GLU A 1 55  ? 10.739  3.671   -11.266 1.00 32.39 ? 55  GLU A OE1 1 
ATOM   422  O OE2 . GLU A 1 55  ? 12.026  2.486   -12.587 1.00 37.80 ? 55  GLU A OE2 1 
ATOM   423  N N   . PHE A 1 56  ? 5.849   1.152   -10.017 1.00 21.22 ? 56  PHE A N   1 
ATOM   424  C CA  . PHE A 1 56  ? 4.955   0.884   -8.895  1.00 20.97 ? 56  PHE A CA  1 
ATOM   425  C C   . PHE A 1 56  ? 3.952   -0.182  -9.310  1.00 18.87 ? 56  PHE A C   1 
ATOM   426  O O   . PHE A 1 56  ? 3.742   -1.160  -8.602  1.00 18.71 ? 56  PHE A O   1 
ATOM   427  C CB  . PHE A 1 56  ? 4.201   2.155   -8.488  1.00 20.89 ? 56  PHE A CB  1 
ATOM   428  C CG  . PHE A 1 56  ? 3.108   1.912   -7.488  1.00 20.41 ? 56  PHE A CG  1 
ATOM   429  C CD1 . PHE A 1 56  ? 3.389   1.322   -6.261  1.00 20.63 ? 56  PHE A CD1 1 
ATOM   430  C CD2 . PHE A 1 56  ? 1.794   2.267   -7.774  1.00 21.31 ? 56  PHE A CD2 1 
ATOM   431  C CE1 . PHE A 1 56  ? 2.376   1.084   -5.331  1.00 19.87 ? 56  PHE A CE1 1 
ATOM   432  C CE2 . PHE A 1 56  ? 0.773   2.034   -6.848  1.00 21.98 ? 56  PHE A CE2 1 
ATOM   433  C CZ  . PHE A 1 56  ? 1.069   1.440   -5.626  1.00 18.75 ? 56  PHE A CZ  1 
ATOM   434  N N   . ALA A 1 57  ? 3.327   0.029   -10.464 1.00 18.83 ? 57  ALA A N   1 
ATOM   435  C CA  . ALA A 1 57  ? 2.355   -0.910  -10.999 1.00 20.39 ? 57  ALA A CA  1 
ATOM   436  C C   . ALA A 1 57  ? 2.971   -2.303  -11.129 1.00 21.30 ? 57  ALA A C   1 
ATOM   437  O O   . ALA A 1 57  ? 2.307   -3.305  -10.892 1.00 22.85 ? 57  ALA A O   1 
ATOM   438  C CB  . ALA A 1 57  ? 1.859   -0.423  -12.361 1.00 20.53 ? 57  ALA A CB  1 
ATOM   439  N N   . ALA A 1 58  ? 4.242   -2.363  -11.509 1.00 22.58 ? 58  ALA A N   1 
ATOM   440  C CA  . ALA A 1 58  ? 4.922   -3.644  -11.652 1.00 24.96 ? 58  ALA A CA  1 
ATOM   441  C C   . ALA A 1 58  ? 4.968   -4.381  -10.311 1.00 26.90 ? 58  ALA A C   1 
ATOM   442  O O   . ALA A 1 58  ? 5.059   -5.609  -10.267 1.00 28.60 ? 58  ALA A O   1 
ATOM   443  C CB  . ALA A 1 58  ? 6.338   -3.426  -12.174 1.00 26.19 ? 58  ALA A CB  1 
ATOM   444  N N   . CYS A 1 59  ? 4.888   -3.623  -9.220  1.00 25.37 ? 59  CYS A N   1 
ATOM   445  C CA  . CYS A 1 59  ? 4.939   -4.188  -7.876  1.00 25.17 ? 59  CYS A CA  1 
ATOM   446  C C   . CYS A 1 59  ? 3.604   -4.688  -7.344  1.00 24.69 ? 59  CYS A C   1 
ATOM   447  O O   . CYS A 1 59  ? 3.529   -5.180  -6.217  1.00 25.45 ? 59  CYS A O   1 
ATOM   448  C CB  . CYS A 1 59  ? 5.525   -3.158  -6.906  1.00 23.46 ? 59  CYS A CB  1 
ATOM   449  S SG  . CYS A 1 59  ? 7.244   -2.772  -7.249  1.00 26.69 ? 59  CYS A SG  1 
ATOM   450  N N   . LEU A 1 60  ? 2.550   -4.540  -8.140  1.00 22.87 ? 60  LEU A N   1 
ATOM   451  C CA  . LEU A 1 60  ? 1.227   -5.012  -7.757  1.00 23.10 ? 60  LEU A CA  1 
ATOM   452  C C   . LEU A 1 60  ? 0.927   -6.226  -8.636  1.00 23.25 ? 60  LEU A C   1 
ATOM   453  O O   . LEU A 1 60  ? 0.696   -6.092  -9.837  1.00 23.10 ? 60  LEU A O   1 
ATOM   454  C CB  . LEU A 1 60  ? 0.177   -3.919  -7.991  1.00 22.34 ? 60  LEU A CB  1 
ATOM   455  C CG  . LEU A 1 60  ? 0.384   -2.619  -7.207  1.00 22.78 ? 60  LEU A CG  1 
ATOM   456  C CD1 . LEU A 1 60  ? -0.751  -1.647  -7.503  1.00 23.55 ? 60  LEU A CD1 1 
ATOM   457  C CD2 . LEU A 1 60  ? 0.444   -2.930  -5.722  1.00 21.68 ? 60  LEU A CD2 1 
ATOM   458  N N   . PRO A 1 61  ? 0.932   -7.429  -8.041  1.00 23.74 ? 61  PRO A N   1 
ATOM   459  C CA  . PRO A 1 61  ? 0.669   -8.684  -8.760  1.00 23.95 ? 61  PRO A CA  1 
ATOM   460  C C   . PRO A 1 61  ? -0.716  -8.759  -9.392  1.00 23.37 ? 61  PRO A C   1 
ATOM   461  O O   . PRO A 1 61  ? -1.716  -8.427  -8.765  1.00 22.17 ? 61  PRO A O   1 
ATOM   462  C CB  . PRO A 1 61  ? 0.891   -9.747  -7.685  1.00 23.14 ? 61  PRO A CB  1 
ATOM   463  C CG  . PRO A 1 61  ? 0.492   -9.035  -6.427  1.00 24.55 ? 61  PRO A CG  1 
ATOM   464  C CD  . PRO A 1 61  ? 1.115   -7.675  -6.599  1.00 23.59 ? 61  PRO A CD  1 
ATOM   465  N N   . ALA A 1 62  ? -0.766  -9.204  -10.643 1.00 22.20 ? 62  ALA A N   1 
ATOM   466  C CA  . ALA A 1 62  ? -2.028  -9.310  -11.361 1.00 22.36 ? 62  ALA A CA  1 
ATOM   467  C C   . ALA A 1 62  ? -2.915  -10.405 -10.778 1.00 23.21 ? 62  ALA A C   1 
ATOM   468  O O   . ALA A 1 62  ? -4.124  -10.421 -11.007 1.00 22.44 ? 62  ALA A O   1 
ATOM   469  C CB  . ALA A 1 62  ? -1.759  -9.592  -12.843 1.00 24.08 ? 62  ALA A CB  1 
ATOM   470  N N   . ASP A 1 63  ? -2.321  -11.302 -10.000 1.00 23.08 ? 63  ASP A N   1 
ATOM   471  C CA  . ASP A 1 63  ? -3.073  -12.420 -9.440  1.00 24.29 ? 63  ASP A CA  1 
ATOM   472  C C   . ASP A 1 63  ? -3.282  -12.384 -7.930  1.00 23.51 ? 63  ASP A C   1 
ATOM   473  O O   . ASP A 1 63  ? -3.901  -13.293 -7.379  1.00 22.58 ? 63  ASP A O   1 
ATOM   474  C CB  . ASP A 1 63  ? -2.366  -13.729 -9.812  1.00 27.14 ? 63  ASP A CB  1 
ATOM   475  C CG  . ASP A 1 63  ? -0.972  -13.820 -9.221  1.00 30.40 ? 63  ASP A CG  1 
ATOM   476  O OD1 . ASP A 1 63  ? -0.260  -12.792 -9.217  1.00 31.71 ? 63  ASP A OD1 1 
ATOM   477  O OD2 . ASP A 1 63  ? -0.579  -14.914 -8.764  1.00 33.83 ? 63  ASP A OD2 1 
ATOM   478  N N   . GLU A 1 64  ? -2.776  -11.348 -7.260  1.00 21.46 ? 64  GLU A N   1 
ATOM   479  C CA  . GLU A 1 64  ? -2.913  -11.263 -5.810  1.00 21.08 ? 64  GLU A CA  1 
ATOM   480  C C   . GLU A 1 64  ? -3.191  -9.864  -5.254  1.00 20.24 ? 64  GLU A C   1 
ATOM   481  O O   . GLU A 1 64  ? -2.718  -8.864  -5.791  1.00 17.80 ? 64  GLU A O   1 
ATOM   482  C CB  . GLU A 1 64  ? -1.647  -11.806 -5.140  1.00 24.90 ? 64  GLU A CB  1 
ATOM   483  C CG  . GLU A 1 64  ? -1.494  -13.320 -5.195  1.00 30.09 ? 64  GLU A CG  1 
ATOM   484  C CD  . GLU A 1 64  ? -0.175  -13.786 -4.604  1.00 33.23 ? 64  GLU A CD  1 
ATOM   485  O OE1 . GLU A 1 64  ? 0.277   -13.195 -3.596  1.00 34.48 ? 64  GLU A OE1 1 
ATOM   486  O OE2 . GLU A 1 64  ? 0.406   -14.752 -5.137  1.00 36.11 ? 64  GLU A OE2 1 
ATOM   487  N N   . CYS A 1 65  ? -3.944  -9.816  -4.157  1.00 19.04 ? 65  CYS A N   1 
ATOM   488  C CA  . CYS A 1 65  ? -4.263  -8.554  -3.496  1.00 19.98 ? 65  CYS A CA  1 
ATOM   489  C C   . CYS A 1 65  ? -3.034  -8.073  -2.725  1.00 20.37 ? 65  CYS A C   1 
ATOM   490  O O   . CYS A 1 65  ? -2.132  -8.859  -2.418  1.00 21.35 ? 65  CYS A O   1 
ATOM   491  C CB  . CYS A 1 65  ? -5.423  -8.738  -2.503  1.00 18.29 ? 65  CYS A CB  1 
ATOM   492  S SG  . CYS A 1 65  ? -7.034  -9.176  -3.222  1.00 19.14 ? 65  CYS A SG  1 
ATOM   493  N N   . ARG A 1 66  ? -3.010  -6.777  -2.426  1.00 19.55 ? 66  ARG A N   1 
ATOM   494  C CA  . ARG A 1 66  ? -1.942  -6.146  -1.650  1.00 19.34 ? 66  ARG A CA  1 
ATOM   495  C C   . ARG A 1 66  ? -2.508  -4.844  -1.076  1.00 19.67 ? 66  ARG A C   1 
ATOM   496  O O   . ARG A 1 66  ? -3.615  -4.435  -1.426  1.00 17.68 ? 66  ARG A O   1 
ATOM   497  C CB  . ARG A 1 66  ? -0.743  -5.768  -2.536  1.00 20.00 ? 66  ARG A CB  1 
ATOM   498  C CG  . ARG A 1 66  ? 0.110   -6.921  -3.079  1.00 21.55 ? 66  ARG A CG  1 
ATOM   499  C CD  . ARG A 1 66  ? 0.888   -7.621  -1.976  1.00 19.39 ? 66  ARG A CD  1 
ATOM   500  N NE  . ARG A 1 66  ? 1.819   -8.617  -2.508  1.00 22.79 ? 66  ARG A NE  1 
ATOM   501  C CZ  . ARG A 1 66  ? 1.486   -9.852  -2.881  1.00 25.13 ? 66  ARG A CZ  1 
ATOM   502  N NH1 . ARG A 1 66  ? 0.228   -10.271 -2.787  1.00 24.05 ? 66  ARG A NH1 1 
ATOM   503  N NH2 . ARG A 1 66  ? 2.421   -10.672 -3.356  1.00 22.89 ? 66  ARG A NH2 1 
ATOM   504  N N   . TYR A 1 67  ? -1.748  -4.227  -0.173  1.00 19.01 ? 67  TYR A N   1 
ATOM   505  C CA  . TYR A 1 67  ? -2.096  -2.922  0.380   1.00 18.54 ? 67  TYR A CA  1 
ATOM   506  C C   . TYR A 1 67  ? -0.872  -2.137  -0.048  1.00 17.97 ? 67  TYR A C   1 
ATOM   507  O O   . TYR A 1 67  ? 0.215   -2.709  -0.208  1.00 15.60 ? 67  TYR A O   1 
ATOM   508  C CB  . TYR A 1 67  ? -2.142  -2.897  1.912   1.00 19.02 ? 67  TYR A CB  1 
ATOM   509  C CG  . TYR A 1 67  ? -3.227  -3.718  2.563   1.00 20.14 ? 67  TYR A CG  1 
ATOM   510  C CD1 . TYR A 1 67  ? -4.570  -3.573  2.201   1.00 20.03 ? 67  TYR A CD1 1 
ATOM   511  C CD2 . TYR A 1 67  ? -2.915  -4.594  3.599   1.00 20.64 ? 67  TYR A CD2 1 
ATOM   512  C CE1 . TYR A 1 67  ? -5.578  -4.288  2.873   1.00 20.27 ? 67  TYR A CE1 1 
ATOM   513  C CE2 . TYR A 1 67  ? -3.905  -5.307  4.267   1.00 20.86 ? 67  TYR A CE2 1 
ATOM   514  C CZ  . TYR A 1 67  ? -5.227  -5.151  3.907   1.00 21.76 ? 67  TYR A CZ  1 
ATOM   515  O OH  . TYR A 1 67  ? -6.184  -5.860  4.598   1.00 23.48 ? 67  TYR A OH  1 
ATOM   516  N N   . ALA A 1 68  ? -1.031  -0.836  -0.229  1.00 16.02 ? 68  ALA A N   1 
ATOM   517  C CA  . ALA A 1 68  ? 0.095   -0.023  -0.627  1.00 15.08 ? 68  ALA A CA  1 
ATOM   518  C C   . ALA A 1 68  ? -0.098  1.421   -0.220  1.00 15.92 ? 68  ALA A C   1 
ATOM   519  O O   . ALA A 1 68  ? -1.230  1.906   -0.099  1.00 15.00 ? 68  ALA A O   1 
ATOM   520  C CB  . ALA A 1 68  ? 0.297   -0.117  -2.137  1.00 17.00 ? 68  ALA A CB  1 
ATOM   521  N N   . ILE A 1 69  ? 1.022   2.092   0.014   1.00 16.81 ? 69  ILE A N   1 
ATOM   522  C CA  . ILE A 1 69  ? 1.023   3.503   0.355   1.00 17.48 ? 69  ILE A CA  1 
ATOM   523  C C   . ILE A 1 69  ? 1.786   4.156   -0.782  1.00 19.28 ? 69  ILE A C   1 
ATOM   524  O O   . ILE A 1 69  ? 2.849   3.675   -1.188  1.00 18.94 ? 69  ILE A O   1 
ATOM   525  C CB  . ILE A 1 69  ? 1.757   3.795   1.689   1.00 18.28 ? 69  ILE A CB  1 
ATOM   526  C CG1 . ILE A 1 69  ? 0.878   3.387   2.875   1.00 18.27 ? 69  ILE A CG1 1 
ATOM   527  C CG2 . ILE A 1 69  ? 2.075   5.292   1.787   1.00 18.47 ? 69  ILE A CG2 1 
ATOM   528  C CD1 . ILE A 1 69  ? -0.314  4.337   3.139   1.00 17.93 ? 69  ILE A CD1 1 
ATOM   529  N N   . TYR A 1 70  ? 1.232   5.238   -1.312  1.00 18.33 ? 70  TYR A N   1 
ATOM   530  C CA  . TYR A 1 70  ? 1.876   5.944   -2.401  1.00 19.40 ? 70  TYR A CA  1 
ATOM   531  C C   . TYR A 1 70  ? 1.898   7.429   -2.074  1.00 20.08 ? 70  TYR A C   1 
ATOM   532  O O   . TYR A 1 70  ? 0.857   8.033   -1.794  1.00 20.69 ? 70  TYR A O   1 
ATOM   533  C CB  . TYR A 1 70  ? 1.118   5.691   -3.713  1.00 18.60 ? 70  TYR A CB  1 
ATOM   534  C CG  . TYR A 1 70  ? 1.887   6.107   -4.948  1.00 19.26 ? 70  TYR A CG  1 
ATOM   535  C CD1 . TYR A 1 70  ? 2.001   7.450   -5.306  1.00 22.06 ? 70  TYR A CD1 1 
ATOM   536  C CD2 . TYR A 1 70  ? 2.549   5.161   -5.729  1.00 21.38 ? 70  TYR A CD2 1 
ATOM   537  C CE1 . TYR A 1 70  ? 2.761   7.842   -6.413  1.00 23.37 ? 70  TYR A CE1 1 
ATOM   538  C CE2 . TYR A 1 70  ? 3.310   5.536   -6.832  1.00 18.41 ? 70  TYR A CE2 1 
ATOM   539  C CZ  . TYR A 1 70  ? 3.415   6.877   -7.171  1.00 21.76 ? 70  TYR A CZ  1 
ATOM   540  O OH  . TYR A 1 70  ? 4.177   7.255   -8.261  1.00 21.58 ? 70  TYR A OH  1 
ATOM   541  N N   . ASP A 1 71  ? 3.090   8.011   -2.077  1.00 20.07 ? 71  ASP A N   1 
ATOM   542  C CA  . ASP A 1 71  ? 3.212   9.427   -1.786  1.00 22.20 ? 71  ASP A CA  1 
ATOM   543  C C   . ASP A 1 71  ? 3.085   10.158  -3.112  1.00 22.84 ? 71  ASP A C   1 
ATOM   544  O O   . ASP A 1 71  ? 4.053   10.324  -3.848  1.00 20.95 ? 71  ASP A O   1 
ATOM   545  C CB  . ASP A 1 71  ? 4.548   9.730   -1.121  1.00 22.90 ? 71  ASP A CB  1 
ATOM   546  C CG  . ASP A 1 71  ? 4.608   11.138  -0.574  1.00 26.16 ? 71  ASP A CG  1 
ATOM   547  O OD1 . ASP A 1 71  ? 3.528   11.740  -0.394  1.00 27.40 ? 71  ASP A OD1 1 
ATOM   548  O OD2 . ASP A 1 71  ? 5.723   11.635  -0.315  1.00 28.19 ? 71  ASP A OD2 1 
ATOM   549  N N   . PHE A 1 72  ? 1.862   10.577  -3.402  1.00 23.96 ? 72  PHE A N   1 
ATOM   550  C CA  . PHE A 1 72  ? 1.542   11.247  -4.649  1.00 27.60 ? 72  PHE A CA  1 
ATOM   551  C C   . PHE A 1 72  ? 1.840   12.737  -4.608  1.00 28.39 ? 72  PHE A C   1 
ATOM   552  O O   . PHE A 1 72  ? 1.032   13.525  -4.119  1.00 28.53 ? 72  PHE A O   1 
ATOM   553  C CB  . PHE A 1 72  ? 0.062   11.005  -4.974  1.00 29.25 ? 72  PHE A CB  1 
ATOM   554  C CG  . PHE A 1 72  ? -0.347  11.474  -6.340  1.00 34.02 ? 72  PHE A CG  1 
ATOM   555  C CD1 . PHE A 1 72  ? -0.685  12.804  -6.564  1.00 33.55 ? 72  PHE A CD1 1 
ATOM   556  C CD2 . PHE A 1 72  ? -0.376  10.585  -7.409  1.00 34.22 ? 72  PHE A CD2 1 
ATOM   557  C CE1 . PHE A 1 72  ? -1.049  13.244  -7.833  1.00 35.54 ? 72  PHE A CE1 1 
ATOM   558  C CE2 . PHE A 1 72  ? -0.737  11.014  -8.684  1.00 36.81 ? 72  PHE A CE2 1 
ATOM   559  C CZ  . PHE A 1 72  ? -1.074  12.346  -8.895  1.00 35.74 ? 72  PHE A CZ  1 
ATOM   560  N N   . ASP A 1 73  ? 3.008   13.127  -5.106  1.00 30.85 ? 73  ASP A N   1 
ATOM   561  C CA  . ASP A 1 73  ? 3.349   14.540  -5.122  1.00 34.46 ? 73  ASP A CA  1 
ATOM   562  C C   . ASP A 1 73  ? 3.111   15.132  -6.502  1.00 34.03 ? 73  ASP A C   1 
ATOM   563  O O   . ASP A 1 73  ? 3.053   14.419  -7.501  1.00 34.83 ? 73  ASP A O   1 
ATOM   564  C CB  . ASP A 1 73  ? 4.806   14.780  -4.694  1.00 37.07 ? 73  ASP A CB  1 
ATOM   565  C CG  . ASP A 1 73  ? 5.806   14.015  -5.533  1.00 39.07 ? 73  ASP A CG  1 
ATOM   566  O OD1 . ASP A 1 73  ? 5.596   13.868  -6.755  1.00 41.74 ? 73  ASP A OD1 1 
ATOM   567  O OD2 . ASP A 1 73  ? 6.825   13.573  -4.964  1.00 44.64 ? 73  ASP A OD2 1 
ATOM   568  N N   . PHE A 1 74  ? 2.960   16.447  -6.540  1.00 36.19 ? 74  PHE A N   1 
ATOM   569  C CA  . PHE A 1 74  ? 2.731   17.158  -7.787  1.00 37.13 ? 74  PHE A CA  1 
ATOM   570  C C   . PHE A 1 74  ? 3.324   18.554  -7.667  1.00 39.34 ? 74  PHE A C   1 
ATOM   571  O O   . PHE A 1 74  ? 3.544   19.048  -6.559  1.00 38.22 ? 74  PHE A O   1 
ATOM   572  C CB  . PHE A 1 74  ? 1.230   17.251  -8.078  1.00 35.25 ? 74  PHE A CB  1 
ATOM   573  C CG  . PHE A 1 74  ? 0.412   17.715  -6.910  1.00 34.20 ? 74  PHE A CG  1 
ATOM   574  C CD1 . PHE A 1 74  ? 0.110   16.847  -5.863  1.00 35.48 ? 74  PHE A CD1 1 
ATOM   575  C CD2 . PHE A 1 74  ? -0.062  19.017  -6.851  1.00 34.76 ? 74  PHE A CD2 1 
ATOM   576  C CE1 . PHE A 1 74  ? -0.654  17.272  -4.777  1.00 34.46 ? 74  PHE A CE1 1 
ATOM   577  C CE2 . PHE A 1 74  ? -0.824  19.449  -5.772  1.00 34.37 ? 74  PHE A CE2 1 
ATOM   578  C CZ  . PHE A 1 74  ? -1.121  18.577  -4.734  1.00 34.84 ? 74  PHE A CZ  1 
ATOM   579  N N   . VAL A 1 75  ? 3.586   19.182  -8.808  1.00 41.46 ? 75  VAL A N   1 
ATOM   580  C CA  . VAL A 1 75  ? 4.151   20.523  -8.817  1.00 43.80 ? 75  VAL A CA  1 
ATOM   581  C C   . VAL A 1 75  ? 3.081   21.522  -9.241  1.00 44.89 ? 75  VAL A C   1 
ATOM   582  O O   . VAL A 1 75  ? 2.389   21.315  -10.239 1.00 43.98 ? 75  VAL A O   1 
ATOM   583  C CB  . VAL A 1 75  ? 5.343   20.629  -9.795  1.00 44.44 ? 75  VAL A CB  1 
ATOM   584  C CG1 . VAL A 1 75  ? 6.060   21.961  -9.599  1.00 44.44 ? 75  VAL A CG1 1 
ATOM   585  C CG2 . VAL A 1 75  ? 6.304   19.461  -9.584  1.00 45.42 ? 75  VAL A CG2 1 
ATOM   586  N N   . THR A 1 76  ? 2.939   22.598  -8.476  1.00 46.66 ? 76  THR A N   1 
ATOM   587  C CA  . THR A 1 76  ? 1.953   23.624  -8.794  1.00 48.92 ? 76  THR A CA  1 
ATOM   588  C C   . THR A 1 76  ? 2.506   24.532  -9.890  1.00 50.16 ? 76  THR A C   1 
ATOM   589  O O   . THR A 1 76  ? 3.668   24.404  -10.288 1.00 49.78 ? 76  THR A O   1 
ATOM   590  C CB  . THR A 1 76  ? 1.628   24.499  -7.569  1.00 48.56 ? 76  THR A CB  1 
ATOM   591  O OG1 . THR A 1 76  ? 2.794   25.244  -7.200  1.00 48.60 ? 76  THR A OG1 1 
ATOM   592  C CG2 . THR A 1 76  ? 1.179   23.633  -6.390  1.00 47.88 ? 76  THR A CG2 1 
ATOM   593  N N   . ALA A 1 77  ? 1.670   25.446  -10.373 1.00 51.28 ? 77  ALA A N   1 
ATOM   594  C CA  . ALA A 1 77  ? 2.083   26.378  -11.410 1.00 52.32 ? 77  ALA A CA  1 
ATOM   595  C C   . ALA A 1 77  ? 3.197   27.267  -10.860 1.00 53.06 ? 77  ALA A C   1 
ATOM   596  O O   . ALA A 1 77  ? 4.025   27.778  -11.617 1.00 53.02 ? 77  ALA A O   1 
ATOM   597  C CB  . ALA A 1 77  ? 0.897   27.226  -11.858 1.00 52.12 ? 77  ALA A CB  1 
ATOM   598  N N   . GLU A 1 78  ? 3.212   27.447  -9.541  1.00 53.74 ? 78  GLU A N   1 
ATOM   599  C CA  . GLU A 1 78  ? 4.237   28.264  -8.893  1.00 55.19 ? 78  GLU A CA  1 
ATOM   600  C C   . GLU A 1 78  ? 5.469   27.412  -8.623  1.00 54.99 ? 78  GLU A C   1 
ATOM   601  O O   . GLU A 1 78  ? 6.324   27.770  -7.812  1.00 54.68 ? 78  GLU A O   1 
ATOM   602  C CB  . GLU A 1 78  ? 3.731   28.839  -7.567  1.00 57.27 ? 78  GLU A CB  1 
ATOM   603  C CG  . GLU A 1 78  ? 2.580   29.824  -7.687  1.00 60.76 ? 78  GLU A CG  1 
ATOM   604  C CD  . GLU A 1 78  ? 1.253   29.151  -7.973  1.00 62.08 ? 78  GLU A CD  1 
ATOM   605  O OE1 . GLU A 1 78  ? 1.164   27.912  -7.841  1.00 62.14 ? 78  GLU A OE1 1 
ATOM   606  O OE2 . GLU A 1 78  ? 0.290   29.869  -8.317  1.00 64.62 ? 78  GLU A OE2 1 
ATOM   607  N N   . ASN A 1 79  ? 5.546   26.279  -9.311  1.00 54.56 ? 79  ASN A N   1 
ATOM   608  C CA  . ASN A 1 79  ? 6.663   25.358  -9.168  1.00 54.24 ? 79  ASN A CA  1 
ATOM   609  C C   . ASN A 1 79  ? 6.868   24.964  -7.705  1.00 54.59 ? 79  ASN A C   1 
ATOM   610  O O   . ASN A 1 79  ? 7.995   24.923  -7.203  1.00 53.99 ? 79  ASN A O   1 
ATOM   611  C CB  . ASN A 1 79  ? 7.936   25.985  -9.751  1.00 54.00 ? 79  ASN A CB  1 
ATOM   612  C CG  . ASN A 1 79  ? 9.025   24.959  -10.007 1.00 53.73 ? 79  ASN A CG  1 
ATOM   613  O OD1 . ASN A 1 79  ? 8.743   23.831  -10.408 1.00 52.74 ? 79  ASN A OD1 1 
ATOM   614  N ND2 . ASN A 1 79  ? 10.277  25.352  -9.797  1.00 53.33 ? 79  ASN A ND2 1 
ATOM   615  N N   . CYS A 1 80  ? 5.760   24.677  -7.029  1.00 54.02 ? 80  CYS A N   1 
ATOM   616  C CA  . CYS A 1 80  ? 5.790   24.259  -5.634  1.00 54.23 ? 80  CYS A CA  1 
ATOM   617  C C   . CYS A 1 80  ? 5.385   22.794  -5.570  1.00 53.10 ? 80  CYS A C   1 
ATOM   618  O O   . CYS A 1 80  ? 4.375   22.392  -6.148  1.00 52.66 ? 80  CYS A O   1 
ATOM   619  C CB  . CYS A 1 80  ? 4.829   25.107  -4.794  1.00 55.15 ? 80  CYS A CB  1 
ATOM   620  S SG  . CYS A 1 80  ? 5.328   26.841  -4.652  1.00 57.75 ? 80  CYS A SG  1 
ATOM   621  N N   . GLN A 1 81  ? 6.181   21.997  -4.872  1.00 52.31 ? 81  GLN A N   1 
ATOM   622  C CA  . GLN A 1 81  ? 5.893   20.579  -4.758  1.00 51.66 ? 81  GLN A CA  1 
ATOM   623  C C   . GLN A 1 81  ? 5.046   20.276  -3.527  1.00 49.84 ? 81  GLN A C   1 
ATOM   624  O O   . GLN A 1 81  ? 5.370   20.685  -2.412  1.00 50.06 ? 81  GLN A O   1 
ATOM   625  C CB  . GLN A 1 81  ? 7.200   19.783  -4.719  1.00 53.32 ? 81  GLN A CB  1 
ATOM   626  C CG  . GLN A 1 81  ? 7.023   18.283  -4.868  1.00 55.49 ? 81  GLN A CG  1 
ATOM   627  C CD  . GLN A 1 81  ? 8.314   17.591  -5.260  1.00 57.85 ? 81  GLN A CD  1 
ATOM   628  O OE1 . GLN A 1 81  ? 9.312   17.655  -4.542  1.00 59.44 ? 81  GLN A OE1 1 
ATOM   629  N NE2 . GLN A 1 81  ? 8.300   16.928  -6.413  1.00 58.57 ? 81  GLN A NE2 1 
ATOM   630  N N   . LYS A 1 82  ? 3.943   19.572  -3.753  1.00 47.61 ? 82  LYS A N   1 
ATOM   631  C CA  . LYS A 1 82  ? 3.030   19.179  -2.687  1.00 44.90 ? 82  LYS A CA  1 
ATOM   632  C C   . LYS A 1 82  ? 2.763   17.700  -2.887  1.00 41.68 ? 82  LYS A C   1 
ATOM   633  O O   . LYS A 1 82  ? 3.020   17.169  -3.966  1.00 41.90 ? 82  LYS A O   1 
ATOM   634  C CB  . LYS A 1 82  ? 1.707   19.938  -2.796  1.00 46.51 ? 82  LYS A CB  1 
ATOM   635  C CG  . LYS A 1 82  ? 1.809   21.446  -2.672  1.00 48.66 ? 82  LYS A CG  1 
ATOM   636  C CD  . LYS A 1 82  ? 0.428   22.075  -2.793  1.00 50.50 ? 82  LYS A CD  1 
ATOM   637  C CE  . LYS A 1 82  ? 0.479   23.586  -2.659  1.00 51.03 ? 82  LYS A CE  1 
ATOM   638  N NZ  . LYS A 1 82  ? -0.876  24.188  -2.790  1.00 52.50 ? 82  LYS A NZ  1 
ATOM   639  N N   . SER A 1 83  ? 2.251   17.033  -1.861  1.00 38.71 ? 83  SER A N   1 
ATOM   640  C CA  . SER A 1 83  ? 1.951   15.611  -1.988  1.00 35.96 ? 83  SER A CA  1 
ATOM   641  C C   . SER A 1 83  ? 0.830   15.159  -1.066  1.00 33.46 ? 83  SER A C   1 
ATOM   642  O O   . SER A 1 83  ? 0.573   15.768  -0.026  1.00 33.38 ? 83  SER A O   1 
ATOM   643  C CB  . SER A 1 83  ? 3.200   14.766  -1.713  1.00 36.28 ? 83  SER A CB  1 
ATOM   644  O OG  . SER A 1 83  ? 3.573   14.824  -0.350  1.00 38.00 ? 83  SER A OG  1 
ATOM   645  N N   . LYS A 1 84  ? 0.165   14.086  -1.478  1.00 29.48 ? 84  LYS A N   1 
ATOM   646  C CA  . LYS A 1 84  ? -0.926  13.484  -0.727  1.00 26.05 ? 84  LYS A CA  1 
ATOM   647  C C   . LYS A 1 84  ? -0.572  12.021  -0.508  1.00 24.35 ? 84  LYS A C   1 
ATOM   648  O O   . LYS A 1 84  ? -0.166  11.329  -1.443  1.00 23.85 ? 84  LYS A O   1 
ATOM   649  C CB  . LYS A 1 84  ? -2.239  13.568  -1.516  1.00 26.09 ? 84  LYS A CB  1 
ATOM   650  C CG  . LYS A 1 84  ? -2.793  14.974  -1.663  1.00 25.02 ? 84  LYS A CG  1 
ATOM   651  C CD  . LYS A 1 84  ? -3.152  15.557  -0.310  1.00 24.44 ? 84  LYS A CD  1 
ATOM   652  C CE  . LYS A 1 84  ? -3.821  16.911  -0.459  1.00 26.52 ? 84  LYS A CE  1 
ATOM   653  N NZ  . LYS A 1 84  ? -4.039  17.558  0.863   1.00 29.19 ? 84  LYS A NZ  1 
ATOM   654  N N   . ILE A 1 85  ? -0.705  11.555  0.727   1.00 21.67 ? 85  ILE A N   1 
ATOM   655  C CA  . ILE A 1 85  ? -0.414  10.166  1.041   1.00 18.71 ? 85  ILE A CA  1 
ATOM   656  C C   . ILE A 1 85  ? -1.638  9.318   0.673   1.00 18.03 ? 85  ILE A C   1 
ATOM   657  O O   . ILE A 1 85  ? -2.713  9.464   1.264   1.00 15.71 ? 85  ILE A O   1 
ATOM   658  C CB  . ILE A 1 85  ? -0.067  10.010  2.543   1.00 20.18 ? 85  ILE A CB  1 
ATOM   659  C CG1 . ILE A 1 85  ? 1.238   10.768  2.837   1.00 20.91 ? 85  ILE A CG1 1 
ATOM   660  C CG2 . ILE A 1 85  ? 0.039   8.538   2.918   1.00 17.36 ? 85  ILE A CG2 1 
ATOM   661  C CD1 . ILE A 1 85  ? 1.764   10.589  4.256   1.00 23.32 ? 85  ILE A CD1 1 
ATOM   662  N N   . PHE A 1 86  ? -1.472  8.460   -0.331  1.00 15.86 ? 86  PHE A N   1 
ATOM   663  C CA  . PHE A 1 86  ? -2.541  7.579   -0.798  1.00 16.55 ? 86  PHE A CA  1 
ATOM   664  C C   . PHE A 1 86  ? -2.423  6.195   -0.163  1.00 17.13 ? 86  PHE A C   1 
ATOM   665  O O   . PHE A 1 86  ? -1.332  5.625   -0.126  1.00 15.72 ? 86  PHE A O   1 
ATOM   666  C CB  . PHE A 1 86  ? -2.447  7.348   -2.315  1.00 19.18 ? 86  PHE A CB  1 
ATOM   667  C CG  . PHE A 1 86  ? -2.891  8.505   -3.171  1.00 20.64 ? 86  PHE A CG  1 
ATOM   668  C CD1 . PHE A 1 86  ? -3.125  9.763   -2.640  1.00 23.36 ? 86  PHE A CD1 1 
ATOM   669  C CD2 . PHE A 1 86  ? -3.072  8.316   -4.542  1.00 24.89 ? 86  PHE A CD2 1 
ATOM   670  C CE1 . PHE A 1 86  ? -3.535  10.819  -3.457  1.00 23.30 ? 86  PHE A CE1 1 
ATOM   671  C CE2 . PHE A 1 86  ? -3.481  9.371   -5.367  1.00 25.23 ? 86  PHE A CE2 1 
ATOM   672  C CZ  . PHE A 1 86  ? -3.713  10.621  -4.817  1.00 24.32 ? 86  PHE A CZ  1 
ATOM   673  N N   . PHE A 1 87  ? -3.532  5.663   0.336   1.00 17.10 ? 87  PHE A N   1 
ATOM   674  C CA  . PHE A 1 87  ? -3.541  4.298   0.859   1.00 17.34 ? 87  PHE A CA  1 
ATOM   675  C C   . PHE A 1 87  ? -4.285  3.551   -0.241  1.00 17.58 ? 87  PHE A C   1 
ATOM   676  O O   . PHE A 1 87  ? -5.372  3.965   -0.653  1.00 15.40 ? 87  PHE A O   1 
ATOM   677  C CB  . PHE A 1 87  ? -4.330  4.162   2.156   1.00 17.35 ? 87  PHE A CB  1 
ATOM   678  C CG  . PHE A 1 87  ? -4.549  2.731   2.567   1.00 20.18 ? 87  PHE A CG  1 
ATOM   679  C CD1 . PHE A 1 87  ? -3.531  2.001   3.179   1.00 20.38 ? 87  PHE A CD1 1 
ATOM   680  C CD2 . PHE A 1 87  ? -5.757  2.089   2.283   1.00 21.19 ? 87  PHE A CD2 1 
ATOM   681  C CE1 . PHE A 1 87  ? -3.710  0.652   3.501   1.00 21.57 ? 87  PHE A CE1 1 
ATOM   682  C CE2 . PHE A 1 87  ? -5.945  0.739   2.602   1.00 20.22 ? 87  PHE A CE2 1 
ATOM   683  C CZ  . PHE A 1 87  ? -4.919  0.022   3.209   1.00 19.50 ? 87  PHE A CZ  1 
ATOM   684  N N   . ILE A 1 88  ? -3.708  2.455   -0.717  1.00 16.63 ? 88  ILE A N   1 
ATOM   685  C CA  . ILE A 1 88  ? -4.330  1.703   -1.795  1.00 17.26 ? 88  ILE A CA  1 
ATOM   686  C C   . ILE A 1 88  ? -4.596  0.247   -1.457  1.00 17.40 ? 88  ILE A C   1 
ATOM   687  O O   . ILE A 1 88  ? -3.699  -0.462  -0.993  1.00 16.02 ? 88  ILE A O   1 
ATOM   688  C CB  . ILE A 1 88  ? -3.433  1.723   -3.060  1.00 17.94 ? 88  ILE A CB  1 
ATOM   689  C CG1 . ILE A 1 88  ? -3.164  3.165   -3.485  1.00 18.09 ? 88  ILE A CG1 1 
ATOM   690  C CG2 . ILE A 1 88  ? -4.099  0.943   -4.199  1.00 18.06 ? 88  ILE A CG2 1 
ATOM   691  C CD1 . ILE A 1 88  ? -2.129  3.288   -4.588  1.00 20.13 ? 88  ILE A CD1 1 
ATOM   692  N N   . ALA A 1 89  ? -5.835  -0.183  -1.679  1.00 15.08 ? 89  ALA A N   1 
ATOM   693  C CA  . ALA A 1 89  ? -6.208  -1.577  -1.486  1.00 16.74 ? 89  ALA A CA  1 
ATOM   694  C C   . ALA A 1 89  ? -6.267  -2.149  -2.907  1.00 16.48 ? 89  ALA A C   1 
ATOM   695  O O   . ALA A 1 89  ? -7.228  -1.910  -3.645  1.00 16.15 ? 89  ALA A O   1 
ATOM   696  C CB  . ALA A 1 89  ? -7.582  -1.694  -0.803  1.00 18.61 ? 89  ALA A CB  1 
ATOM   697  N N   . TRP A 1 90  ? -5.216  -2.871  -3.297  1.00 15.37 ? 90  TRP A N   1 
ATOM   698  C CA  . TRP A 1 90  ? -5.131  -3.486  -4.628  1.00 15.59 ? 90  TRP A CA  1 
ATOM   699  C C   . TRP A 1 90  ? -5.909  -4.807  -4.590  1.00 16.28 ? 90  TRP A C   1 
ATOM   700  O O   . TRP A 1 90  ? -5.607  -5.702  -3.797  1.00 15.24 ? 90  TRP A O   1 
ATOM   701  C CB  . TRP A 1 90  ? -3.650  -3.710  -4.995  1.00 15.24 ? 90  TRP A CB  1 
ATOM   702  C CG  . TRP A 1 90  ? -3.400  -4.581  -6.196  1.00 14.97 ? 90  TRP A CG  1 
ATOM   703  C CD1 . TRP A 1 90  ? -2.666  -5.739  -6.228  1.00 15.74 ? 90  TRP A CD1 1 
ATOM   704  C CD2 . TRP A 1 90  ? -3.861  -4.365  -7.536  1.00 15.13 ? 90  TRP A CD2 1 
ATOM   705  N NE1 . TRP A 1 90  ? -2.643  -6.254  -7.505  1.00 16.15 ? 90  TRP A NE1 1 
ATOM   706  C CE2 . TRP A 1 90  ? -3.370  -5.434  -8.327  1.00 15.06 ? 90  TRP A CE2 1 
ATOM   707  C CE3 . TRP A 1 90  ? -4.641  -3.373  -8.148  1.00 14.32 ? 90  TRP A CE3 1 
ATOM   708  C CZ2 . TRP A 1 90  ? -3.639  -5.539  -9.695  1.00 16.36 ? 90  TRP A CZ2 1 
ATOM   709  C CZ3 . TRP A 1 90  ? -4.907  -3.479  -9.512  1.00 17.06 ? 90  TRP A CZ3 1 
ATOM   710  C CH2 . TRP A 1 90  ? -4.408  -4.555  -10.267 1.00 17.49 ? 90  TRP A CH2 1 
ATOM   711  N N   . CYS A 1 91  ? -6.924  -4.916  -5.440  1.00 14.69 ? 91  CYS A N   1 
ATOM   712  C CA  . CYS A 1 91  ? -7.759  -6.108  -5.475  1.00 19.81 ? 91  CYS A CA  1 
ATOM   713  C C   . CYS A 1 91  ? -8.026  -6.572  -6.908  1.00 20.15 ? 91  CYS A C   1 
ATOM   714  O O   . CYS A 1 91  ? -9.080  -6.289  -7.476  1.00 19.86 ? 91  CYS A O   1 
ATOM   715  C CB  . CYS A 1 91  ? -9.085  -5.822  -4.763  1.00 23.03 ? 91  CYS A CB  1 
ATOM   716  S SG  . CYS A 1 91  ? -10.219 -7.229  -4.645  1.00 35.86 ? 91  CYS A SG  1 
ATOM   717  N N   . PRO A 1 92  ? -7.062  -7.283  -7.511  1.00 20.95 ? 92  PRO A N   1 
ATOM   718  C CA  . PRO A 1 92  ? -7.225  -7.773  -8.882  1.00 23.06 ? 92  PRO A CA  1 
ATOM   719  C C   . PRO A 1 92  ? -8.377  -8.773  -8.950  1.00 24.62 ? 92  PRO A C   1 
ATOM   720  O O   . PRO A 1 92  ? -8.613  -9.533  -8.008  1.00 22.71 ? 92  PRO A O   1 
ATOM   721  C CB  . PRO A 1 92  ? -5.872  -8.412  -9.184  1.00 21.77 ? 92  PRO A CB  1 
ATOM   722  C CG  . PRO A 1 92  ? -5.447  -8.927  -7.856  1.00 20.54 ? 92  PRO A CG  1 
ATOM   723  C CD  . PRO A 1 92  ? -5.802  -7.774  -6.928  1.00 19.75 ? 92  PRO A CD  1 
ATOM   724  N N   . ASP A 1 93  ? -9.078  -8.768  -10.076 1.00 27.34 ? 93  ASP A N   1 
ATOM   725  C CA  . ASP A 1 93  ? -10.221 -9.643  -10.286 1.00 29.81 ? 93  ASP A CA  1 
ATOM   726  C C   . ASP A 1 93  ? -9.949  -11.149 -10.163 1.00 28.69 ? 93  ASP A C   1 
ATOM   727  O O   . ASP A 1 93  ? -10.778 -11.887 -9.639  1.00 29.50 ? 93  ASP A O   1 
ATOM   728  C CB  . ASP A 1 93  ? -10.837 -9.347  -11.657 1.00 33.36 ? 93  ASP A CB  1 
ATOM   729  C CG  . ASP A 1 93  ? -12.208 -9.969  -11.821 1.00 37.50 ? 93  ASP A CG  1 
ATOM   730  O OD1 . ASP A 1 93  ? -13.129 -9.568  -11.078 1.00 39.80 ? 93  ASP A OD1 1 
ATOM   731  O OD2 . ASP A 1 93  ? -12.360 -10.861 -12.683 1.00 39.93 ? 93  ASP A OD2 1 
ATOM   732  N N   . ILE A 1 94  ? -8.794  -11.609 -10.630 1.00 28.59 ? 94  ILE A N   1 
ATOM   733  C CA  . ILE A 1 94  ? -8.497  -13.036 -10.576 1.00 28.37 ? 94  ILE A CA  1 
ATOM   734  C C   . ILE A 1 94  ? -8.057  -13.559 -9.205  1.00 27.48 ? 94  ILE A C   1 
ATOM   735  O O   . ILE A 1 94  ? -7.940  -14.765 -9.011  1.00 28.06 ? 94  ILE A O   1 
ATOM   736  C CB  . ILE A 1 94  ? -7.446  -13.423 -11.649 1.00 31.22 ? 94  ILE A CB  1 
ATOM   737  C CG1 . ILE A 1 94  ? -7.476  -14.940 -11.880 1.00 33.18 ? 94  ILE A CG1 1 
ATOM   738  C CG2 . ILE A 1 94  ? -6.059  -12.978 -11.216 1.00 32.26 ? 94  ILE A CG2 1 
ATOM   739  C CD1 . ILE A 1 94  ? -6.633  -15.413 -13.057 1.00 34.65 ? 94  ILE A CD1 1 
ATOM   740  N N   . ALA A 1 95  ? -7.821  -12.664 -8.249  1.00 26.37 ? 95  ALA A N   1 
ATOM   741  C CA  . ALA A 1 95  ? -7.416  -13.096 -6.912  1.00 26.62 ? 95  ALA A CA  1 
ATOM   742  C C   . ALA A 1 95  ? -8.514  -13.994 -6.340  1.00 27.24 ? 95  ALA A C   1 
ATOM   743  O O   . ALA A 1 95  ? -9.678  -13.855 -6.705  1.00 26.88 ? 95  ALA A O   1 
ATOM   744  C CB  . ALA A 1 95  ? -7.211  -11.891 -6.004  1.00 26.05 ? 95  ALA A CB  1 
ATOM   745  N N   . LYS A 1 96  ? -8.145  -14.916 -5.454  1.00 28.29 ? 96  LYS A N   1 
ATOM   746  C CA  . LYS A 1 96  ? -9.137  -15.806 -4.846  1.00 30.41 ? 96  LYS A CA  1 
ATOM   747  C C   . LYS A 1 96  ? -10.103 -14.993 -3.990  1.00 30.05 ? 96  LYS A C   1 
ATOM   748  O O   . LYS A 1 96  ? -9.676  -14.154 -3.199  1.00 29.27 ? 96  LYS A O   1 
ATOM   749  C CB  . LYS A 1 96  ? -8.456  -16.860 -3.970  1.00 32.43 ? 96  LYS A CB  1 
ATOM   750  C CG  . LYS A 1 96  ? -7.560  -17.829 -4.729  1.00 38.10 ? 96  LYS A CG  1 
ATOM   751  C CD  . LYS A 1 96  ? -6.940  -18.874 -3.802  1.00 41.63 ? 96  LYS A CD  1 
ATOM   752  C CE  . LYS A 1 96  ? -8.011  -19.688 -3.082  1.00 44.92 ? 96  LYS A CE  1 
ATOM   753  N NZ  . LYS A 1 96  ? -7.424  -20.754 -2.211  1.00 49.24 ? 96  LYS A NZ  1 
ATOM   754  N N   . VAL A 1 97  ? -11.400 -15.248 -4.163  1.00 29.05 ? 97  VAL A N   1 
ATOM   755  C CA  . VAL A 1 97  ? -12.454 -14.559 -3.423  1.00 29.63 ? 97  VAL A CA  1 
ATOM   756  C C   . VAL A 1 97  ? -12.117 -14.556 -1.939  1.00 29.09 ? 97  VAL A C   1 
ATOM   757  O O   . VAL A 1 97  ? -12.358 -13.587 -1.227  1.00 29.60 ? 97  VAL A O   1 
ATOM   758  C CB  . VAL A 1 97  ? -13.819 -15.269 -3.617  1.00 30.71 ? 97  VAL A CB  1 
ATOM   759  C CG1 . VAL A 1 97  ? -14.902 -14.562 -2.818  1.00 31.29 ? 97  VAL A CG1 1 
ATOM   760  C CG2 . VAL A 1 97  ? -14.180 -15.302 -5.091  1.00 31.10 ? 97  VAL A CG2 1 
ATOM   761  N N   . ARG A 1 98  ? -11.550 -15.664 -1.491  1.00 28.56 ? 98  ARG A N   1 
ATOM   762  C CA  . ARG A 1 98  ? -11.162 -15.830 -0.108  1.00 28.22 ? 98  ARG A CA  1 
ATOM   763  C C   . ARG A 1 98  ? -10.099 -14.807 0.292   1.00 26.90 ? 98  ARG A C   1 
ATOM   764  O O   . ARG A 1 98  ? -10.165 -14.212 1.367   1.00 24.23 ? 98  ARG A O   1 
ATOM   765  C CB  . ARG A 1 98  ? -10.628 -17.243 0.089   1.00 29.16 ? 98  ARG A CB  1 
ATOM   766  C CG  . ARG A 1 98  ? -10.190 -17.518 1.482   1.00 30.67 ? 98  ARG A CG  1 
ATOM   767  C CD  . ARG A 1 98  ? -9.883  -18.973 1.677   1.00 30.23 ? 98  ARG A CD  1 
ATOM   768  N NE  . ARG A 1 98  ? -9.568  -19.194 3.075   1.00 30.71 ? 98  ARG A NE  1 
ATOM   769  C CZ  . ARG A 1 98  ? -8.415  -18.853 3.633   1.00 30.26 ? 98  ARG A CZ  1 
ATOM   770  N NH1 . ARG A 1 98  ? -7.465  -18.289 2.899   1.00 30.22 ? 98  ARG A NH1 1 
ATOM   771  N NH2 . ARG A 1 98  ? -8.229  -19.045 4.929   1.00 28.13 ? 98  ARG A NH2 1 
ATOM   772  N N   . SER A 1 99  ? -9.110  -14.617 -0.574  1.00 25.28 ? 99  SER A N   1 
ATOM   773  C CA  . SER A 1 99  ? -8.050  -13.668 -0.283  1.00 25.84 ? 99  SER A CA  1 
ATOM   774  C C   . SER A 1 99  ? -8.624  -12.253 -0.287  1.00 25.03 ? 99  SER A C   1 
ATOM   775  O O   . SER A 1 99  ? -8.293  -11.445 0.578   1.00 25.23 ? 99  SER A O   1 
ATOM   776  C CB  . SER A 1 99  ? -6.918  -13.799 -1.306  1.00 27.58 ? 99  SER A CB  1 
ATOM   777  O OG  . SER A 1 99  ? -5.849  -12.931 -0.975  1.00 33.12 ? 99  SER A OG  1 
ATOM   778  N N   . LYS A 1 100 ? -9.505  -11.964 -1.244  1.00 24.90 ? 100 LYS A N   1 
ATOM   779  C CA  . LYS A 1 100 ? -10.128 -10.646 -1.328  1.00 24.83 ? 100 LYS A CA  1 
ATOM   780  C C   . LYS A 1 100 ? -10.854 -10.307 -0.032  1.00 25.56 ? 100 LYS A C   1 
ATOM   781  O O   . LYS A 1 100 ? -10.802 -9.172  0.444   1.00 25.67 ? 100 LYS A O   1 
ATOM   782  C CB  . LYS A 1 100 ? -11.116 -10.589 -2.498  1.00 24.73 ? 100 LYS A CB  1 
ATOM   783  C CG  . LYS A 1 100 ? -10.464 -10.606 -3.875  1.00 24.98 ? 100 LYS A CG  1 
ATOM   784  C CD  . LYS A 1 100 ? -11.520 -10.636 -4.978  1.00 25.96 ? 100 LYS A CD  1 
ATOM   785  C CE  . LYS A 1 100 ? -10.884 -10.748 -6.357  1.00 28.55 ? 100 LYS A CE  1 
ATOM   786  N NZ  . LYS A 1 100 ? -11.907 -10.840 -7.447  1.00 29.21 ? 100 LYS A NZ  1 
ATOM   787  N N   . MET A 1 101 ? -11.535 -11.297 0.540   1.00 25.47 ? 101 MET A N   1 
ATOM   788  C CA  . MET A 1 101 ? -12.266 -11.086 1.783   1.00 24.44 ? 101 MET A CA  1 
ATOM   789  C C   . MET A 1 101 ? -11.297 -10.855 2.937   1.00 22.68 ? 101 MET A C   1 
ATOM   790  O O   . MET A 1 101 ? -11.546 -10.028 3.813   1.00 23.11 ? 101 MET A O   1 
ATOM   791  C CB  . MET A 1 101 ? -13.176 -12.289 2.062   1.00 26.00 ? 101 MET A CB  1 
ATOM   792  C CG  . MET A 1 101 ? -14.395 -12.338 1.147   1.00 26.49 ? 101 MET A CG  1 
ATOM   793  S SD  . MET A 1 101 ? -15.296 -13.903 1.210   1.00 29.65 ? 101 MET A SD  1 
ATOM   794  C CE  . MET A 1 101 ? -16.140 -13.757 2.785   1.00 29.63 ? 101 MET A CE  1 
ATOM   795  N N   . ILE A 1 102 ? -10.187 -11.581 2.927   1.00 21.63 ? 102 ILE A N   1 
ATOM   796  C CA  . ILE A 1 102 ? -9.167  -11.433 3.962   1.00 23.25 ? 102 ILE A CA  1 
ATOM   797  C C   . ILE A 1 102 ? -8.570  -10.024 3.923   1.00 21.80 ? 102 ILE A C   1 
ATOM   798  O O   . ILE A 1 102 ? -8.441  -9.372  4.954   1.00 22.19 ? 102 ILE A O   1 
ATOM   799  C CB  . ILE A 1 102 ? -8.043  -12.488 3.782   1.00 24.41 ? 102 ILE A CB  1 
ATOM   800  C CG1 . ILE A 1 102 ? -8.585  -13.873 4.163   1.00 23.16 ? 102 ILE A CG1 1 
ATOM   801  C CG2 . ILE A 1 102 ? -6.825  -12.119 4.621   1.00 24.59 ? 102 ILE A CG2 1 
ATOM   802  C CD1 . ILE A 1 102 ? -7.624  -15.029 3.899   1.00 23.90 ? 102 ILE A CD1 1 
ATOM   803  N N   . TYR A 1 103 ? -8.219  -9.538  2.737   1.00 21.30 ? 103 TYR A N   1 
ATOM   804  C CA  . TYR A 1 103 ? -7.662  -8.189  2.650   1.00 21.13 ? 103 TYR A CA  1 
ATOM   805  C C   . TYR A 1 103 ? -8.708  -7.140  3.022   1.00 21.28 ? 103 TYR A C   1 
ATOM   806  O O   . TYR A 1 103 ? -8.418  -6.183  3.744   1.00 20.28 ? 103 TYR A O   1 
ATOM   807  C CB  . TYR A 1 103 ? -7.121  -7.908  1.246   1.00 19.78 ? 103 TYR A CB  1 
ATOM   808  C CG  . TYR A 1 103 ? -5.704  -8.393  1.055   1.00 19.55 ? 103 TYR A CG  1 
ATOM   809  C CD1 . TYR A 1 103 ? -5.429  -9.740  0.826   1.00 19.52 ? 103 TYR A CD1 1 
ATOM   810  C CD2 . TYR A 1 103 ? -4.632  -7.505  1.150   1.00 18.24 ? 103 TYR A CD2 1 
ATOM   811  C CE1 . TYR A 1 103 ? -4.115  -10.192 0.696   1.00 18.00 ? 103 TYR A CE1 1 
ATOM   812  C CE2 . TYR A 1 103 ? -3.318  -7.945  1.023   1.00 18.16 ? 103 TYR A CE2 1 
ATOM   813  C CZ  . TYR A 1 103 ? -3.069  -9.283  0.794   1.00 19.72 ? 103 TYR A CZ  1 
ATOM   814  O OH  . TYR A 1 103 ? -1.773  -9.706  0.652   1.00 20.60 ? 103 TYR A OH  1 
ATOM   815  N N   . ALA A 1 104 ? -9.935  -7.338  2.557   1.00 21.93 ? 104 ALA A N   1 
ATOM   816  C CA  . ALA A 1 104 ? -11.002 -6.388  2.843   1.00 23.48 ? 104 ALA A CA  1 
ATOM   817  C C   . ALA A 1 104 ? -11.364 -6.331  4.333   1.00 24.58 ? 104 ALA A C   1 
ATOM   818  O O   . ALA A 1 104 ? -11.570 -5.249  4.886   1.00 25.26 ? 104 ALA A O   1 
ATOM   819  C CB  . ALA A 1 104 ? -12.239 -6.733  2.009   1.00 23.77 ? 104 ALA A CB  1 
ATOM   820  N N   . SER A 1 105 ? -11.426 -7.489  4.984   1.00 25.01 ? 105 SER A N   1 
ATOM   821  C CA  . SER A 1 105 ? -11.791 -7.530  6.396   1.00 26.49 ? 105 SER A CA  1 
ATOM   822  C C   . SER A 1 105 ? -10.676 -7.072  7.331   1.00 26.74 ? 105 SER A C   1 
ATOM   823  O O   . SER A 1 105 ? -10.926 -6.753  8.492   1.00 27.47 ? 105 SER A O   1 
ATOM   824  C CB  . SER A 1 105 ? -12.260 -8.937  6.785   1.00 27.53 ? 105 SER A CB  1 
ATOM   825  O OG  . SER A 1 105 ? -11.241 -9.903  6.582   1.00 32.25 ? 105 SER A OG  1 
ATOM   826  N N   . SER A 1 106 ? -9.448  -7.026  6.827   1.00 26.50 ? 106 SER A N   1 
ATOM   827  C CA  . SER A 1 106 ? -8.313  -6.602  7.639   1.00 27.12 ? 106 SER A CA  1 
ATOM   828  C C   . SER A 1 106 ? -7.817  -5.206  7.269   1.00 26.87 ? 106 SER A C   1 
ATOM   829  O O   . SER A 1 106 ? -6.909  -4.673  7.906   1.00 25.47 ? 106 SER A O   1 
ATOM   830  C CB  . SER A 1 106 ? -7.169  -7.603  7.485   1.00 28.94 ? 106 SER A CB  1 
ATOM   831  O OG  . SER A 1 106 ? -7.571  -8.893  7.905   1.00 34.14 ? 106 SER A OG  1 
ATOM   832  N N   . LYS A 1 107 ? -8.424  -4.618  6.244   1.00 26.66 ? 107 LYS A N   1 
ATOM   833  C CA  . LYS A 1 107 ? -8.030  -3.299  5.759   1.00 27.40 ? 107 LYS A CA  1 
ATOM   834  C C   . LYS A 1 107 ? -8.044  -2.205  6.819   1.00 26.76 ? 107 LYS A C   1 
ATOM   835  O O   . LYS A 1 107 ? -7.026  -1.553  7.056   1.00 26.41 ? 107 LYS A O   1 
ATOM   836  C CB  . LYS A 1 107 ? -8.929  -2.884  4.584   1.00 27.22 ? 107 LYS A CB  1 
ATOM   837  C CG  . LYS A 1 107 ? -8.543  -1.561  3.939   1.00 28.63 ? 107 LYS A CG  1 
ATOM   838  C CD  . LYS A 1 107 ? -9.408  -1.248  2.719   1.00 30.48 ? 107 LYS A CD  1 
ATOM   839  C CE  . LYS A 1 107 ? -10.871 -1.044  3.086   1.00 31.17 ? 107 LYS A CE  1 
ATOM   840  N NZ  . LYS A 1 107 ? -11.065 0.168   3.935   1.00 33.93 ? 107 LYS A NZ  1 
ATOM   841  N N   . ASP A 1 108 ? -9.191  -1.997  7.459   1.00 26.58 ? 108 ASP A N   1 
ATOM   842  C CA  . ASP A 1 108 ? -9.296  -0.951  8.466   1.00 26.50 ? 108 ASP A CA  1 
ATOM   843  C C   . ASP A 1 108 ? -8.336  -1.130  9.634   1.00 26.38 ? 108 ASP A C   1 
ATOM   844  O O   . ASP A 1 108 ? -7.752  -0.161  10.115  1.00 23.05 ? 108 ASP A O   1 
ATOM   845  C CB  . ASP A 1 108 ? -10.739 -0.843  8.981   1.00 29.52 ? 108 ASP A CB  1 
ATOM   846  C CG  . ASP A 1 108 ? -11.693 -0.312  7.928   1.00 30.91 ? 108 ASP A CG  1 
ATOM   847  O OD1 . ASP A 1 108 ? -11.251 0.487   7.077   1.00 32.39 ? 108 ASP A OD1 1 
ATOM   848  O OD2 . ASP A 1 108 ? -12.887 -0.683  7.959   1.00 33.94 ? 108 ASP A OD2 1 
ATOM   849  N N   . ARG A 1 109 ? -8.177  -2.367  10.090  1.00 27.75 ? 109 ARG A N   1 
ATOM   850  C CA  . ARG A 1 109 ? -7.275  -2.656  11.199  1.00 28.77 ? 109 ARG A CA  1 
ATOM   851  C C   . ARG A 1 109 ? -5.843  -2.277  10.830  1.00 27.70 ? 109 ARG A C   1 
ATOM   852  O O   . ARG A 1 109 ? -5.102  -1.745  11.660  1.00 27.37 ? 109 ARG A O   1 
ATOM   853  C CB  . ARG A 1 109 ? -7.352  -4.148  11.562  1.00 31.70 ? 109 ARG A CB  1 
ATOM   854  C CG  . ARG A 1 109 ? -6.392  -4.595  12.672  1.00 35.67 ? 109 ARG A CG  1 
ATOM   855  C CD  . ARG A 1 109 ? -5.072  -5.120  12.111  1.00 36.76 ? 109 ARG A CD  1 
ATOM   856  N NE  . ARG A 1 109 ? -4.107  -5.441  13.163  1.00 38.50 ? 109 ARG A NE  1 
ATOM   857  C CZ  . ARG A 1 109 ? -3.522  -4.537  13.946  1.00 39.52 ? 109 ARG A CZ  1 
ATOM   858  N NH1 . ARG A 1 109 ? -3.800  -3.244  13.801  1.00 38.77 ? 109 ARG A NH1 1 
ATOM   859  N NH2 . ARG A 1 109 ? -2.655  -4.924  14.872  1.00 39.47 ? 109 ARG A NH2 1 
ATOM   860  N N   . PHE A 1 110 ? -5.458  -2.545  9.584   1.00 25.58 ? 110 PHE A N   1 
ATOM   861  C CA  . PHE A 1 110 ? -4.109  -2.226  9.128   1.00 26.26 ? 110 PHE A CA  1 
ATOM   862  C C   . PHE A 1 110 ? -3.923  -0.717  8.971   1.00 26.34 ? 110 PHE A C   1 
ATOM   863  O O   . PHE A 1 110 ? -2.918  -0.159  9.412   1.00 26.25 ? 110 PHE A O   1 
ATOM   864  C CB  . PHE A 1 110 ? -3.809  -2.929  7.799   1.00 24.43 ? 110 PHE A CB  1 
ATOM   865  C CG  . PHE A 1 110 ? -2.447  -2.613  7.245   1.00 22.27 ? 110 PHE A CG  1 
ATOM   866  C CD1 . PHE A 1 110 ? -1.313  -2.791  8.029   1.00 24.38 ? 110 PHE A CD1 1 
ATOM   867  C CD2 . PHE A 1 110 ? -2.301  -2.123  5.956   1.00 23.51 ? 110 PHE A CD2 1 
ATOM   868  C CE1 . PHE A 1 110 ? -0.050  -2.485  7.543   1.00 24.38 ? 110 PHE A CE1 1 
ATOM   869  C CE2 . PHE A 1 110 ? -1.039  -1.811  5.451   1.00 23.66 ? 110 PHE A CE2 1 
ATOM   870  C CZ  . PHE A 1 110 ? 0.092   -1.994  6.250   1.00 24.38 ? 110 PHE A CZ  1 
ATOM   871  N N   . LYS A 1 111 ? -4.898  -0.072  8.337   1.00 28.86 ? 111 LYS A N   1 
ATOM   872  C CA  . LYS A 1 111 ? -4.877  1.373   8.118   1.00 31.78 ? 111 LYS A CA  1 
ATOM   873  C C   . LYS A 1 111 ? -4.687  2.124   9.428   1.00 32.57 ? 111 LYS A C   1 
ATOM   874  O O   . LYS A 1 111 ? -3.963  3.116   9.487   1.00 31.92 ? 111 LYS A O   1 
ATOM   875  C CB  . LYS A 1 111 ? -6.194  1.831   7.491   1.00 33.33 ? 111 LYS A CB  1 
ATOM   876  C CG  . LYS A 1 111 ? -6.263  1.717   5.987   1.00 35.85 ? 111 LYS A CG  1 
ATOM   877  C CD  . LYS A 1 111 ? -7.694  1.908   5.511   1.00 36.82 ? 111 LYS A CD  1 
ATOM   878  C CE  . LYS A 1 111 ? -8.299  3.182   6.063   1.00 38.38 ? 111 LYS A CE  1 
ATOM   879  N NZ  . LYS A 1 111 ? -9.767  3.223   5.826   1.00 40.72 ? 111 LYS A NZ  1 
ATOM   880  N N   . ARG A 1 112 ? -5.359  1.643   10.471  1.00 33.17 ? 112 ARG A N   1 
ATOM   881  C CA  . ARG A 1 112 ? -5.295  2.251   11.794  1.00 34.61 ? 112 ARG A CA  1 
ATOM   882  C C   . ARG A 1 112 ? -3.857  2.431   12.271  1.00 32.57 ? 112 ARG A C   1 
ATOM   883  O O   . ARG A 1 112 ? -3.575  3.289   13.108  1.00 32.80 ? 112 ARG A O   1 
ATOM   884  C CB  . ARG A 1 112 ? -6.073  1.389   12.794  1.00 37.06 ? 112 ARG A CB  1 
ATOM   885  C CG  . ARG A 1 112 ? -6.132  1.952   14.203  1.00 42.88 ? 112 ARG A CG  1 
ATOM   886  C CD  . ARG A 1 112 ? -6.929  1.030   15.115  1.00 45.89 ? 112 ARG A CD  1 
ATOM   887  N NE  . ARG A 1 112 ? -8.275  0.792   14.599  1.00 49.09 ? 112 ARG A NE  1 
ATOM   888  C CZ  . ARG A 1 112 ? -8.827  -0.413  14.478  1.00 51.06 ? 112 ARG A CZ  1 
ATOM   889  N NH1 . ARG A 1 112 ? -8.148  -1.499  14.832  1.00 52.25 ? 112 ARG A NH1 1 
ATOM   890  N NH2 . ARG A 1 112 ? -10.061 -0.537  14.005  1.00 52.44 ? 112 ARG A NH2 1 
ATOM   891  N N   . GLU A 1 113 ? -2.948  1.620   11.740  1.00 31.00 ? 113 GLU A N   1 
ATOM   892  C CA  . GLU A 1 113 ? -1.548  1.711   12.129  1.00 29.75 ? 113 GLU A CA  1 
ATOM   893  C C   . GLU A 1 113 ? -0.795  2.750   11.310  1.00 28.65 ? 113 GLU A C   1 
ATOM   894  O O   . GLU A 1 113 ? 0.337   3.101   11.638  1.00 27.72 ? 113 GLU A O   1 
ATOM   895  C CB  . GLU A 1 113 ? -0.853  0.354   11.965  1.00 30.14 ? 113 GLU A CB  1 
ATOM   896  C CG  . GLU A 1 113 ? -1.341  -0.721  12.910  1.00 32.68 ? 113 GLU A CG  1 
ATOM   897  C CD  . GLU A 1 113 ? -1.225  -0.311  14.360  1.00 32.73 ? 113 GLU A CD  1 
ATOM   898  O OE1 . GLU A 1 113 ? -0.128  0.116   14.767  1.00 32.57 ? 113 GLU A OE1 1 
ATOM   899  O OE2 . GLU A 1 113 ? -2.231  -0.418  15.091  1.00 36.79 ? 113 GLU A OE2 1 
ATOM   900  N N   . LEU A 1 114 ? -1.431  3.246   10.256  1.00 26.61 ? 114 LEU A N   1 
ATOM   901  C CA  . LEU A 1 114 ? -0.808  4.217   9.367   1.00 27.05 ? 114 LEU A CA  1 
ATOM   902  C C   . LEU A 1 114 ? -1.445  5.603   9.465   1.00 27.62 ? 114 LEU A C   1 
ATOM   903  O O   . LEU A 1 114 ? -2.155  6.035   8.558   1.00 28.02 ? 114 LEU A O   1 
ATOM   904  C CB  . LEU A 1 114 ? -0.904  3.709   7.924   1.00 26.18 ? 114 LEU A CB  1 
ATOM   905  C CG  . LEU A 1 114 ? -0.437  2.269   7.675   1.00 26.19 ? 114 LEU A CG  1 
ATOM   906  C CD1 . LEU A 1 114 ? -0.786  1.847   6.253   1.00 26.42 ? 114 LEU A CD1 1 
ATOM   907  C CD2 . LEU A 1 114 ? 1.051   2.168   7.920   1.00 25.83 ? 114 LEU A CD2 1 
ATOM   908  N N   . ASP A 1 115 ? -1.176  6.311   10.556  1.00 28.07 ? 115 ASP A N   1 
ATOM   909  C CA  . ASP A 1 115 ? -1.747  7.637   10.735  1.00 29.14 ? 115 ASP A CA  1 
ATOM   910  C C   . ASP A 1 115 ? -1.140  8.636   9.752   1.00 27.83 ? 115 ASP A C   1 
ATOM   911  O O   . ASP A 1 115 ? 0.081   8.759   9.638   1.00 29.03 ? 115 ASP A O   1 
ATOM   912  C CB  . ASP A 1 115 ? -1.533  8.112   12.174  1.00 33.23 ? 115 ASP A CB  1 
ATOM   913  C CG  . ASP A 1 115 ? -2.137  9.474   12.430  1.00 37.38 ? 115 ASP A CG  1 
ATOM   914  O OD1 . ASP A 1 115 ? -3.365  9.626   12.257  1.00 38.09 ? 115 ASP A OD1 1 
ATOM   915  O OD2 . ASP A 1 115 ? -1.381  10.397  12.801  1.00 43.59 ? 115 ASP A OD2 1 
ATOM   916  N N   . GLY A 1 116 ? -2.001  9.353   9.042   1.00 25.62 ? 116 GLY A N   1 
ATOM   917  C CA  . GLY A 1 116 ? -1.511  10.325  8.085   1.00 25.05 ? 116 GLY A CA  1 
ATOM   918  C C   . GLY A 1 116 ? -2.025  10.104  6.676   1.00 24.37 ? 116 GLY A C   1 
ATOM   919  O O   . GLY A 1 116 ? -1.690  10.861  5.766   1.00 23.67 ? 116 GLY A O   1 
ATOM   920  N N   . ILE A 1 117 ? -2.836  9.066   6.483   1.00 22.41 ? 117 ILE A N   1 
ATOM   921  C CA  . ILE A 1 117 ? -3.385  8.794   5.159   1.00 21.42 ? 117 ILE A CA  1 
ATOM   922  C C   . ILE A 1 117 ? -4.338  9.926   4.783   1.00 21.70 ? 117 ILE A C   1 
ATOM   923  O O   . ILE A 1 117 ? -5.176  10.333  5.583   1.00 23.14 ? 117 ILE A O   1 
ATOM   924  C CB  . ILE A 1 117 ? -4.137  7.449   5.135   1.00 21.24 ? 117 ILE A CB  1 
ATOM   925  C CG1 . ILE A 1 117 ? -3.141  6.307   5.377   1.00 19.52 ? 117 ILE A CG1 1 
ATOM   926  C CG2 . ILE A 1 117 ? -4.856  7.280   3.792   1.00 19.49 ? 117 ILE A CG2 1 
ATOM   927  C CD1 . ILE A 1 117 ? -3.798  4.969   5.695   1.00 22.86 ? 117 ILE A CD1 1 
ATOM   928  N N   . GLN A 1 118 ? -4.212  10.439  3.564   1.00 21.39 ? 118 GLN A N   1 
ATOM   929  C CA  . GLN A 1 118 ? -5.065  11.537  3.129   1.00 20.95 ? 118 GLN A CA  1 
ATOM   930  C C   . GLN A 1 118 ? -6.109  11.149  2.087   1.00 20.86 ? 118 GLN A C   1 
ATOM   931  O O   . GLN A 1 118 ? -7.156  11.793  1.986   1.00 19.82 ? 118 GLN A O   1 
ATOM   932  C CB  . GLN A 1 118 ? -4.187  12.672  2.617   1.00 21.06 ? 118 GLN A CB  1 
ATOM   933  C CG  . GLN A 1 118 ? -3.306  13.257  3.714   1.00 24.75 ? 118 GLN A CG  1 
ATOM   934  C CD  . GLN A 1 118 ? -2.215  14.145  3.179   1.00 24.91 ? 118 GLN A CD  1 
ATOM   935  O OE1 . GLN A 1 118 ? -1.314  13.682  2.480   1.00 24.01 ? 118 GLN A OE1 1 
ATOM   936  N NE2 . GLN A 1 118 ? -2.284  15.434  3.506   1.00 26.07 ? 118 GLN A NE2 1 
ATOM   937  N N   . VAL A 1 119 ? -5.817  10.109  1.311   1.00 18.88 ? 119 VAL A N   1 
ATOM   938  C CA  . VAL A 1 119 ? -6.738  9.623   0.290   1.00 19.54 ? 119 VAL A CA  1 
ATOM   939  C C   . VAL A 1 119 ? -6.731  8.097   0.332   1.00 19.12 ? 119 VAL A C   1 
ATOM   940  O O   . VAL A 1 119 ? -5.674  7.476   0.456   1.00 17.26 ? 119 VAL A O   1 
ATOM   941  C CB  . VAL A 1 119 ? -6.325  10.078  -1.138  1.00 21.46 ? 119 VAL A CB  1 
ATOM   942  C CG1 . VAL A 1 119 ? -7.185  9.370   -2.189  1.00 21.20 ? 119 VAL A CG1 1 
ATOM   943  C CG2 . VAL A 1 119 ? -6.490  11.580  -1.273  1.00 22.41 ? 119 VAL A CG2 1 
ATOM   944  N N   . GLU A 1 120 ? -7.911  7.497   0.242   1.00 18.38 ? 120 GLU A N   1 
ATOM   945  C CA  . GLU A 1 120 ? -8.006  6.045   0.262   1.00 20.24 ? 120 GLU A CA  1 
ATOM   946  C C   . GLU A 1 120 ? -8.578  5.562   -1.061  1.00 20.33 ? 120 GLU A C   1 
ATOM   947  O O   . GLU A 1 120 ? -9.592  6.075   -1.541  1.00 17.38 ? 120 GLU A O   1 
ATOM   948  C CB  . GLU A 1 120 ? -8.890  5.571   1.415   1.00 22.71 ? 120 GLU A CB  1 
ATOM   949  C CG  . GLU A 1 120 ? -8.963  4.053   1.508   1.00 31.29 ? 120 GLU A CG  1 
ATOM   950  C CD  . GLU A 1 120 ? -9.752  3.562   2.710   1.00 34.56 ? 120 GLU A CD  1 
ATOM   951  O OE1 . GLU A 1 120 ? -10.199 4.405   3.527   1.00 36.30 ? 120 GLU A OE1 1 
ATOM   952  O OE2 . GLU A 1 120 ? -9.916  2.328   2.834   1.00 35.34 ? 120 GLU A OE2 1 
ATOM   953  N N   . LEU A 1 121 ? -7.923  4.563   -1.640  1.00 18.51 ? 121 LEU A N   1 
ATOM   954  C CA  . LEU A 1 121 ? -8.349  4.028   -2.920  1.00 19.24 ? 121 LEU A CA  1 
ATOM   955  C C   . LEU A 1 121 ? -8.448  2.513   -2.900  1.00 20.55 ? 121 LEU A C   1 
ATOM   956  O O   . LEU A 1 121 ? -7.744  1.846   -2.135  1.00 20.52 ? 121 LEU A O   1 
ATOM   957  C CB  . LEU A 1 121 ? -7.334  4.404   -4.004  1.00 19.20 ? 121 LEU A CB  1 
ATOM   958  C CG  . LEU A 1 121 ? -6.957  5.873   -4.186  1.00 20.42 ? 121 LEU A CG  1 
ATOM   959  C CD1 . LEU A 1 121 ? -5.845  5.983   -5.222  1.00 23.05 ? 121 LEU A CD1 1 
ATOM   960  C CD2 . LEU A 1 121 ? -8.189  6.671   -4.617  1.00 18.69 ? 121 LEU A CD2 1 
ATOM   961  N N   . GLN A 1 122 ? -9.338  1.981   -3.728  1.00 19.07 ? 122 GLN A N   1 
ATOM   962  C CA  . GLN A 1 122 ? -9.443  0.542   -3.901  1.00 21.79 ? 122 GLN A CA  1 
ATOM   963  C C   . GLN A 1 122 ? -9.228  0.449   -5.404  1.00 21.42 ? 122 GLN A C   1 
ATOM   964  O O   . GLN A 1 122 ? -9.933  1.113   -6.172  1.00 22.09 ? 122 GLN A O   1 
ATOM   965  C CB  . GLN A 1 122 ? -10.820 0.001   -3.539  1.00 25.28 ? 122 GLN A CB  1 
ATOM   966  C CG  . GLN A 1 122 ? -10.862 -1.524  -3.604  1.00 31.83 ? 122 GLN A CG  1 
ATOM   967  C CD  . GLN A 1 122 ? -12.256 -2.088  -3.433  1.00 36.47 ? 122 GLN A CD  1 
ATOM   968  O OE1 . GLN A 1 122 ? -12.970 -1.747  -2.486  1.00 39.97 ? 122 GLN A OE1 1 
ATOM   969  N NE2 . GLN A 1 122 ? -12.652 -2.960  -4.350  1.00 37.41 ? 122 GLN A NE2 1 
ATOM   970  N N   . ALA A 1 123 ? -8.254  -0.354  -5.818  1.00 19.45 ? 123 ALA A N   1 
ATOM   971  C CA  . ALA A 1 123 ? -7.921  -0.484  -7.227  1.00 20.39 ? 123 ALA A CA  1 
ATOM   972  C C   . ALA A 1 123 ? -8.027  -1.893  -7.815  1.00 22.88 ? 123 ALA A C   1 
ATOM   973  O O   . ALA A 1 123 ? -7.771  -2.895  -7.144  1.00 20.22 ? 123 ALA A O   1 
ATOM   974  C CB  . ALA A 1 123 ? -6.520  0.057   -7.460  1.00 21.45 ? 123 ALA A CB  1 
ATOM   975  N N   . THR A 1 124 ? -8.415  -1.950  -9.085  1.00 23.57 ? 124 THR A N   1 
ATOM   976  C CA  . THR A 1 124 ? -8.521  -3.211  -9.805  1.00 26.82 ? 124 THR A CA  1 
ATOM   977  C C   . THR A 1 124 ? -8.220  -2.956  -11.282 1.00 28.60 ? 124 THR A C   1 
ATOM   978  O O   . THR A 1 124 ? -8.372  -1.835  -11.763 1.00 26.52 ? 124 THR A O   1 
ATOM   979  C CB  . THR A 1 124 ? -9.921  -3.844  -9.644  1.00 26.56 ? 124 THR A CB  1 
ATOM   980  O OG1 . THR A 1 124 ? -9.949  -5.110  -10.322 1.00 29.19 ? 124 THR A OG1 1 
ATOM   981  C CG2 . THR A 1 124 ? -10.993 -2.935  -10.216 1.00 27.74 ? 124 THR A CG2 1 
ATOM   982  N N   . ASP A 1 125 ? -7.783  -3.991  -11.995 1.00 31.25 ? 125 ASP A N   1 
ATOM   983  C CA  . ASP A 1 125 ? -7.440  -3.860  -13.407 1.00 35.63 ? 125 ASP A CA  1 
ATOM   984  C C   . ASP A 1 125 ? -8.456  -4.561  -14.307 1.00 39.74 ? 125 ASP A C   1 
ATOM   985  O O   . ASP A 1 125 ? -8.467  -5.788  -14.403 1.00 40.72 ? 125 ASP A O   1 
ATOM   986  C CB  . ASP A 1 125 ? -6.049  -4.451  -13.654 1.00 35.87 ? 125 ASP A CB  1 
ATOM   987  C CG  . ASP A 1 125 ? -5.550  -4.206  -15.064 1.00 37.96 ? 125 ASP A CG  1 
ATOM   988  O OD1 . ASP A 1 125 ? -6.377  -4.176  -15.996 1.00 36.74 ? 125 ASP A OD1 1 
ATOM   989  O OD2 . ASP A 1 125 ? -4.322  -4.057  -15.240 1.00 40.28 ? 125 ASP A OD2 1 
ATOM   990  N N   . PRO A 1 126 ? -9.324  -3.789  -14.981 1.00 43.43 ? 126 PRO A N   1 
ATOM   991  C CA  . PRO A 1 126 ? -10.336 -4.363  -15.874 1.00 45.98 ? 126 PRO A CA  1 
ATOM   992  C C   . PRO A 1 126 ? -9.779  -4.949  -17.178 1.00 48.63 ? 126 PRO A C   1 
ATOM   993  O O   . PRO A 1 126 ? -10.542 -5.265  -18.093 1.00 49.19 ? 126 PRO A O   1 
ATOM   994  C CB  . PRO A 1 126 ? -11.282 -3.191  -16.117 1.00 45.27 ? 126 PRO A CB  1 
ATOM   995  C CG  . PRO A 1 126 ? -10.357 -2.018  -16.087 1.00 44.85 ? 126 PRO A CG  1 
ATOM   996  C CD  . PRO A 1 126 ? -9.479  -2.325  -14.889 1.00 44.64 ? 126 PRO A CD  1 
ATOM   997  N N   . THR A 1 127 ? -8.457  -5.079  -17.271 1.00 50.66 ? 127 THR A N   1 
ATOM   998  C CA  . THR A 1 127 ? -7.840  -5.654  -18.465 1.00 52.77 ? 127 THR A CA  1 
ATOM   999  C C   . THR A 1 127 ? -7.297  -7.038  -18.114 1.00 55.15 ? 127 THR A C   1 
ATOM   1000 O O   . THR A 1 127 ? -6.428  -7.579  -18.806 1.00 55.50 ? 127 THR A O   1 
ATOM   1001 C CB  . THR A 1 127 ? -6.680  -4.773  -19.022 1.00 52.66 ? 127 THR A CB  1 
ATOM   1002 O OG1 . THR A 1 127 ? -5.542  -4.844  -18.152 1.00 50.92 ? 127 THR A OG1 1 
ATOM   1003 C CG2 . THR A 1 127 ? -7.128  -3.323  -19.155 1.00 51.74 ? 127 THR A CG2 1 
ATOM   1004 N N   . GLU A 1 128 ? -7.825  -7.599  -17.028 1.00 56.99 ? 128 GLU A N   1 
ATOM   1005 C CA  . GLU A 1 128 ? -7.433  -8.918  -16.547 1.00 59.51 ? 128 GLU A CA  1 
ATOM   1006 C C   . GLU A 1 128 ? -7.136  -9.887  -17.683 1.00 60.79 ? 128 GLU A C   1 
ATOM   1007 O O   . GLU A 1 128 ? -6.060  -10.518 -17.636 1.00 61.46 ? 128 GLU A O   1 
ATOM   1008 C CB  . GLU A 1 128 ? -8.532  -9.496  -15.649 1.00 60.70 ? 128 GLU A CB  1 
ATOM   1009 C CG  . GLU A 1 128 ? -8.295  -10.938 -15.214 1.00 64.08 ? 128 GLU A CG  1 
ATOM   1010 C CD  . GLU A 1 128 ? -8.748  -11.959 -16.250 1.00 65.51 ? 128 GLU A CD  1 
ATOM   1011 O OE1 . GLU A 1 128 ? -8.445  -13.160 -16.075 1.00 66.31 ? 128 GLU A OE1 1 
ATOM   1012 O OE2 . GLU A 1 128 ? -9.413  -11.565 -17.232 1.00 66.01 ? 128 GLU A OE2 1 
HETATM 1013 N N1  . LDA B 2 .   ? -0.934  -5.229  -13.363 1.00 44.41 ? 900 LDA A N1  1 
HETATM 1014 O O1  . LDA B 2 .   ? -0.022  -5.601  -12.653 1.00 45.67 ? 900 LDA A O1  1 
HETATM 1015 C CM1 . LDA B 2 .   ? -0.722  -5.703  -14.711 1.00 46.34 ? 900 LDA A CM1 1 
HETATM 1016 C CM2 . LDA B 2 .   ? -2.122  -6.012  -13.094 1.00 44.72 ? 900 LDA A CM2 1 
HETATM 1017 C C1  . LDA B 2 .   ? -1.206  -3.774  -13.352 1.00 43.45 ? 900 LDA A C1  1 
HETATM 1018 C C2  . LDA B 2 .   ? -1.382  -3.165  -11.937 1.00 38.17 ? 900 LDA A C2  1 
HETATM 1019 C C3  . LDA B 2 .   ? -2.325  -1.927  -12.012 1.00 37.85 ? 900 LDA A C3  1 
HETATM 1020 C C4  . LDA B 2 .   ? -1.829  -0.951  -10.949 1.00 37.61 ? 900 LDA A C4  1 
HETATM 1021 C C5  . LDA B 2 .   ? -2.993  -0.028  -10.594 1.00 36.95 ? 900 LDA A C5  1 
HETATM 1022 C C6  . LDA B 2 .   ? -2.496  0.950   -9.529  1.00 38.52 ? 900 LDA A C6  1 
HETATM 1023 C C7  . LDA B 2 .   ? -3.508  2.092   -9.443  1.00 39.14 ? 900 LDA A C7  1 
HETATM 1024 C C8  . LDA B 2 .   ? -3.010  3.068   -8.377  1.00 42.32 ? 900 LDA A C8  1 
HETATM 1025 C C9  . LDA B 2 .   ? -3.058  4.472   -8.982  1.00 44.35 ? 900 LDA A C9  1 
HETATM 1026 C C10 . LDA B 2 .   ? -2.880  5.534   -7.902  1.00 45.45 ? 900 LDA A C10 1 
HETATM 1027 C C11 . LDA B 2 .   ? -1.859  6.506   -8.466  1.00 46.06 ? 900 LDA A C11 1 
HETATM 1028 C C12 . LDA B 2 .   ? -0.972  7.007   -7.339  1.00 47.23 ? 900 LDA A C12 1 
HETATM 1029 O O   . HOH C 3 .   ? 10.995  -3.709  13.652  1.00 54.81 ? 201 HOH A O   1 
HETATM 1030 O O   . HOH C 3 .   ? 6.959   13.603  -1.948  1.00 31.22 ? 202 HOH A O   1 
HETATM 1031 O O   . HOH C 3 .   ? 8.373   23.487  -3.043  1.00 38.79 ? 203 HOH A O   1 
HETATM 1032 O O   . HOH C 3 .   ? 6.513   -11.683 -1.359  1.00 34.04 ? 204 HOH A O   1 
HETATM 1033 O O   . HOH C 3 .   ? 11.645  -2.883  -5.314  1.00 53.57 ? 205 HOH A O   1 
HETATM 1034 O O   . HOH C 3 .   ? -1.563  0.301   -15.381 1.00 27.93 ? 206 HOH A O   1 
HETATM 1035 O O   . HOH C 3 .   ? 4.001   -1.621  -14.991 1.00 39.65 ? 207 HOH A O   1 
HETATM 1036 O O   . HOH C 3 .   ? 13.093  4.643   -14.814 1.00 34.89 ? 208 HOH A O   1 
HETATM 1037 O O   . HOH C 3 .   ? -4.647  -12.496 -3.085  1.00 22.64 ? 209 HOH A O   1 
HETATM 1038 O O   . HOH C 3 .   ? -10.359 -4.315  9.774   1.00 26.35 ? 210 HOH A O   1 
HETATM 1039 O O   . HOH C 3 .   ? -9.172  0.992   0.644   1.00 52.47 ? 211 HOH A O   1 
HETATM 1040 O O   . HOH C 3 .   ? 8.076   -6.731  7.128   1.00 24.69 ? 212 HOH A O   1 
HETATM 1041 O O   . HOH C 3 .   ? 5.897   2.316   16.274  1.00 71.09 ? 213 HOH A O   1 
HETATM 1042 O O   . HOH C 3 .   ? 10.490  -5.532  6.617   1.00 36.22 ? 214 HOH A O   1 
HETATM 1043 O O   . HOH C 3 .   ? -1.524  -12.279 0.376   1.00 36.92 ? 215 HOH A O   1 
HETATM 1044 O O   . HOH C 3 .   ? 14.320  0.050   -4.656  1.00 54.51 ? 216 HOH A O   1 
HETATM 1045 O O   . HOH C 3 .   ? 14.775  7.575   -6.873  1.00 32.85 ? 217 HOH A O   1 
HETATM 1046 O O   . HOH C 3 .   ? 13.179  5.064   -11.319 1.00 44.20 ? 218 HOH A O   1 
HETATM 1047 O O   . HOH C 3 .   ? -6.509  -5.171  -0.894  1.00 20.28 ? 219 HOH A O   1 
HETATM 1048 O O   . HOH C 3 .   ? -5.243  5.743   9.629   1.00 37.94 ? 220 HOH A O   1 
HETATM 1049 O O   . HOH C 3 .   ? 15.843  17.310  9.998   1.00 44.08 ? 221 HOH A O   1 
HETATM 1050 O O   . HOH C 3 .   ? -8.973  -5.081  0.371   1.00 29.27 ? 222 HOH A O   1 
HETATM 1051 O O   . HOH C 3 .   ? -11.525 -3.647  7.146   1.00 29.38 ? 223 HOH A O   1 
HETATM 1052 O O   . HOH C 3 .   ? -7.564  -6.930  -12.231 1.00 28.65 ? 224 HOH A O   1 
HETATM 1053 O O   . HOH C 3 .   ? 4.038   -9.571  13.580  1.00 43.91 ? 225 HOH A O   1 
HETATM 1054 O O   . HOH C 3 .   ? 9.330   -2.020  -10.211 1.00 37.37 ? 226 HOH A O   1 
HETATM 1055 O O   . HOH C 3 .   ? 15.282  2.344   1.569   1.00 69.70 ? 227 HOH A O   1 
HETATM 1056 O O   . HOH C 3 .   ? 10.952  16.024  4.153   1.00 52.54 ? 228 HOH A O   1 
HETATM 1057 O O   . HOH C 3 .   ? -1.955  -12.541 15.400  1.00 35.00 ? 229 HOH A O   1 
HETATM 1058 O O   . HOH C 3 .   ? 2.086   -12.827 -10.646 1.00 71.53 ? 230 HOH A O   1 
HETATM 1059 O O   . HOH C 3 .   ? 14.509  6.193   4.953   1.00 40.63 ? 231 HOH A O   1 
HETATM 1060 O O   . HOH C 3 .   ? 7.860   10.097  -0.255  1.00 25.44 ? 232 HOH A O   1 
HETATM 1061 O O   . HOH C 3 .   ? 2.469   -16.946 -4.810  1.00 58.95 ? 233 HOH A O   1 
HETATM 1062 O O   . HOH C 3 .   ? -1.178  17.473  1.870   1.00 35.18 ? 234 HOH A O   1 
HETATM 1063 O O   . HOH C 3 .   ? -13.564 -6.499  9.322   1.00 56.95 ? 236 HOH A O   1 
HETATM 1064 O O   . HOH C 3 .   ? -0.115  4.075   15.039  1.00 65.04 ? 237 HOH A O   1 
HETATM 1065 O O   . HOH C 3 .   ? -4.979  -19.151 13.148  1.00 36.34 ? 238 HOH A O   1 
HETATM 1066 O O   . HOH C 3 .   ? 0.699   -13.293 13.990  1.00 23.81 ? 239 HOH A O   1 
HETATM 1067 O O   . HOH C 3 .   ? 10.861  -3.099  5.755   1.00 30.62 ? 242 HOH A O   1 
HETATM 1068 O O   . HOH C 3 .   ? 7.423   15.429  5.292   1.00 39.39 ? 243 HOH A O   1 
HETATM 1069 O O   . HOH C 3 .   ? 13.833  3.595   -0.342  1.00 44.36 ? 244 HOH A O   1 
HETATM 1070 O O   . HOH C 3 .   ? 13.721  0.691   3.277   1.00 62.26 ? 245 HOH A O   1 
HETATM 1071 O O   . HOH C 3 .   ? 8.606   9.734   -8.781  1.00 37.88 ? 246 HOH A O   1 
HETATM 1072 O O   . HOH C 3 .   ? 6.698   -7.231  14.551  1.00 45.20 ? 247 HOH A O   1 
HETATM 1073 O O   . HOH C 3 .   ? 5.365   -5.869  -4.614  1.00 33.53 ? 248 HOH A O   1 
HETATM 1074 O O   . HOH C 3 .   ? 2.696   -0.011  -16.741 1.00 49.56 ? 249 HOH A O   1 
HETATM 1075 O O   . HOH C 3 .   ? 2.794   -6.551  -11.614 1.00 41.01 ? 250 HOH A O   1 
HETATM 1076 O O   . HOH C 3 .   ? 2.005   -9.594  -12.218 1.00 42.46 ? 251 HOH A O   1 
HETATM 1077 O O   . HOH C 3 .   ? 6.148   16.109  -8.144  1.00 35.34 ? 252 HOH A O   1 
HETATM 1078 O O   . HOH C 3 .   ? -10.355 -7.038  -1.089  1.00 26.78 ? 254 HOH A O   1 
HETATM 1079 O O   . HOH C 3 .   ? -13.779 -12.995 -7.024  1.00 47.87 ? 255 HOH A O   1 
HETATM 1080 O O   . HOH C 3 .   ? -13.789 -13.079 -10.188 1.00 62.93 ? 256 HOH A O   1 
HETATM 1081 O O   . HOH C 3 .   ? -11.725 -18.504 -2.358  1.00 41.14 ? 257 HOH A O   1 
HETATM 1082 O O   . HOH C 3 .   ? -4.140  -16.272 2.026   1.00 38.30 ? 259 HOH A O   1 
HETATM 1083 O O   . HOH C 3 .   ? -4.580  -13.936 1.181   1.00 36.43 ? 260 HOH A O   1 
HETATM 1084 O O   . HOH C 3 .   ? -7.428  -10.379 -12.526 1.00 39.60 ? 261 HOH A O   1 
HETATM 1085 O O   . HOH C 3 .   ? -13.928 -1.243  10.985  1.00 62.51 ? 262 HOH A O   1 
HETATM 1086 O O   . HOH C 3 .   ? -4.705  6.622   12.574  1.00 53.65 ? 263 HOH A O   1 
HETATM 1087 O O   . HOH C 3 .   ? -0.524  13.063  6.334   1.00 33.03 ? 264 HOH A O   1 
HETATM 1088 O O   . HOH C 3 .   ? -4.654  8.158   8.649   1.00 36.24 ? 265 HOH A O   1 
HETATM 1089 O O   . HOH C 3 .   ? 1.659   14.301  5.265   1.00 79.16 ? 266 HOH A O   1 
HETATM 1090 O O   . HOH C 3 .   ? 1.252   14.652  2.484   1.00 36.95 ? 267 HOH A O   1 
HETATM 1091 O O   . HOH C 3 .   ? 0.160   -6.405  15.868  1.00 42.87 ? 268 HOH A O   1 
HETATM 1092 O O   . HOH C 3 .   ? 14.288  5.674   10.178  1.00 56.81 ? 269 HOH A O   1 
HETATM 1093 O O   . HOH C 3 .   ? 16.501  6.950   6.712   1.00 58.08 ? 270 HOH A O   1 
HETATM 1094 O O   . HOH C 3 .   ? 8.850   13.648  -6.927  1.00 31.81 ? 271 HOH A O   1 
HETATM 1095 O O   . HOH C 3 .   ? 12.088  -3.350  -1.201  1.00 35.10 ? 272 HOH A O   1 
HETATM 1096 O O   . HOH C 3 .   ? 1.487   -17.143 4.457   1.00 32.17 ? 274 HOH A O   1 
HETATM 1097 O O   . HOH C 3 .   ? 4.071   -17.727 4.277   1.00 37.74 ? 275 HOH A O   1 
HETATM 1098 O O   . HOH C 3 .   ? 10.034  -8.788  -0.642  1.00 42.54 ? 276 HOH A O   1 
HETATM 1099 O O   . HOH C 3 .   ? 9.681   11.082  -2.452  1.00 43.08 ? 277 HOH A O   1 
HETATM 1100 O O   . HOH C 3 .   ? 3.446   -10.580 -10.319 1.00 45.59 ? 278 HOH A O   1 
HETATM 1101 O O   . HOH C 3 .   ? 11.207  19.824  -4.674  1.00 65.91 ? 279 HOH A O   1 
HETATM 1102 O O   . HOH C 3 .   ? -1.242  26.724  -3.147  1.00 62.10 ? 280 HOH A O   1 
HETATM 1103 O O   . HOH C 3 .   ? 2.082   18.940  0.230   1.00 47.71 ? 283 HOH A O   1 
HETATM 1104 O O   . HOH C 3 .   ? -10.823 -3.166  0.287   1.00 30.95 ? 284 HOH A O   1 
HETATM 1105 O O   . HOH C 3 .   ? -8.739  2.349   10.161  1.00 35.91 ? 285 HOH A O   1 
HETATM 1106 O O   . HOH C 3 .   ? 0.089   13.450  9.892   1.00 48.30 ? 286 HOH A O   1 
HETATM 1107 O O   . HOH C 3 .   ? 15.290  3.947   3.824   1.00 39.27 ? 287 HOH A O   1 
HETATM 1108 O O   . HOH C 3 .   ? 5.031   -13.553 7.603   1.00 48.24 ? 289 HOH A O   1 
HETATM 1109 O O   . HOH C 3 .   ? 1.456   -19.044 12.556  1.00 43.78 ? 290 HOH A O   1 
HETATM 1110 O O   . HOH C 3 .   ? 3.383   -7.994  15.500  1.00 46.42 ? 291 HOH A O   1 
HETATM 1111 O O   . HOH C 3 .   ? 3.018   -13.759 -3.697  1.00 57.51 ? 292 HOH A O   1 
HETATM 1112 O O   . HOH C 3 .   ? 2.764   1.697   -19.010 1.00 62.67 ? 293 HOH A O   1 
HETATM 1113 O O   . HOH C 3 .   ? 8.503   -0.899  -14.964 1.00 43.34 ? 294 HOH A O   1 
HETATM 1114 O O   . HOH C 3 .   ? 7.235   -2.958  -16.260 1.00 46.92 ? 295 HOH A O   1 
HETATM 1115 O O   . HOH C 3 .   ? -1.819  -16.826 -7.620  1.00 44.17 ? 296 HOH A O   1 
HETATM 1116 O O   . HOH C 3 .   ? -14.490 -9.019  -0.837  1.00 35.99 ? 297 HOH A O   1 
HETATM 1117 O O   . HOH C 3 .   ? -11.293 0.887   12.266  1.00 45.95 ? 298 HOH A O   1 
# 
